data_5CFK
#
_entry.id   5CFK
#
_cell.length_a   132.440
_cell.length_b   150.209
_cell.length_c   169.772
_cell.angle_alpha   90.00
_cell.angle_beta   90.00
_cell.angle_gamma   90.00
#
_symmetry.space_group_name_H-M   'P 21 21 21'
#
loop_
_entity.id
_entity.type
_entity.pdbx_description
1 polymer 'Proliferating cell nuclear antigen,Proliferating cell nuclear antigen'
2 water water
#
_entity_poly.entity_id   1
_entity_poly.type   'polypeptide(L)'
_entity_poly.pdbx_seq_one_letter_code
;MLEAQVQFASLWKRLVECINGLVNEANFDCNPGGLSVQAMDSSHVALVHMLLRDDCFVKYQCGRNSILGLNLASLSKVLK
IVDSNDSLSLRHDDDSDVVTLTSENPEKTRKCEYQLKLLEIEAESMGIPEMDYRSTVTLNSAEFAKIVRDMQVFGDTVTI
AISKEGVKFSSSGDVGQGYTFLQAAGVSDRSTKGVEVTMEEPITLSFALRFMGIFAKGSTLSERVTLKFAKDSPCMVEYG
IDNVGYLRYYLAPKVDDAE
;
_entity_poly.pdbx_strand_id   A,B,C,D,E,F
#
# COMPACT_ATOMS: atom_id res chain seq x y z
N MET A 1 29.52 -32.40 -25.30
CA MET A 1 29.67 -31.18 -26.19
C MET A 1 28.37 -30.77 -26.86
N LEU A 2 28.10 -29.47 -26.85
CA LEU A 2 26.86 -28.89 -27.39
C LEU A 2 27.12 -27.46 -27.81
N GLU A 3 26.94 -27.17 -29.10
CA GLU A 3 26.92 -25.76 -29.49
C GLU A 3 25.61 -25.55 -30.19
N ALA A 4 24.96 -24.42 -29.90
CA ALA A 4 23.69 -24.04 -30.47
C ALA A 4 23.56 -22.53 -30.41
N GLN A 5 23.48 -21.97 -31.60
CA GLN A 5 23.61 -20.57 -31.73
C GLN A 5 22.45 -20.05 -32.50
N VAL A 6 21.67 -19.17 -31.89
CA VAL A 6 20.66 -18.54 -32.71
C VAL A 6 21.19 -17.21 -33.25
N GLN A 7 20.60 -16.78 -34.36
CA GLN A 7 20.99 -15.57 -35.03
C GLN A 7 20.68 -14.31 -34.21
N PHE A 8 19.40 -14.12 -33.90
CA PHE A 8 18.98 -12.99 -33.07
C PHE A 8 18.57 -13.50 -31.69
N ALA A 9 19.13 -12.93 -30.63
CA ALA A 9 18.93 -13.50 -29.26
C ALA A 9 17.57 -13.21 -28.72
N SER A 10 16.90 -12.27 -29.38
CA SER A 10 15.56 -11.90 -29.03
C SER A 10 14.76 -13.17 -28.79
N LEU A 11 14.86 -14.11 -29.73
CA LEU A 11 14.11 -15.32 -29.54
C LEU A 11 14.34 -15.95 -28.13
N TRP A 12 15.59 -16.06 -27.65
CA TRP A 12 15.82 -16.70 -26.32
C TRP A 12 15.20 -15.91 -25.25
N LYS A 13 15.42 -14.59 -25.33
CA LYS A 13 14.96 -13.68 -24.30
C LYS A 13 13.46 -13.89 -24.14
N ARG A 14 12.76 -13.88 -25.27
CA ARG A 14 11.31 -14.01 -25.27
C ARG A 14 10.77 -15.34 -24.77
N LEU A 15 11.50 -16.40 -25.03
CA LEU A 15 11.07 -17.72 -24.62
C LEU A 15 11.27 -17.94 -23.17
N VAL A 16 12.40 -17.52 -22.63
CA VAL A 16 12.64 -17.80 -21.23
C VAL A 16 11.63 -17.06 -20.36
N GLU A 17 11.25 -15.86 -20.78
CA GLU A 17 10.04 -15.18 -20.26
C GLU A 17 8.83 -16.10 -20.23
N CYS A 18 8.36 -16.52 -21.39
CA CYS A 18 7.24 -17.46 -21.40
C CYS A 18 7.37 -18.53 -20.35
N ILE A 19 8.45 -19.29 -20.39
CA ILE A 19 8.48 -20.42 -19.50
C ILE A 19 8.86 -20.11 -18.02
N ASN A 20 9.60 -19.04 -17.78
CA ASN A 20 9.98 -18.69 -16.41
C ASN A 20 8.73 -18.30 -15.64
N GLY A 21 7.68 -17.99 -16.35
CA GLY A 21 6.43 -17.81 -15.70
C GLY A 21 5.92 -19.05 -14.98
N LEU A 22 6.15 -20.26 -15.49
CA LEU A 22 5.61 -21.47 -14.86
C LEU A 22 6.50 -22.18 -13.83
N VAL A 23 7.82 -22.12 -14.01
CA VAL A 23 8.73 -22.94 -13.21
C VAL A 23 10.04 -22.19 -13.20
N ASN A 24 10.89 -22.42 -12.22
CA ASN A 24 12.05 -21.56 -12.16
C ASN A 24 13.37 -22.32 -12.37
N GLU A 25 13.23 -23.61 -12.61
CA GLU A 25 14.27 -24.44 -13.16
C GLU A 25 13.67 -25.37 -14.15
N ALA A 26 14.39 -25.67 -15.22
CA ALA A 26 13.87 -26.69 -16.11
C ALA A 26 15.04 -27.51 -16.59
N ASN A 27 14.75 -28.74 -17.00
CA ASN A 27 15.75 -29.53 -17.73
C ASN A 27 15.63 -29.26 -19.20
N PHE A 28 16.73 -28.89 -19.85
CA PHE A 28 16.82 -28.81 -21.28
C PHE A 28 17.39 -30.16 -21.82
N ASP A 29 16.56 -30.99 -22.46
CA ASP A 29 17.00 -32.11 -23.30
C ASP A 29 17.65 -31.59 -24.54
N CYS A 30 18.96 -31.79 -24.67
CA CYS A 30 19.58 -31.48 -25.95
C CYS A 30 19.97 -32.74 -26.67
N ASN A 31 19.49 -32.85 -27.89
CA ASN A 31 19.71 -34.01 -28.72
C ASN A 31 19.86 -33.57 -30.18
N PRO A 32 20.13 -34.48 -31.11
CA PRO A 32 20.42 -33.92 -32.43
C PRO A 32 19.17 -33.36 -33.12
N GLY A 33 17.98 -33.73 -32.59
CA GLY A 33 16.67 -33.22 -33.03
C GLY A 33 16.41 -31.74 -32.76
N GLY A 34 17.04 -31.28 -31.66
CA GLY A 34 17.08 -29.89 -31.18
C GLY A 34 16.89 -29.86 -29.67
N LEU A 35 16.80 -28.65 -29.09
CA LEU A 35 16.46 -28.43 -27.65
C LEU A 35 14.98 -28.58 -27.34
N SER A 36 14.70 -29.23 -26.20
CA SER A 36 13.32 -29.42 -25.81
C SER A 36 13.27 -29.26 -24.31
N VAL A 37 12.25 -28.57 -23.79
CA VAL A 37 11.98 -28.39 -22.36
C VAL A 37 10.60 -28.92 -22.03
N GLN A 38 10.48 -29.64 -20.93
CA GLN A 38 9.18 -30.18 -20.58
C GLN A 38 9.09 -30.15 -19.08
N ALA A 39 8.13 -29.36 -18.64
CA ALA A 39 8.07 -28.98 -17.27
C ALA A 39 6.64 -28.96 -16.75
N MET A 40 6.52 -29.20 -15.45
CA MET A 40 5.24 -29.09 -14.80
C MET A 40 5.33 -28.20 -13.57
N ASP A 41 4.31 -27.34 -13.38
CA ASP A 41 4.27 -26.41 -12.24
C ASP A 41 4.06 -27.13 -10.89
N SER A 42 4.37 -26.48 -9.77
CA SER A 42 4.44 -27.23 -8.50
C SER A 42 3.12 -27.93 -8.10
N SER A 43 2.00 -27.48 -8.65
CA SER A 43 0.71 -27.97 -8.23
C SER A 43 0.23 -29.01 -9.21
N HIS A 44 1.15 -29.43 -10.07
CA HIS A 44 0.81 -30.38 -11.11
C HIS A 44 -0.44 -30.10 -11.89
N VAL A 45 -0.71 -28.84 -12.23
CA VAL A 45 -1.90 -28.51 -13.04
C VAL A 45 -1.58 -28.04 -14.45
N ALA A 46 -0.35 -27.59 -14.62
CA ALA A 46 0.03 -27.04 -15.89
C ALA A 46 1.38 -27.58 -16.30
N LEU A 47 1.43 -27.92 -17.57
CA LEU A 47 2.56 -28.49 -18.20
C LEU A 47 2.98 -27.59 -19.33
N VAL A 48 4.29 -27.36 -19.38
CA VAL A 48 4.94 -26.78 -20.57
C VAL A 48 5.68 -27.83 -21.38
N HIS A 49 5.65 -27.65 -22.69
CA HIS A 49 6.43 -28.44 -23.59
C HIS A 49 6.87 -27.53 -24.66
N MET A 50 8.17 -27.29 -24.72
CA MET A 50 8.73 -26.45 -25.78
C MET A 50 9.78 -27.23 -26.49
N LEU A 51 9.88 -27.00 -27.80
CA LEU A 51 10.84 -27.63 -28.64
C LEU A 51 11.34 -26.55 -29.61
N LEU A 52 12.63 -26.33 -29.61
CA LEU A 52 13.28 -25.60 -30.65
C LEU A 52 13.93 -26.62 -31.58
N ARG A 53 13.48 -26.72 -32.82
CA ARG A 53 14.13 -27.70 -33.67
C ARG A 53 15.51 -27.29 -34.08
N ASP A 54 16.32 -28.28 -34.43
CA ASP A 54 17.73 -28.04 -34.83
C ASP A 54 17.91 -26.88 -35.82
N ASP A 55 17.00 -26.73 -36.76
CA ASP A 55 17.17 -25.70 -37.80
C ASP A 55 16.70 -24.35 -37.36
N CYS A 56 16.31 -24.24 -36.11
CA CYS A 56 15.94 -22.95 -35.60
C CYS A 56 17.22 -22.14 -35.42
N PHE A 57 18.30 -22.86 -35.16
CA PHE A 57 19.63 -22.28 -34.95
C PHE A 57 20.41 -22.08 -36.22
N VAL A 58 21.18 -20.99 -36.32
CA VAL A 58 22.10 -20.84 -37.45
C VAL A 58 23.10 -21.96 -37.43
N LYS A 59 23.34 -22.59 -36.28
CA LYS A 59 24.21 -23.77 -36.25
C LYS A 59 24.02 -24.53 -35.01
N TYR A 60 24.03 -25.85 -35.16
CA TYR A 60 23.66 -26.72 -34.08
C TYR A 60 24.41 -28.03 -34.12
N GLN A 61 25.03 -28.36 -33.01
CA GLN A 61 25.95 -29.48 -32.87
C GLN A 61 25.62 -30.32 -31.60
N CYS A 62 24.92 -31.41 -31.77
CA CYS A 62 24.67 -32.19 -30.58
C CYS A 62 24.84 -33.70 -30.77
N GLY A 63 26.07 -34.19 -30.62
CA GLY A 63 26.35 -35.59 -30.88
C GLY A 63 25.34 -36.45 -30.13
N ARG A 64 25.34 -36.30 -28.80
CA ARG A 64 24.68 -37.26 -27.89
C ARG A 64 23.59 -36.59 -27.07
N ASN A 65 22.62 -37.37 -26.57
CA ASN A 65 21.53 -36.81 -25.76
C ASN A 65 22.02 -36.44 -24.37
N SER A 66 22.47 -35.21 -24.17
CA SER A 66 22.72 -34.75 -22.80
C SER A 66 21.53 -33.90 -22.26
N ILE A 67 21.34 -33.97 -20.93
CA ILE A 67 20.36 -33.14 -20.21
C ILE A 67 20.92 -32.00 -19.29
N LEU A 68 20.66 -30.73 -19.59
CA LEU A 68 21.12 -29.65 -18.72
C LEU A 68 20.04 -29.01 -17.82
N GLY A 69 20.22 -29.06 -16.50
CA GLY A 69 19.37 -28.32 -15.55
C GLY A 69 19.74 -26.85 -15.39
N LEU A 70 18.79 -25.96 -15.56
CA LEU A 70 19.14 -24.59 -15.59
C LEU A 70 18.15 -23.82 -14.76
N ASN A 71 18.69 -22.86 -14.05
CA ASN A 71 17.89 -22.05 -13.21
C ASN A 71 17.33 -20.94 -14.07
N LEU A 72 16.03 -21.02 -14.36
CA LEU A 72 15.41 -20.05 -15.28
C LEU A 72 15.42 -18.65 -14.71
N ALA A 73 15.34 -18.52 -13.39
CA ALA A 73 15.51 -17.21 -12.79
C ALA A 73 16.79 -16.49 -13.28
N SER A 74 17.95 -17.05 -12.91
CA SER A 74 19.27 -16.60 -13.33
C SER A 74 19.36 -16.43 -14.81
N LEU A 75 19.06 -17.49 -15.57
CA LEU A 75 18.99 -17.36 -17.05
C LEU A 75 18.26 -16.11 -17.52
N SER A 76 17.10 -15.89 -16.92
CA SER A 76 16.27 -14.81 -17.33
C SER A 76 17.00 -13.51 -17.06
N LYS A 77 17.62 -13.41 -15.88
CA LYS A 77 18.39 -12.23 -15.50
C LYS A 77 19.52 -11.92 -16.48
N VAL A 78 20.21 -12.96 -16.92
CA VAL A 78 21.28 -12.80 -17.87
C VAL A 78 20.72 -12.48 -19.25
N LEU A 79 19.65 -13.12 -19.64
CA LEU A 79 19.08 -12.74 -20.93
C LEU A 79 18.55 -11.30 -20.97
N LYS A 80 18.28 -10.72 -19.79
CA LYS A 80 17.67 -9.38 -19.76
C LYS A 80 18.68 -8.40 -20.24
N ILE A 81 19.94 -8.73 -20.02
CA ILE A 81 20.99 -7.83 -20.46
C ILE A 81 21.45 -8.05 -21.89
N VAL A 82 21.29 -9.26 -22.45
CA VAL A 82 21.71 -9.55 -23.84
C VAL A 82 20.86 -8.75 -24.83
N ASP A 83 21.47 -8.18 -25.87
CA ASP A 83 20.71 -7.36 -26.77
C ASP A 83 19.83 -8.22 -27.65
N SER A 84 18.66 -7.71 -27.99
CA SER A 84 17.77 -8.35 -28.99
C SER A 84 18.46 -8.80 -30.29
N ASN A 85 19.26 -7.93 -30.92
CA ASN A 85 19.82 -8.19 -32.25
C ASN A 85 21.16 -8.85 -32.30
N ASP A 86 21.79 -8.99 -31.14
CA ASP A 86 22.98 -9.80 -31.07
C ASP A 86 22.67 -11.30 -31.29
N SER A 87 23.68 -12.06 -31.74
CA SER A 87 23.62 -13.50 -31.78
C SER A 87 23.87 -14.10 -30.39
N LEU A 88 23.35 -15.31 -30.14
CA LEU A 88 23.62 -16.01 -28.88
C LEU A 88 23.95 -17.50 -29.06
N SER A 89 25.17 -17.89 -28.63
CA SER A 89 25.63 -19.30 -28.65
C SER A 89 25.51 -19.91 -27.28
N LEU A 90 24.80 -21.03 -27.21
CA LEU A 90 24.71 -21.75 -25.96
C LEU A 90 25.72 -22.88 -26.12
N ARG A 91 26.69 -23.02 -25.22
CA ARG A 91 27.69 -24.08 -25.35
C ARG A 91 27.91 -24.77 -24.04
N HIS A 92 28.18 -26.07 -24.10
CA HIS A 92 28.55 -26.82 -22.91
C HIS A 92 29.55 -27.84 -23.32
N ASP A 93 30.63 -27.95 -22.54
CA ASP A 93 31.74 -28.89 -22.82
C ASP A 93 31.58 -30.15 -22.00
N ASP A 94 32.20 -31.22 -22.47
CA ASP A 94 32.38 -32.46 -21.72
C ASP A 94 32.67 -32.23 -20.21
N ASP A 95 31.76 -32.66 -19.33
CA ASP A 95 31.91 -32.52 -17.86
C ASP A 95 32.28 -31.11 -17.39
N SER A 96 31.52 -30.13 -17.86
CA SER A 96 31.92 -28.75 -17.67
C SER A 96 31.25 -28.14 -16.49
N ASP A 97 30.22 -28.80 -15.95
CA ASP A 97 29.56 -28.28 -14.72
C ASP A 97 28.93 -26.88 -14.89
N VAL A 98 29.08 -26.29 -16.08
CA VAL A 98 28.60 -24.97 -16.37
C VAL A 98 28.21 -24.92 -17.83
N VAL A 99 27.31 -24.02 -18.16
CA VAL A 99 26.93 -23.78 -19.53
C VAL A 99 27.33 -22.33 -19.84
N THR A 100 27.64 -22.04 -21.09
CA THR A 100 28.15 -20.69 -21.44
C THR A 100 27.41 -20.06 -22.59
N LEU A 101 26.86 -18.89 -22.30
CA LEU A 101 26.23 -18.09 -23.31
C LEU A 101 27.20 -17.03 -23.80
N THR A 102 27.43 -17.02 -25.12
CA THR A 102 28.31 -16.06 -25.80
C THR A 102 27.52 -15.31 -26.84
N SER A 103 27.68 -14.00 -26.82
CA SER A 103 26.91 -13.16 -27.69
C SER A 103 27.83 -12.19 -28.40
N GLU A 104 27.59 -12.05 -29.70
CA GLU A 104 28.37 -11.12 -30.51
C GLU A 104 27.50 -10.14 -31.23
N ASN A 105 28.00 -8.93 -31.25
CA ASN A 105 27.65 -7.87 -32.16
C ASN A 105 27.51 -8.33 -33.60
N PRO A 106 26.57 -7.73 -34.34
CA PRO A 106 26.55 -8.06 -35.77
C PRO A 106 27.90 -7.73 -36.44
N GLU A 107 28.50 -6.59 -36.07
CA GLU A 107 29.78 -6.16 -36.62
C GLU A 107 30.99 -6.74 -35.91
N LYS A 108 30.79 -7.77 -35.11
CA LYS A 108 31.90 -8.34 -34.38
C LYS A 108 32.80 -7.38 -33.57
N THR A 109 32.29 -6.22 -33.21
CA THR A 109 33.07 -5.34 -32.32
C THR A 109 32.93 -5.61 -30.80
N ARG A 110 31.80 -6.20 -30.38
CA ARG A 110 31.54 -6.49 -28.97
C ARG A 110 31.31 -7.99 -28.74
N LYS A 111 31.80 -8.51 -27.62
CA LYS A 111 31.64 -9.93 -27.34
C LYS A 111 31.39 -10.16 -25.85
N CYS A 112 30.21 -10.71 -25.57
CA CYS A 112 29.74 -10.94 -24.21
C CYS A 112 29.73 -12.42 -23.96
N GLU A 113 30.16 -12.79 -22.77
CA GLU A 113 30.11 -14.16 -22.39
C GLU A 113 29.80 -14.31 -20.93
N TYR A 114 28.81 -15.16 -20.72
CA TYR A 114 28.17 -15.36 -19.48
C TYR A 114 28.22 -16.85 -19.20
N GLN A 115 28.51 -17.21 -17.95
CA GLN A 115 28.52 -18.61 -17.55
C GLN A 115 27.52 -18.90 -16.46
N LEU A 116 26.71 -19.93 -16.63
CA LEU A 116 25.72 -20.27 -15.62
C LEU A 116 26.06 -21.61 -15.00
N LYS A 117 26.07 -21.70 -13.65
CA LYS A 117 26.24 -23.03 -13.01
C LYS A 117 24.99 -23.82 -13.32
N LEU A 118 25.07 -25.14 -13.33
CA LEU A 118 23.87 -25.81 -13.74
C LEU A 118 23.44 -26.81 -12.75
N LEU A 119 22.13 -26.87 -12.50
CA LEU A 119 21.61 -27.70 -11.44
C LEU A 119 21.27 -29.10 -11.90
N GLU A 120 21.07 -29.95 -10.89
CA GLU A 120 20.52 -31.27 -11.19
C GLU A 120 19.06 -31.26 -10.80
N ILE A 121 18.16 -31.58 -11.71
CA ILE A 121 16.75 -31.38 -11.45
C ILE A 121 16.00 -32.69 -11.39
N GLU A 122 15.15 -32.83 -10.38
CA GLU A 122 14.40 -34.07 -10.25
C GLU A 122 13.58 -34.21 -11.52
N ALA A 123 13.65 -35.39 -12.10
CA ALA A 123 13.03 -35.68 -13.42
C ALA A 123 11.56 -35.29 -13.61
N GLU A 124 11.33 -34.46 -14.64
CA GLU A 124 10.03 -33.79 -14.84
C GLU A 124 8.96 -34.80 -15.34
N SER A 125 8.77 -35.84 -14.52
CA SER A 125 7.51 -36.49 -14.04
C SER A 125 6.39 -36.85 -15.08
N MET A 126 5.13 -36.47 -14.82
CA MET A 126 3.96 -36.82 -15.70
C MET A 126 4.22 -36.35 -17.14
N GLY A 127 3.57 -37.06 -18.06
CA GLY A 127 3.79 -36.89 -19.48
C GLY A 127 2.65 -36.23 -20.20
N ILE A 128 2.92 -35.93 -21.47
CA ILE A 128 2.05 -35.13 -22.30
C ILE A 128 0.68 -35.77 -22.49
N PRO A 129 -0.40 -35.01 -22.20
CA PRO A 129 -1.74 -35.50 -22.52
C PRO A 129 -2.10 -35.33 -23.98
N GLU A 130 -3.23 -35.90 -24.34
CA GLU A 130 -3.73 -35.92 -25.69
C GLU A 130 -5.09 -36.63 -25.64
N MET A 131 -5.76 -36.72 -26.76
CA MET A 131 -5.27 -36.08 -27.96
C MET A 131 -6.57 -35.60 -28.53
N ASP A 132 -7.56 -36.54 -28.65
CA ASP A 132 -8.75 -36.24 -29.49
C ASP A 132 -9.25 -34.87 -29.00
N TYR A 133 -9.29 -33.89 -29.93
CA TYR A 133 -9.93 -32.65 -29.50
C TYR A 133 -11.29 -32.38 -30.19
N ARG A 134 -12.38 -32.40 -29.42
CA ARG A 134 -13.69 -31.99 -29.96
C ARG A 134 -13.57 -30.64 -30.73
N SER A 135 -12.86 -29.66 -30.15
CA SER A 135 -12.91 -28.29 -30.67
C SER A 135 -11.55 -27.64 -30.75
N THR A 136 -11.48 -26.59 -31.55
CA THR A 136 -10.24 -25.90 -31.87
C THR A 136 -10.50 -24.47 -32.30
N VAL A 137 -10.38 -23.55 -31.34
CA VAL A 137 -10.32 -22.12 -31.69
C VAL A 137 -8.90 -21.50 -31.83
N THR A 138 -8.79 -20.60 -32.81
CA THR A 138 -7.52 -19.99 -33.23
C THR A 138 -7.70 -18.52 -33.47
N LEU A 139 -7.27 -17.73 -32.50
CA LEU A 139 -7.42 -16.31 -32.56
C LEU A 139 -6.09 -15.63 -32.40
N ASN A 140 -6.11 -14.33 -32.51
CA ASN A 140 -4.97 -13.51 -32.33
C ASN A 140 -4.29 -13.61 -30.94
N SER A 141 -3.01 -13.96 -30.93
CA SER A 141 -2.28 -14.13 -29.66
C SER A 141 -2.38 -12.92 -28.72
N ALA A 142 -2.33 -11.73 -29.32
CA ALA A 142 -2.27 -10.52 -28.51
C ALA A 142 -3.66 -10.16 -27.99
N GLU A 143 -4.67 -10.42 -28.82
CA GLU A 143 -6.05 -10.34 -28.39
C GLU A 143 -6.29 -11.25 -27.17
N PHE A 144 -5.91 -12.50 -27.32
CA PHE A 144 -6.11 -13.47 -26.28
C PHE A 144 -5.42 -13.02 -24.99
N ALA A 145 -4.20 -12.49 -25.08
CA ALA A 145 -3.54 -12.01 -23.88
C ALA A 145 -4.37 -10.96 -23.15
N LYS A 146 -4.89 -9.97 -23.88
CA LYS A 146 -5.77 -8.91 -23.35
C LYS A 146 -6.98 -9.58 -22.68
N ILE A 147 -7.72 -10.40 -23.42
CA ILE A 147 -8.87 -11.09 -22.83
C ILE A 147 -8.58 -11.72 -21.47
N VAL A 148 -7.45 -12.40 -21.29
CA VAL A 148 -7.18 -12.99 -19.97
C VAL A 148 -6.68 -12.03 -18.91
N ARG A 149 -6.11 -10.91 -19.32
CA ARG A 149 -5.66 -9.88 -18.39
C ARG A 149 -6.89 -9.08 -17.94
N ASP A 150 -7.87 -9.05 -18.86
CA ASP A 150 -9.14 -8.38 -18.66
C ASP A 150 -9.96 -9.15 -17.66
N MET A 151 -10.26 -10.42 -17.97
CA MET A 151 -11.01 -11.31 -17.05
C MET A 151 -10.45 -11.32 -15.63
N GLN A 152 -9.15 -11.14 -15.51
CA GLN A 152 -8.50 -11.16 -14.21
C GLN A 152 -9.03 -10.08 -13.28
N VAL A 153 -9.62 -8.99 -13.79
CA VAL A 153 -10.16 -7.92 -12.91
C VAL A 153 -11.40 -8.39 -12.13
N PHE A 154 -12.07 -9.39 -12.67
CA PHE A 154 -13.26 -9.86 -12.04
C PHE A 154 -13.02 -10.81 -10.91
N GLY A 155 -12.39 -11.93 -11.26
CA GLY A 155 -12.11 -13.05 -10.37
C GLY A 155 -11.00 -13.81 -11.01
N ASP A 156 -10.75 -15.03 -10.58
CA ASP A 156 -9.61 -15.74 -11.13
C ASP A 156 -9.94 -17.08 -11.70
N THR A 157 -11.13 -17.18 -12.27
CA THR A 157 -11.46 -18.32 -13.08
C THR A 157 -12.23 -17.88 -14.27
N VAL A 158 -11.79 -18.37 -15.41
CA VAL A 158 -12.39 -17.99 -16.68
C VAL A 158 -13.12 -19.15 -17.26
N THR A 159 -14.39 -18.95 -17.59
CA THR A 159 -15.15 -19.96 -18.30
C THR A 159 -15.08 -19.72 -19.78
N ILE A 160 -14.80 -20.77 -20.55
CA ILE A 160 -14.66 -20.61 -21.98
C ILE A 160 -15.75 -21.41 -22.67
N ALA A 161 -16.74 -20.68 -23.17
CA ALA A 161 -17.88 -21.31 -23.81
C ALA A 161 -17.75 -21.33 -25.35
N ILE A 162 -17.83 -22.53 -25.94
CA ILE A 162 -17.65 -22.65 -27.39
C ILE A 162 -18.91 -23.05 -28.15
N SER A 163 -19.29 -22.14 -29.05
CA SER A 163 -20.49 -22.19 -29.85
C SER A 163 -20.04 -22.21 -31.31
N LYS A 164 -20.95 -22.44 -32.26
CA LYS A 164 -20.58 -22.11 -33.63
C LYS A 164 -20.70 -20.59 -33.75
N GLU A 165 -19.78 -20.03 -34.55
CA GLU A 165 -19.61 -18.59 -34.68
C GLU A 165 -19.22 -17.87 -33.38
N GLY A 166 -19.13 -18.60 -32.26
CA GLY A 166 -18.78 -17.98 -30.99
C GLY A 166 -17.85 -18.67 -30.00
N VAL A 167 -17.13 -17.84 -29.25
CA VAL A 167 -16.36 -18.28 -28.09
C VAL A 167 -16.42 -17.17 -27.03
N LYS A 168 -16.94 -17.52 -25.87
CA LYS A 168 -17.28 -16.57 -24.81
C LYS A 168 -16.30 -16.75 -23.65
N PHE A 169 -15.68 -15.65 -23.24
CA PHE A 169 -14.82 -15.68 -22.06
C PHE A 169 -15.40 -14.92 -20.89
N SER A 170 -15.87 -15.64 -19.88
CA SER A 170 -16.66 -15.10 -18.75
C SER A 170 -15.99 -15.19 -17.38
N SER A 171 -16.13 -14.14 -16.58
CA SER A 171 -15.72 -14.16 -15.17
C SER A 171 -16.80 -13.64 -14.23
N SER A 172 -16.44 -13.47 -12.95
CA SER A 172 -17.33 -13.19 -11.81
C SER A 172 -16.47 -12.79 -10.70
N GLY A 173 -17.04 -12.30 -9.62
CA GLY A 173 -16.17 -11.79 -8.56
C GLY A 173 -16.64 -10.54 -7.89
N ASP A 174 -15.84 -10.08 -6.94
CA ASP A 174 -16.17 -8.93 -6.10
C ASP A 174 -16.30 -7.62 -6.83
N VAL A 175 -15.60 -7.47 -7.94
CA VAL A 175 -15.79 -6.27 -8.72
C VAL A 175 -17.05 -6.44 -9.60
N GLY A 176 -17.40 -7.67 -9.97
CA GLY A 176 -18.60 -7.86 -10.73
C GLY A 176 -18.59 -9.04 -11.66
N GLN A 177 -18.81 -8.81 -12.96
CA GLN A 177 -18.96 -9.91 -13.91
C GLN A 177 -18.82 -9.50 -15.33
N GLY A 178 -17.70 -9.88 -15.96
CA GLY A 178 -17.53 -9.62 -17.37
C GLY A 178 -17.69 -10.80 -18.33
N TYR A 179 -17.78 -10.47 -19.61
CA TYR A 179 -17.57 -11.45 -20.64
C TYR A 179 -17.12 -10.79 -21.93
N THR A 180 -16.23 -11.45 -22.65
CA THR A 180 -15.75 -10.94 -23.92
C THR A 180 -16.13 -12.00 -24.91
N PHE A 181 -16.63 -11.59 -26.06
CA PHE A 181 -17.17 -12.53 -27.04
C PHE A 181 -16.67 -12.22 -28.42
N LEU A 182 -16.26 -13.31 -29.08
CA LEU A 182 -15.60 -13.25 -30.36
C LEU A 182 -16.31 -14.14 -31.36
N GLN A 183 -16.72 -13.58 -32.50
CA GLN A 183 -17.47 -14.38 -33.50
C GLN A 183 -16.63 -14.88 -34.71
N ALA A 184 -17.16 -15.82 -35.52
CA ALA A 184 -16.30 -16.56 -36.47
C ALA A 184 -16.77 -17.04 -37.88
N ALA A 185 -17.66 -16.31 -38.58
CA ALA A 185 -18.10 -16.71 -39.97
C ALA A 185 -17.20 -16.15 -41.07
N GLY A 186 -17.54 -16.41 -42.35
CA GLY A 186 -16.72 -15.99 -43.52
C GLY A 186 -15.30 -16.57 -43.46
N VAL A 187 -14.40 -16.27 -44.41
CA VAL A 187 -14.59 -15.68 -45.74
C VAL A 187 -13.45 -16.31 -46.57
N SER A 188 -13.75 -17.34 -47.37
CA SER A 188 -12.69 -18.12 -48.08
C SER A 188 -12.65 -17.96 -49.62
N ASP A 189 -11.47 -17.68 -50.22
CA ASP A 189 -10.17 -17.61 -49.51
C ASP A 189 -9.57 -16.19 -49.32
N ARG A 190 -9.90 -15.55 -48.19
CA ARG A 190 -9.41 -14.22 -47.82
C ARG A 190 -7.98 -14.29 -47.24
N GLY A 194 -9.29 -13.07 -38.46
CA GLY A 194 -10.28 -13.03 -37.39
C GLY A 194 -10.10 -14.10 -36.30
N VAL A 195 -11.09 -14.99 -36.19
CA VAL A 195 -11.17 -16.05 -35.17
C VAL A 195 -11.78 -17.27 -35.78
N GLU A 196 -10.97 -18.28 -36.11
CA GLU A 196 -11.53 -19.55 -36.60
C GLU A 196 -11.97 -20.44 -35.46
N VAL A 197 -12.98 -21.27 -35.71
CA VAL A 197 -13.53 -22.23 -34.74
C VAL A 197 -13.74 -23.60 -35.44
N THR A 198 -14.07 -24.67 -34.69
CA THR A 198 -14.29 -26.05 -35.27
C THR A 198 -15.41 -27.00 -34.76
N MET A 199 -16.24 -27.45 -35.69
CA MET A 199 -17.50 -28.08 -35.30
C MET A 199 -17.40 -29.58 -35.07
N GLU A 200 -17.32 -29.96 -33.81
CA GLU A 200 -17.59 -31.30 -33.37
C GLU A 200 -18.76 -31.24 -32.40
N GLU A 201 -18.63 -30.36 -31.42
CA GLU A 201 -19.69 -30.13 -30.44
C GLU A 201 -19.56 -28.78 -29.74
N PRO A 202 -20.65 -28.33 -29.14
CA PRO A 202 -20.65 -27.26 -28.18
C PRO A 202 -19.95 -27.82 -26.93
N ILE A 203 -18.95 -27.08 -26.46
CA ILE A 203 -18.14 -27.47 -25.31
C ILE A 203 -17.82 -26.27 -24.43
N THR A 204 -17.82 -26.51 -23.13
CA THR A 204 -17.61 -25.44 -22.16
C THR A 204 -16.87 -25.89 -20.91
N LEU A 205 -15.66 -25.37 -20.76
CA LEU A 205 -14.76 -25.67 -19.65
C LEU A 205 -14.34 -24.40 -18.91
N SER A 206 -13.73 -24.54 -17.74
CA SER A 206 -13.12 -23.35 -17.12
C SER A 206 -11.79 -23.61 -16.42
N PHE A 207 -11.04 -22.54 -16.20
CA PHE A 207 -9.62 -22.62 -16.00
C PHE A 207 -9.08 -21.56 -15.11
N ALA A 208 -8.03 -21.86 -14.36
CA ALA A 208 -7.39 -20.88 -13.54
C ALA A 208 -6.90 -19.70 -14.40
N LEU A 209 -7.12 -18.46 -13.97
CA LEU A 209 -6.62 -17.36 -14.80
C LEU A 209 -5.18 -17.25 -14.52
N ARG A 210 -4.79 -17.58 -13.29
CA ARG A 210 -3.36 -17.51 -12.91
C ARG A 210 -2.53 -17.99 -14.05
N PHE A 211 -2.96 -19.10 -14.65
CA PHE A 211 -2.12 -19.86 -15.57
C PHE A 211 -2.27 -19.48 -17.01
N MET A 212 -3.50 -19.30 -17.49
CA MET A 212 -3.71 -18.72 -18.81
C MET A 212 -2.87 -17.44 -18.97
N GLY A 213 -2.78 -16.66 -17.88
CA GLY A 213 -1.92 -15.52 -17.84
C GLY A 213 -0.52 -15.92 -18.24
N ILE A 214 0.07 -16.82 -17.46
CA ILE A 214 1.45 -17.26 -17.69
C ILE A 214 1.56 -17.70 -19.15
N PHE A 215 0.54 -18.42 -19.63
CA PHE A 215 0.54 -18.86 -21.02
C PHE A 215 0.61 -17.72 -22.01
N ALA A 216 -0.17 -16.68 -21.76
CA ALA A 216 -0.47 -15.69 -22.82
C ALA A 216 0.71 -14.81 -23.16
N LYS A 217 1.77 -14.87 -22.35
CA LYS A 217 3.03 -14.28 -22.73
C LYS A 217 3.52 -14.88 -24.06
N GLY A 218 2.92 -15.97 -24.49
CA GLY A 218 3.32 -16.65 -25.72
C GLY A 218 3.17 -15.75 -26.92
N SER A 219 2.58 -14.58 -26.71
CA SER A 219 2.19 -13.77 -27.84
C SER A 219 3.40 -12.99 -28.36
N THR A 220 4.50 -13.02 -27.60
CA THR A 220 5.73 -12.47 -28.10
C THR A 220 6.39 -13.35 -29.12
N LEU A 221 5.86 -14.53 -29.35
CA LEU A 221 6.53 -15.49 -30.19
C LEU A 221 5.72 -15.74 -31.44
N SER A 222 4.43 -15.49 -31.37
CA SER A 222 3.59 -15.83 -32.48
C SER A 222 2.40 -14.92 -32.53
N GLU A 223 2.10 -14.44 -33.74
CA GLU A 223 0.93 -13.62 -34.03
C GLU A 223 -0.39 -14.32 -33.75
N ARG A 224 -0.38 -15.64 -33.70
CA ARG A 224 -1.63 -16.34 -33.46
C ARG A 224 -1.42 -17.44 -32.46
N VAL A 225 -2.46 -17.77 -31.73
CA VAL A 225 -2.39 -18.79 -30.71
C VAL A 225 -3.51 -19.72 -31.01
N THR A 226 -3.34 -20.97 -30.65
CA THR A 226 -4.37 -21.91 -30.90
C THR A 226 -4.77 -22.58 -29.64
N LEU A 227 -6.07 -22.61 -29.42
CA LEU A 227 -6.62 -23.25 -28.26
C LEU A 227 -7.25 -24.56 -28.67
N LYS A 228 -6.92 -25.65 -27.97
CA LYS A 228 -7.55 -26.95 -28.21
C LYS A 228 -8.21 -27.48 -26.92
N PHE A 229 -9.40 -28.06 -27.05
CA PHE A 229 -10.24 -28.47 -25.91
C PHE A 229 -10.93 -29.81 -26.13
N ALA A 230 -11.18 -30.52 -25.03
CA ALA A 230 -11.89 -31.79 -25.07
C ALA A 230 -12.65 -31.95 -23.77
N LYS A 231 -13.81 -32.58 -23.82
CA LYS A 231 -14.65 -32.64 -22.64
C LYS A 231 -13.93 -33.32 -21.49
N ASP A 232 -14.01 -32.70 -20.31
CA ASP A 232 -13.41 -33.26 -19.11
C ASP A 232 -11.92 -33.54 -19.31
N SER A 233 -11.24 -32.67 -20.05
CA SER A 233 -9.83 -32.89 -20.32
C SER A 233 -8.99 -31.61 -20.41
N PRO A 234 -7.71 -31.75 -20.09
CA PRO A 234 -6.76 -30.68 -20.20
C PRO A 234 -6.86 -29.97 -21.55
N CYS A 235 -7.03 -28.66 -21.48
CA CYS A 235 -7.01 -27.87 -22.69
C CYS A 235 -5.56 -27.73 -23.12
N MET A 236 -5.37 -27.34 -24.38
CA MET A 236 -4.05 -27.02 -24.84
C MET A 236 -3.99 -25.64 -25.50
N VAL A 237 -2.98 -24.86 -25.14
CA VAL A 237 -2.73 -23.63 -25.85
C VAL A 237 -1.34 -23.78 -26.43
N GLU A 238 -1.28 -23.69 -27.75
CA GLU A 238 -0.07 -23.86 -28.52
C GLU A 238 0.23 -22.57 -29.25
N TYR A 239 1.46 -22.07 -29.11
CA TYR A 239 1.94 -20.92 -29.88
C TYR A 239 3.03 -21.44 -30.81
N GLY A 240 2.88 -21.24 -32.11
CA GLY A 240 3.91 -21.73 -33.04
C GLY A 240 5.08 -20.80 -33.23
N ILE A 241 6.26 -21.31 -32.98
CA ILE A 241 7.51 -20.57 -33.27
C ILE A 241 7.98 -20.68 -34.71
N ASP A 242 7.45 -19.84 -35.60
CA ASP A 242 8.03 -19.63 -36.94
C ASP A 242 8.30 -20.90 -37.71
N ASN A 243 7.51 -21.93 -37.44
CA ASN A 243 7.75 -23.20 -38.09
C ASN A 243 9.16 -23.79 -37.84
N VAL A 244 9.82 -23.43 -36.73
CA VAL A 244 11.10 -24.04 -36.31
C VAL A 244 11.05 -24.56 -34.87
N GLY A 245 9.85 -24.63 -34.33
CA GLY A 245 9.59 -25.22 -33.04
C GLY A 245 8.19 -24.84 -32.63
N TYR A 246 7.79 -25.21 -31.42
CA TYR A 246 6.53 -24.74 -30.88
C TYR A 246 6.71 -24.51 -29.39
N LEU A 247 5.83 -23.67 -28.82
CA LEU A 247 5.60 -23.64 -27.36
C LEU A 247 4.19 -24.05 -27.04
N ARG A 248 4.05 -25.17 -26.33
CA ARG A 248 2.75 -25.76 -26.08
C ARG A 248 2.48 -25.84 -24.59
N TYR A 249 1.29 -25.42 -24.13
CA TYR A 249 0.96 -25.46 -22.67
C TYR A 249 -0.25 -26.36 -22.42
N TYR A 250 -0.34 -27.00 -21.25
CA TYR A 250 -1.57 -27.71 -20.99
C TYR A 250 -2.04 -27.41 -19.59
N LEU A 251 -3.36 -27.18 -19.45
CA LEU A 251 -3.94 -26.85 -18.15
C LEU A 251 -5.16 -27.70 -17.85
N ALA A 252 -5.22 -28.20 -16.62
CA ALA A 252 -6.39 -28.96 -16.14
C ALA A 252 -7.61 -28.07 -16.02
N PRO A 253 -8.79 -28.60 -16.39
CA PRO A 253 -9.99 -27.84 -16.17
C PRO A 253 -10.20 -27.72 -14.70
N LYS A 254 -10.94 -26.68 -14.30
CA LYS A 254 -11.31 -26.47 -12.92
C LYS A 254 -12.67 -27.13 -12.69
N VAL A 255 -12.73 -28.45 -12.93
CA VAL A 255 -13.95 -29.29 -12.75
C VAL A 255 -14.11 -29.72 -11.27
N ASP A 256 -15.33 -30.12 -10.87
CA ASP A 256 -15.64 -30.58 -9.50
C ASP A 256 -15.72 -32.12 -9.45
N MET B 1 -48.38 9.31 17.75
CA MET B 1 -47.49 9.52 18.95
C MET B 1 -46.83 8.24 19.48
N LEU B 2 -45.49 8.24 19.57
CA LEU B 2 -44.71 7.04 20.00
C LEU B 2 -43.59 7.33 20.98
N GLU B 3 -43.63 6.61 22.10
CA GLU B 3 -42.54 6.65 23.09
C GLU B 3 -42.16 5.23 23.45
N ALA B 4 -40.91 4.87 23.13
CA ALA B 4 -40.30 3.61 23.53
C ALA B 4 -38.90 3.80 24.16
N GLN B 5 -38.82 3.52 25.45
CA GLN B 5 -37.60 3.71 26.20
C GLN B 5 -37.13 2.39 26.72
N VAL B 6 -35.87 2.09 26.45
CA VAL B 6 -35.26 0.91 27.00
C VAL B 6 -34.22 1.31 28.01
N GLN B 7 -34.05 0.47 29.02
CA GLN B 7 -33.26 0.83 30.17
C GLN B 7 -31.80 0.86 29.83
N PHE B 8 -31.34 -0.19 29.16
CA PHE B 8 -29.97 -0.21 28.67
C PHE B 8 -29.91 -0.08 27.13
N ALA B 9 -29.20 0.93 26.61
CA ALA B 9 -29.03 1.13 25.15
C ALA B 9 -28.22 0.05 24.42
N SER B 10 -27.52 -0.80 25.17
CA SER B 10 -26.73 -1.88 24.63
C SER B 10 -27.54 -2.54 23.57
N LEU B 11 -28.78 -2.83 23.90
CA LEU B 11 -29.66 -3.57 23.03
C LEU B 11 -29.86 -2.95 21.68
N TRP B 12 -30.25 -1.68 21.65
CA TRP B 12 -30.47 -1.01 20.34
C TRP B 12 -29.22 -1.03 19.54
N LYS B 13 -28.12 -0.62 20.21
CA LYS B 13 -26.80 -0.57 19.62
C LYS B 13 -26.50 -1.88 18.87
N ARG B 14 -26.66 -3.00 19.55
CA ARG B 14 -26.35 -4.32 19.02
C ARG B 14 -27.29 -4.75 17.92
N LEU B 15 -28.55 -4.36 18.04
CA LEU B 15 -29.55 -4.73 17.09
C LEU B 15 -29.36 -4.04 15.77
N VAL B 16 -29.12 -2.73 15.79
CA VAL B 16 -28.94 -2.04 14.54
C VAL B 16 -27.77 -2.60 13.78
N GLU B 17 -26.63 -2.72 14.43
CA GLU B 17 -25.51 -3.47 13.87
C GLU B 17 -25.92 -4.75 13.16
N CYS B 18 -26.83 -5.52 13.74
CA CYS B 18 -27.25 -6.74 13.06
C CYS B 18 -27.99 -6.47 11.79
N ILE B 19 -29.00 -5.62 11.85
CA ILE B 19 -29.82 -5.50 10.68
C ILE B 19 -29.14 -4.57 9.65
N ASN B 20 -28.34 -3.64 10.10
CA ASN B 20 -27.67 -2.71 9.19
C ASN B 20 -26.71 -3.42 8.30
N GLY B 21 -26.11 -4.44 8.85
CA GLY B 21 -25.34 -5.37 8.05
C GLY B 21 -25.99 -5.92 6.79
N LEU B 22 -27.32 -5.82 6.66
CA LEU B 22 -28.07 -6.51 5.60
C LEU B 22 -28.92 -5.58 4.72
N VAL B 23 -29.50 -4.56 5.34
CA VAL B 23 -30.11 -3.46 4.57
C VAL B 23 -29.62 -2.11 5.14
N ASN B 24 -29.79 -1.00 4.42
CA ASN B 24 -29.38 0.27 5.02
C ASN B 24 -30.53 1.22 5.33
N GLU B 25 -31.71 0.92 4.83
CA GLU B 25 -32.91 1.59 5.30
C GLU B 25 -33.93 0.54 5.58
N ALA B 26 -34.82 0.85 6.51
CA ALA B 26 -35.85 -0.08 6.94
C ALA B 26 -36.99 0.66 7.59
N ASN B 27 -38.16 0.07 7.52
CA ASN B 27 -39.27 0.53 8.31
C ASN B 27 -39.41 -0.12 9.67
N PHE B 28 -39.53 0.76 10.67
CA PHE B 28 -39.94 0.41 12.02
C PHE B 28 -41.46 0.44 12.13
N ASP B 29 -42.07 -0.73 12.13
CA ASP B 29 -43.48 -0.85 12.35
C ASP B 29 -43.80 -0.88 13.84
N CYS B 30 -44.35 0.24 14.33
CA CYS B 30 -44.63 0.39 15.74
C CYS B 30 -46.06 0.17 16.03
N ASN B 31 -46.36 -0.83 16.86
CA ASN B 31 -47.72 -1.15 17.22
C ASN B 31 -47.83 -1.30 18.69
N PRO B 32 -49.04 -1.62 19.16
CA PRO B 32 -49.26 -1.87 20.56
C PRO B 32 -48.45 -3.07 20.99
N GLY B 33 -48.34 -4.10 20.11
CA GLY B 33 -47.50 -5.31 20.37
C GLY B 33 -45.98 -5.13 20.54
N GLY B 34 -45.48 -4.04 19.93
CA GLY B 34 -44.07 -3.62 19.93
C GLY B 34 -43.58 -3.15 18.54
N LEU B 35 -42.26 -2.88 18.43
CA LEU B 35 -41.57 -2.61 17.14
C LEU B 35 -41.26 -3.88 16.35
N SER B 36 -41.40 -3.80 15.02
CA SER B 36 -40.85 -4.81 14.15
C SER B 36 -40.22 -4.11 12.97
N VAL B 37 -39.17 -4.73 12.45
CA VAL B 37 -38.54 -4.29 11.22
C VAL B 37 -38.61 -5.53 10.32
N GLN B 38 -39.24 -5.41 9.17
CA GLN B 38 -39.20 -6.52 8.25
C GLN B 38 -38.56 -5.99 6.97
N ALA B 39 -37.49 -6.66 6.52
CA ALA B 39 -36.74 -6.19 5.35
C ALA B 39 -35.95 -7.26 4.55
N MET B 40 -35.78 -6.97 3.24
CA MET B 40 -35.00 -7.78 2.29
C MET B 40 -33.81 -7.03 1.75
N ASP B 41 -32.77 -7.78 1.44
CA ASP B 41 -31.54 -7.20 1.00
C ASP B 41 -31.80 -6.83 -0.45
N SER B 42 -30.97 -5.91 -0.97
CA SER B 42 -31.07 -5.33 -2.32
C SER B 42 -31.12 -6.36 -3.45
N SER B 43 -30.56 -7.53 -3.20
CA SER B 43 -30.66 -8.62 -4.15
C SER B 43 -31.88 -9.55 -3.94
N HIS B 44 -32.81 -9.19 -3.05
CA HIS B 44 -33.97 -10.04 -2.75
C HIS B 44 -33.57 -11.49 -2.63
N VAL B 45 -32.75 -11.81 -1.63
CA VAL B 45 -32.27 -13.17 -1.41
C VAL B 45 -32.32 -13.52 0.07
N ALA B 46 -32.30 -12.47 0.90
CA ALA B 46 -32.42 -12.61 2.36
C ALA B 46 -33.39 -11.62 3.01
N LEU B 47 -33.91 -12.07 4.14
CA LEU B 47 -34.96 -11.38 4.81
C LEU B 47 -34.56 -11.37 6.24
N VAL B 48 -34.70 -10.20 6.88
CA VAL B 48 -34.71 -10.07 8.34
C VAL B 48 -36.13 -9.85 8.82
N HIS B 49 -36.54 -10.56 9.89
CA HIS B 49 -37.69 -10.14 10.70
C HIS B 49 -37.28 -9.84 12.12
N MET B 50 -37.47 -8.62 12.57
CA MET B 50 -37.08 -8.28 13.95
C MET B 50 -38.25 -7.76 14.72
N LEU B 51 -38.53 -8.39 15.86
CA LEU B 51 -39.60 -7.93 16.70
C LEU B 51 -39.08 -7.65 18.10
N LEU B 52 -39.23 -6.42 18.56
CA LEU B 52 -39.10 -6.17 19.99
C LEU B 52 -40.46 -5.94 20.60
N ARG B 53 -40.84 -6.87 21.47
CA ARG B 53 -42.12 -6.85 22.16
C ARG B 53 -42.19 -5.71 23.15
N ASP B 54 -43.40 -5.20 23.37
CA ASP B 54 -43.64 -4.05 24.26
C ASP B 54 -43.06 -4.23 25.67
N ASP B 55 -43.08 -5.46 26.20
CA ASP B 55 -42.51 -5.79 27.53
C ASP B 55 -41.01 -5.58 27.58
N CYS B 56 -40.43 -5.41 26.41
CA CYS B 56 -39.03 -5.14 26.25
C CYS B 56 -38.65 -3.73 26.75
N PHE B 57 -39.56 -2.78 26.64
CA PHE B 57 -39.29 -1.41 27.09
C PHE B 57 -39.79 -1.14 28.50
N VAL B 58 -39.22 -0.14 29.15
CA VAL B 58 -39.71 0.33 30.44
C VAL B 58 -40.94 1.19 30.13
N LYS B 59 -40.76 2.31 29.44
CA LYS B 59 -41.89 3.04 28.91
C LYS B 59 -42.22 2.51 27.50
N TYR B 60 -43.47 2.08 27.25
CA TYR B 60 -43.93 1.85 25.85
C TYR B 60 -45.31 2.42 25.44
N GLN B 61 -45.29 3.58 24.78
CA GLN B 61 -46.53 4.25 24.41
C GLN B 61 -46.73 4.23 22.89
N CYS B 62 -47.80 3.53 22.47
CA CYS B 62 -48.15 3.46 21.06
C CYS B 62 -49.58 2.94 20.79
N GLY B 63 -50.55 3.87 20.75
CA GLY B 63 -51.98 3.54 20.56
C GLY B 63 -52.29 2.97 19.17
N ARG B 64 -51.88 3.67 18.13
CA ARG B 64 -52.28 3.31 16.78
C ARG B 64 -51.05 2.91 15.97
N ASN B 65 -51.23 2.27 14.81
CA ASN B 65 -50.07 1.82 14.05
C ASN B 65 -49.40 2.93 13.24
N SER B 66 -48.41 3.60 13.82
CA SER B 66 -47.48 4.39 13.00
C SER B 66 -46.25 3.61 12.43
N ILE B 67 -45.76 4.05 11.25
CA ILE B 67 -44.65 3.40 10.51
C ILE B 67 -43.52 4.37 10.28
N LEU B 68 -42.41 4.20 10.97
CA LEU B 68 -41.21 5.05 10.79
C LEU B 68 -40.07 4.45 9.95
N GLY B 69 -39.81 5.03 8.78
CA GLY B 69 -38.76 4.51 7.91
C GLY B 69 -37.50 5.27 8.21
N LEU B 70 -36.37 4.57 8.32
CA LEU B 70 -35.12 5.31 8.51
C LEU B 70 -33.80 4.70 8.11
N ASN B 71 -32.83 5.57 8.14
CA ASN B 71 -31.58 5.32 7.52
C ASN B 71 -30.59 4.63 8.48
N LEU B 72 -30.59 3.31 8.41
CA LEU B 72 -29.79 2.49 9.32
C LEU B 72 -28.31 2.85 9.29
N ALA B 73 -27.86 3.34 8.15
CA ALA B 73 -26.53 3.92 8.04
C ALA B 73 -26.34 4.95 9.13
N SER B 74 -27.15 6.00 9.10
CA SER B 74 -27.10 7.08 10.09
C SER B 74 -27.42 6.62 11.50
N LEU B 75 -28.59 6.01 11.68
CA LEU B 75 -28.96 5.48 12.98
C LEU B 75 -27.77 4.78 13.62
N SER B 76 -26.92 4.16 12.79
CA SER B 76 -25.82 3.38 13.34
C SER B 76 -24.77 4.31 13.87
N LYS B 77 -24.43 5.34 13.09
CA LYS B 77 -23.42 6.32 13.49
C LYS B 77 -23.82 6.94 14.80
N VAL B 78 -25.13 7.13 14.95
CA VAL B 78 -25.64 7.75 16.14
C VAL B 78 -25.60 6.82 17.34
N LEU B 79 -26.02 5.58 17.15
CA LEU B 79 -25.96 4.63 18.25
C LEU B 79 -24.53 4.30 18.61
N LYS B 80 -23.63 4.37 17.64
CA LYS B 80 -22.23 4.06 17.89
C LYS B 80 -21.63 4.95 18.96
N ILE B 81 -22.27 6.11 19.23
CA ILE B 81 -21.78 6.99 20.27
C ILE B 81 -22.61 6.97 21.53
N VAL B 82 -23.68 6.21 21.54
CA VAL B 82 -24.48 6.16 22.76
C VAL B 82 -23.86 5.16 23.71
N ASP B 83 -23.73 5.55 24.98
CA ASP B 83 -23.15 4.64 25.97
C ASP B 83 -23.99 3.40 26.10
N SER B 84 -23.31 2.26 26.13
CA SER B 84 -23.98 1.00 26.40
C SER B 84 -25.03 1.20 27.51
N ASN B 85 -24.61 1.75 28.65
CA ASN B 85 -25.37 1.70 29.90
C ASN B 85 -26.42 2.76 30.13
N ASP B 86 -26.51 3.72 29.23
CA ASP B 86 -27.54 4.74 29.37
C ASP B 86 -28.93 4.26 28.95
N SER B 87 -29.95 5.08 29.19
CA SER B 87 -31.26 4.79 28.68
C SER B 87 -31.39 5.39 27.29
N LEU B 88 -32.23 4.75 26.49
CA LEU B 88 -32.57 5.28 25.18
C LEU B 88 -34.06 5.28 24.90
N SER B 89 -34.56 6.51 24.70
CA SER B 89 -35.94 6.71 24.33
C SER B 89 -36.03 7.13 22.91
N LEU B 90 -36.88 6.40 22.21
CA LEU B 90 -37.18 6.69 20.85
C LEU B 90 -38.55 7.26 20.98
N ARG B 91 -38.73 8.47 20.45
CA ARG B 91 -39.99 9.18 20.50
C ARG B 91 -40.20 9.84 19.14
N HIS B 92 -41.45 9.86 18.68
CA HIS B 92 -41.84 10.59 17.47
C HIS B 92 -43.18 11.18 17.70
N ASP B 93 -43.29 12.50 17.55
CA ASP B 93 -44.56 13.19 17.80
C ASP B 93 -45.40 13.13 16.56
N ASP B 94 -46.71 13.05 16.73
CA ASP B 94 -47.61 12.98 15.59
C ASP B 94 -47.20 14.04 14.56
N ASP B 95 -47.05 13.63 13.30
CA ASP B 95 -46.79 14.52 12.13
C ASP B 95 -45.32 14.95 11.89
N SER B 96 -44.43 14.53 12.77
CA SER B 96 -43.12 15.15 12.92
C SER B 96 -42.19 15.10 11.72
N ASP B 97 -42.17 13.96 11.05
CA ASP B 97 -41.23 13.68 9.95
C ASP B 97 -39.80 13.72 10.46
N VAL B 98 -39.66 13.49 11.76
CA VAL B 98 -38.38 13.41 12.43
C VAL B 98 -38.57 12.54 13.66
N VAL B 99 -37.49 11.97 14.17
CA VAL B 99 -37.60 11.13 15.36
C VAL B 99 -36.47 11.54 16.31
N THR B 100 -36.65 11.32 17.62
CA THR B 100 -35.60 11.72 18.57
C THR B 100 -35.16 10.65 19.56
N LEU B 101 -33.86 10.65 19.76
CA LEU B 101 -33.28 9.71 20.66
C LEU B 101 -32.74 10.42 21.87
N THR B 102 -33.21 9.99 23.03
CA THR B 102 -32.72 10.55 24.27
C THR B 102 -32.00 9.51 25.12
N SER B 103 -30.73 9.83 25.34
CA SER B 103 -29.80 9.04 26.13
C SER B 103 -29.72 9.77 27.44
N GLU B 104 -29.87 9.03 28.52
CA GLU B 104 -29.68 9.59 29.83
C GLU B 104 -28.74 8.69 30.60
N ASN B 105 -27.74 9.30 31.19
CA ASN B 105 -27.00 8.75 32.30
C ASN B 105 -27.95 8.04 33.28
N PRO B 106 -27.54 6.91 33.89
CA PRO B 106 -28.31 6.49 35.11
C PRO B 106 -28.31 7.58 36.23
N GLU B 107 -27.16 8.17 36.51
CA GLU B 107 -27.01 9.26 37.49
C GLU B 107 -27.87 10.49 37.19
N LYS B 108 -28.10 10.79 35.91
CA LYS B 108 -28.87 11.97 35.43
C LYS B 108 -28.01 13.20 35.31
N THR B 109 -26.70 13.02 35.47
CA THR B 109 -25.70 14.05 35.28
C THR B 109 -25.61 14.49 33.81
N ARG B 110 -25.69 13.52 32.89
CA ARG B 110 -25.63 13.80 31.44
C ARG B 110 -26.95 13.41 30.78
N LYS B 111 -27.27 14.12 29.68
CA LYS B 111 -28.46 13.86 28.85
C LYS B 111 -28.22 14.28 27.40
N CYS B 112 -28.30 13.31 26.49
CA CYS B 112 -28.02 13.52 25.08
C CYS B 112 -29.31 13.43 24.32
N GLU B 113 -29.41 14.20 23.23
CA GLU B 113 -30.59 14.17 22.36
C GLU B 113 -30.31 14.38 20.88
N TYR B 114 -30.61 13.34 20.13
CA TYR B 114 -30.35 13.29 18.71
C TYR B 114 -31.65 13.21 17.92
N GLN B 115 -31.58 13.80 16.73
CA GLN B 115 -32.71 14.12 15.89
C GLN B 115 -32.50 13.53 14.51
N LEU B 116 -33.30 12.54 14.15
CA LEU B 116 -33.08 11.88 12.88
C LEU B 116 -34.19 12.14 11.85
N LYS B 117 -33.79 12.73 10.72
CA LYS B 117 -34.71 13.05 9.63
C LYS B 117 -35.21 11.72 9.10
N LEU B 118 -36.51 11.57 8.82
CA LEU B 118 -37.04 10.24 8.51
C LEU B 118 -37.69 10.02 7.14
N LEU B 119 -37.32 8.90 6.50
CA LEU B 119 -37.92 8.45 5.24
C LEU B 119 -39.34 7.91 5.45
N GLU B 120 -40.21 7.92 4.43
CA GLU B 120 -39.91 7.94 2.99
C GLU B 120 -39.60 6.57 2.34
N ILE B 121 -39.93 5.48 3.03
CA ILE B 121 -39.69 4.13 2.49
C ILE B 121 -40.95 3.32 2.18
N GLU B 122 -41.00 2.75 0.98
CA GLU B 122 -42.11 1.90 0.53
C GLU B 122 -42.13 0.52 1.18
N ALA B 123 -43.29 -0.11 1.21
CA ALA B 123 -43.42 -1.45 1.80
C ALA B 123 -42.60 -2.49 1.04
N GLU B 124 -41.97 -3.41 1.78
CA GLU B 124 -41.03 -4.35 1.17
C GLU B 124 -41.60 -5.66 0.62
N SER B 125 -42.53 -5.54 -0.33
CA SER B 125 -42.84 -6.63 -1.26
C SER B 125 -43.17 -7.99 -0.64
N MET B 126 -42.52 -9.01 -1.19
CA MET B 126 -42.72 -10.46 -0.83
C MET B 126 -42.52 -10.72 0.68
N GLY B 127 -43.34 -11.57 1.28
CA GLY B 127 -43.26 -11.84 2.73
C GLY B 127 -42.68 -13.20 3.13
N ILE B 128 -42.59 -13.44 4.44
CA ILE B 128 -41.95 -14.63 5.07
C ILE B 128 -42.52 -16.01 4.61
N PRO B 129 -41.64 -17.03 4.44
CA PRO B 129 -42.05 -18.44 4.12
C PRO B 129 -42.46 -19.30 5.33
N GLU B 130 -43.03 -20.49 5.09
CA GLU B 130 -43.61 -21.35 6.15
C GLU B 130 -42.88 -22.69 6.29
N MET B 131 -42.32 -22.92 7.48
CA MET B 131 -41.42 -24.05 7.72
C MET B 131 -42.31 -25.03 8.50
N ASP B 132 -41.76 -26.09 9.10
CA ASP B 132 -40.35 -26.15 9.57
C ASP B 132 -39.96 -27.59 9.45
N TYR B 133 -40.64 -28.26 8.53
CA TYR B 133 -40.65 -29.70 8.54
C TYR B 133 -39.22 -30.23 8.47
N ARG B 134 -39.07 -31.46 8.92
CA ARG B 134 -37.77 -32.01 9.19
C ARG B 134 -37.08 -31.21 10.31
N SER B 135 -35.97 -30.59 9.98
CA SER B 135 -34.88 -30.45 10.95
C SER B 135 -34.66 -29.09 11.60
N THR B 136 -34.17 -29.14 12.83
CA THR B 136 -33.94 -28.00 13.64
C THR B 136 -32.71 -28.30 14.43
N VAL B 137 -31.73 -27.42 14.34
CA VAL B 137 -30.57 -27.52 15.21
C VAL B 137 -30.27 -26.21 15.90
N THR B 138 -29.82 -26.35 17.14
CA THR B 138 -29.57 -25.22 18.00
C THR B 138 -28.17 -25.44 18.49
N LEU B 139 -27.40 -24.37 18.58
CA LEU B 139 -26.01 -24.44 18.96
C LEU B 139 -25.58 -23.12 19.55
N ASN B 140 -24.49 -23.13 20.30
CA ASN B 140 -23.87 -21.87 20.71
C ASN B 140 -23.75 -20.91 19.51
N SER B 141 -24.18 -19.68 19.74
CA SER B 141 -24.26 -18.65 18.70
C SER B 141 -22.87 -18.23 18.22
N ALA B 142 -21.93 -18.14 19.16
CA ALA B 142 -20.60 -17.66 18.85
C ALA B 142 -19.78 -18.75 18.23
N GLU B 143 -20.15 -19.99 18.54
CA GLU B 143 -19.65 -21.15 17.82
C GLU B 143 -20.06 -20.94 16.38
N PHE B 144 -21.35 -20.85 16.17
CA PHE B 144 -21.84 -20.62 14.84
C PHE B 144 -21.14 -19.45 14.15
N ALA B 145 -20.83 -18.43 14.95
CA ALA B 145 -20.27 -17.21 14.39
C ALA B 145 -18.89 -17.50 13.87
N LYS B 146 -18.12 -18.24 14.71
CA LYS B 146 -16.77 -18.71 14.37
C LYS B 146 -16.86 -19.57 13.13
N ILE B 147 -17.61 -20.64 13.20
CA ILE B 147 -17.76 -21.49 12.05
C ILE B 147 -18.04 -20.79 10.70
N VAL B 148 -18.80 -19.69 10.63
CA VAL B 148 -18.93 -19.05 9.30
C VAL B 148 -17.71 -18.18 8.96
N ARG B 149 -17.12 -17.54 9.95
CA ARG B 149 -15.91 -16.79 9.70
C ARG B 149 -14.84 -17.76 9.17
N ASP B 150 -14.73 -18.91 9.82
CA ASP B 150 -13.79 -19.96 9.40
C ASP B 150 -14.10 -20.43 7.99
N MET B 151 -15.28 -21.00 7.75
CA MET B 151 -15.59 -21.62 6.45
C MET B 151 -15.33 -20.69 5.31
N GLN B 152 -15.24 -19.41 5.62
CA GLN B 152 -15.03 -18.42 4.61
C GLN B 152 -13.64 -18.31 4.08
N VAL B 153 -12.64 -18.88 4.80
CA VAL B 153 -11.27 -18.99 4.26
C VAL B 153 -11.23 -19.84 2.98
N PHE B 154 -12.22 -20.73 2.86
CA PHE B 154 -12.25 -21.70 1.79
C PHE B 154 -13.11 -21.39 0.61
N GLY B 155 -14.32 -20.93 0.82
CA GLY B 155 -15.29 -20.79 -0.26
C GLY B 155 -16.15 -19.60 0.04
N ASP B 156 -17.21 -19.44 -0.72
CA ASP B 156 -18.17 -18.38 -0.45
C ASP B 156 -19.50 -19.08 -0.25
N THR B 157 -19.39 -20.39 -0.05
CA THR B 157 -20.51 -21.29 0.11
C THR B 157 -20.26 -22.44 1.08
N VAL B 158 -21.12 -22.53 2.07
CA VAL B 158 -21.04 -23.58 3.05
C VAL B 158 -22.20 -24.52 2.84
N THR B 159 -21.93 -25.81 2.96
CA THR B 159 -22.94 -26.86 2.89
C THR B 159 -23.13 -27.47 4.25
N ILE B 160 -24.40 -27.49 4.68
CA ILE B 160 -24.79 -28.03 5.97
C ILE B 160 -25.50 -29.36 5.81
N ALA B 161 -25.00 -30.37 6.55
CA ALA B 161 -25.66 -31.66 6.68
C ALA B 161 -26.04 -31.94 8.14
N ILE B 162 -27.32 -32.27 8.32
CA ILE B 162 -27.83 -32.62 9.62
C ILE B 162 -28.14 -34.10 9.61
N SER B 163 -27.38 -34.86 10.40
CA SER B 163 -27.71 -36.24 10.60
C SER B 163 -27.71 -36.49 12.07
N LYS B 164 -28.63 -37.34 12.51
CA LYS B 164 -28.66 -37.77 13.90
C LYS B 164 -27.24 -37.81 14.44
N GLU B 165 -27.08 -37.23 15.62
CA GLU B 165 -25.80 -37.23 16.31
C GLU B 165 -24.76 -36.28 15.68
N GLY B 166 -25.24 -35.27 14.94
CA GLY B 166 -24.33 -34.29 14.38
C GLY B 166 -24.74 -33.31 13.28
N VAL B 167 -24.09 -32.16 13.31
CA VAL B 167 -24.14 -31.21 12.21
C VAL B 167 -22.74 -30.97 11.58
N LYS B 168 -22.71 -30.86 10.24
CA LYS B 168 -21.46 -30.72 9.46
C LYS B 168 -21.49 -29.51 8.56
N PHE B 169 -20.50 -28.66 8.77
CA PHE B 169 -20.31 -27.51 7.95
C PHE B 169 -19.11 -27.73 7.01
N SER B 170 -19.34 -27.69 5.70
CA SER B 170 -18.30 -27.91 4.69
C SER B 170 -18.17 -26.76 3.72
N SER B 171 -16.96 -26.23 3.58
CA SER B 171 -16.69 -25.34 2.48
C SER B 171 -15.49 -25.80 1.70
N SER B 172 -15.27 -25.21 0.53
CA SER B 172 -13.98 -25.39 -0.17
C SER B 172 -13.77 -24.50 -1.38
N GLY B 173 -12.53 -24.47 -1.86
CA GLY B 173 -12.09 -23.62 -2.96
C GLY B 173 -10.56 -23.55 -2.98
N ASP B 174 -10.00 -22.43 -3.40
CA ASP B 174 -8.55 -22.35 -3.66
C ASP B 174 -7.65 -22.73 -2.50
N VAL B 175 -7.94 -22.30 -1.30
CA VAL B 175 -7.00 -22.65 -0.26
C VAL B 175 -7.01 -24.16 -0.04
N GLY B 176 -8.20 -24.74 -0.05
CA GLY B 176 -8.34 -26.14 0.26
C GLY B 176 -9.76 -26.56 0.50
N GLN B 177 -9.90 -27.41 1.52
CA GLN B 177 -11.17 -27.98 1.93
C GLN B 177 -11.20 -28.14 3.41
N GLY B 178 -12.36 -27.87 3.98
CA GLY B 178 -12.50 -27.90 5.41
C GLY B 178 -13.90 -28.26 5.79
N TYR B 179 -14.00 -28.88 6.97
CA TYR B 179 -15.24 -28.92 7.68
C TYR B 179 -15.07 -28.72 9.19
N THR B 180 -16.04 -28.05 9.79
CA THR B 180 -16.29 -28.21 11.22
C THR B 180 -17.47 -29.18 11.33
N PHE B 181 -17.32 -30.15 12.24
CA PHE B 181 -18.40 -31.08 12.62
C PHE B 181 -18.68 -31.07 14.11
N LEU B 182 -19.95 -30.84 14.46
CA LEU B 182 -20.42 -30.75 15.86
C LEU B 182 -21.47 -31.84 16.11
N GLN B 183 -21.47 -32.43 17.31
CA GLN B 183 -22.34 -33.59 17.57
C GLN B 183 -23.38 -33.36 18.66
N ALA B 184 -24.46 -34.16 18.65
CA ALA B 184 -25.50 -34.13 19.71
C ALA B 184 -24.98 -34.18 21.16
N ALA B 185 -23.85 -34.86 21.40
CA ALA B 185 -23.29 -35.14 22.75
C ALA B 185 -24.32 -35.77 23.71
N GLY B 186 -25.15 -36.70 23.19
CA GLY B 186 -26.34 -37.19 23.92
C GLY B 186 -27.54 -37.32 22.99
N VAL B 187 -28.77 -37.25 23.50
CA VAL B 187 -29.13 -37.03 24.92
C VAL B 187 -29.27 -38.34 25.71
N SER B 188 -29.77 -39.41 25.06
CA SER B 188 -30.07 -40.68 25.74
C SER B 188 -28.81 -41.54 26.03
N ASP B 189 -28.74 -42.19 27.20
CA ASP B 189 -29.79 -42.18 28.25
C ASP B 189 -29.61 -41.13 29.36
N ARG B 190 -30.17 -39.94 29.12
CA ARG B 190 -30.30 -38.88 30.11
C ARG B 190 -31.78 -38.72 30.46
N GLY B 194 -22.67 -30.00 23.85
CA GLY B 194 -23.98 -29.36 23.96
C GLY B 194 -24.64 -28.78 22.69
N VAL B 195 -25.05 -29.64 21.75
CA VAL B 195 -25.74 -29.21 20.52
C VAL B 195 -27.05 -29.97 20.27
N GLU B 196 -28.17 -29.26 20.21
CA GLU B 196 -29.50 -29.87 20.02
C GLU B 196 -29.91 -30.06 18.57
N VAL B 197 -29.80 -31.29 18.11
CA VAL B 197 -30.32 -31.68 16.81
C VAL B 197 -31.64 -32.38 17.04
N THR B 198 -32.53 -32.30 16.05
CA THR B 198 -33.85 -32.94 16.12
C THR B 198 -34.46 -32.90 14.73
N MET B 199 -34.29 -34.00 14.01
CA MET B 199 -34.72 -34.02 12.64
C MET B 199 -35.80 -35.06 12.39
N GLU B 200 -36.59 -34.80 11.36
CA GLU B 200 -37.42 -35.81 10.75
C GLU B 200 -36.52 -36.59 9.80
N GLU B 201 -35.87 -35.88 8.86
CA GLU B 201 -34.99 -36.49 7.87
C GLU B 201 -33.52 -36.17 8.09
N PRO B 202 -32.62 -37.02 7.55
CA PRO B 202 -31.29 -36.48 7.30
C PRO B 202 -31.45 -35.46 6.18
N ILE B 203 -30.65 -34.40 6.20
CA ILE B 203 -30.89 -33.27 5.32
C ILE B 203 -29.65 -32.40 5.08
N THR B 204 -29.51 -31.94 3.84
CA THR B 204 -28.34 -31.18 3.40
C THR B 204 -28.59 -30.07 2.37
N LEU B 205 -28.44 -28.83 2.82
CA LEU B 205 -28.51 -27.69 1.90
C LEU B 205 -27.26 -26.81 1.94
N SER B 206 -27.13 -25.95 0.91
CA SER B 206 -26.06 -24.96 0.90
C SER B 206 -26.50 -23.55 0.65
N PHE B 207 -25.78 -22.65 1.32
CA PHE B 207 -26.12 -21.26 1.46
C PHE B 207 -24.93 -20.38 1.19
N ALA B 208 -25.22 -19.12 0.89
CA ALA B 208 -24.20 -18.09 0.73
C ALA B 208 -23.50 -17.65 2.05
N LEU B 209 -22.22 -17.96 2.24
CA LEU B 209 -21.56 -17.54 3.48
C LEU B 209 -21.59 -16.03 3.68
N ARG B 210 -21.65 -15.26 2.60
CA ARG B 210 -21.60 -13.79 2.73
C ARG B 210 -22.74 -13.38 3.62
N PHE B 211 -23.89 -14.01 3.40
CA PHE B 211 -25.06 -13.70 4.17
C PHE B 211 -25.02 -14.31 5.56
N MET B 212 -24.79 -15.61 5.61
CA MET B 212 -24.65 -16.28 6.88
C MET B 212 -23.75 -15.53 7.84
N GLY B 213 -22.70 -14.92 7.33
CA GLY B 213 -21.86 -14.12 8.14
C GLY B 213 -22.67 -13.01 8.74
N ILE B 214 -23.37 -12.25 7.89
CA ILE B 214 -24.15 -11.10 8.32
C ILE B 214 -25.14 -11.52 9.40
N PHE B 215 -25.81 -12.65 9.18
CA PHE B 215 -26.68 -13.27 10.20
C PHE B 215 -25.97 -13.44 11.53
N ALA B 216 -24.82 -14.11 11.50
CA ALA B 216 -24.12 -14.48 12.71
C ALA B 216 -23.76 -13.34 13.67
N LYS B 217 -23.89 -12.08 13.23
CA LYS B 217 -23.70 -10.92 14.12
C LYS B 217 -24.72 -10.98 15.26
N GLY B 218 -25.75 -11.81 15.05
CA GLY B 218 -26.80 -11.99 16.04
C GLY B 218 -26.30 -12.53 17.35
N SER B 219 -25.11 -13.08 17.31
CA SER B 219 -24.59 -13.73 18.48
C SER B 219 -24.40 -12.70 19.60
N THR B 220 -24.21 -11.42 19.26
CA THR B 220 -24.18 -10.37 20.28
C THR B 220 -25.49 -10.25 21.09
N LEU B 221 -26.57 -10.91 20.67
CA LEU B 221 -27.87 -10.81 21.36
C LEU B 221 -28.25 -12.04 22.19
N SER B 222 -28.06 -13.21 21.65
CA SER B 222 -28.51 -14.41 22.31
C SER B 222 -27.32 -15.37 22.41
N GLU B 223 -27.12 -16.00 23.56
CA GLU B 223 -26.08 -17.03 23.65
C GLU B 223 -26.27 -18.23 22.74
N ARG B 224 -27.50 -18.67 22.49
CA ARG B 224 -27.72 -19.83 21.62
C ARG B 224 -28.37 -19.37 20.30
N VAL B 225 -28.41 -20.24 19.28
CA VAL B 225 -28.98 -19.88 17.96
C VAL B 225 -29.63 -21.10 17.30
N THR B 226 -30.69 -20.88 16.53
CA THR B 226 -31.36 -22.01 15.98
C THR B 226 -31.56 -21.79 14.51
N LEU B 227 -31.37 -22.87 13.77
CA LEU B 227 -31.48 -22.85 12.33
C LEU B 227 -32.47 -23.93 12.01
N LYS B 228 -33.42 -23.59 11.15
CA LYS B 228 -34.42 -24.54 10.70
C LYS B 228 -34.30 -24.62 9.19
N PHE B 229 -34.19 -25.84 8.65
CA PHE B 229 -34.15 -26.07 7.20
C PHE B 229 -35.25 -27.03 6.82
N ALA B 230 -35.83 -26.78 5.67
CA ALA B 230 -36.73 -27.70 4.99
C ALA B 230 -36.20 -27.82 3.57
N LYS B 231 -36.25 -29.01 2.99
CA LYS B 231 -35.62 -29.20 1.69
C LYS B 231 -36.28 -28.32 0.65
N ASP B 232 -35.45 -27.66 -0.17
CA ASP B 232 -35.94 -26.81 -1.24
C ASP B 232 -36.52 -25.53 -0.65
N SER B 233 -36.25 -25.31 0.63
CA SER B 233 -36.84 -24.19 1.34
C SER B 233 -35.83 -23.31 2.07
N PRO B 234 -35.98 -22.00 1.92
CA PRO B 234 -35.20 -21.06 2.68
C PRO B 234 -34.95 -21.57 4.06
N CYS B 235 -33.70 -21.52 4.49
CA CYS B 235 -33.42 -21.75 5.88
C CYS B 235 -33.83 -20.50 6.69
N MET B 236 -33.95 -20.74 7.98
CA MET B 236 -34.16 -19.67 8.89
C MET B 236 -33.21 -19.79 10.06
N VAL B 237 -32.63 -18.65 10.43
CA VAL B 237 -31.84 -18.64 11.60
C VAL B 237 -32.42 -17.58 12.50
N GLU B 238 -32.74 -18.04 13.71
CA GLU B 238 -33.43 -17.24 14.69
C GLU B 238 -32.57 -17.01 15.89
N TYR B 239 -32.51 -15.76 16.31
CA TYR B 239 -31.90 -15.38 17.56
C TYR B 239 -33.03 -14.91 18.49
N GLY B 240 -33.17 -15.57 19.63
CA GLY B 240 -34.15 -15.14 20.61
C GLY B 240 -33.58 -14.15 21.57
N ILE B 241 -34.05 -12.91 21.49
CA ILE B 241 -33.63 -11.83 22.38
C ILE B 241 -34.41 -11.87 23.67
N ASP B 242 -33.87 -12.54 24.69
CA ASP B 242 -34.26 -12.34 26.10
C ASP B 242 -35.69 -12.66 26.37
N ASN B 243 -36.34 -13.43 25.51
CA ASN B 243 -37.79 -13.63 25.74
C ASN B 243 -38.72 -12.36 25.57
N VAL B 244 -38.13 -11.23 25.19
CA VAL B 244 -38.87 -10.01 24.91
C VAL B 244 -38.72 -9.58 23.44
N GLY B 245 -38.30 -10.53 22.63
CA GLY B 245 -38.36 -10.37 21.18
C GLY B 245 -37.61 -11.46 20.43
N TYR B 246 -37.37 -11.22 19.14
CA TYR B 246 -36.54 -12.06 18.33
C TYR B 246 -35.98 -11.29 17.14
N LEU B 247 -34.87 -11.83 16.61
CA LEU B 247 -34.34 -11.46 15.33
C LEU B 247 -34.32 -12.73 14.48
N ARG B 248 -34.91 -12.64 13.31
CA ARG B 248 -35.07 -13.83 12.52
C ARG B 248 -34.54 -13.53 11.12
N TYR B 249 -33.70 -14.42 10.58
CA TYR B 249 -33.13 -14.24 9.23
C TYR B 249 -33.56 -15.39 8.36
N TYR B 250 -34.06 -15.07 7.17
CA TYR B 250 -34.44 -16.09 6.22
C TYR B 250 -33.57 -15.88 5.00
N LEU B 251 -33.05 -17.00 4.49
CA LEU B 251 -32.16 -16.99 3.34
C LEU B 251 -32.41 -18.18 2.42
N ALA B 252 -32.46 -17.87 1.11
CA ALA B 252 -32.66 -18.83 0.01
C ALA B 252 -31.50 -19.79 -0.05
N PRO B 253 -31.76 -21.08 -0.30
CA PRO B 253 -30.61 -21.95 -0.54
C PRO B 253 -30.13 -21.76 -1.96
N LYS B 254 -29.00 -22.40 -2.25
CA LYS B 254 -28.38 -22.37 -3.57
C LYS B 254 -28.64 -23.70 -4.22
N VAL B 255 -28.79 -23.70 -5.54
CA VAL B 255 -29.02 -24.97 -6.23
C VAL B 255 -28.48 -24.96 -7.66
N ASP B 256 -28.17 -26.15 -8.19
CA ASP B 256 -27.62 -26.31 -9.54
C ASP B 256 -28.68 -26.20 -10.64
N MET C 1 2.70 -43.10 4.57
CA MET C 1 1.85 -42.78 5.75
C MET C 1 2.63 -42.11 6.85
N LEU C 2 2.34 -40.84 7.10
CA LEU C 2 2.72 -40.18 8.35
C LEU C 2 1.50 -39.71 9.14
N GLU C 3 1.67 -39.64 10.46
CA GLU C 3 0.66 -39.15 11.37
C GLU C 3 1.35 -38.52 12.53
N ALA C 4 1.23 -37.22 12.66
CA ALA C 4 1.79 -36.54 13.80
C ALA C 4 0.82 -35.54 14.36
N GLN C 5 0.37 -35.88 15.55
CA GLN C 5 -0.52 -35.08 16.31
C GLN C 5 0.29 -34.46 17.42
N VAL C 6 -0.03 -33.21 17.76
CA VAL C 6 0.50 -32.49 18.91
C VAL C 6 -0.72 -32.09 19.66
N GLN C 7 -0.56 -31.81 20.96
CA GLN C 7 -1.71 -31.62 21.84
C GLN C 7 -2.29 -30.23 21.74
N PHE C 8 -1.41 -29.23 21.79
CA PHE C 8 -1.83 -27.85 21.64
C PHE C 8 -1.48 -27.31 20.25
N ALA C 9 -2.51 -27.00 19.43
CA ALA C 9 -2.27 -26.47 18.06
C ALA C 9 -1.60 -25.11 18.05
N SER C 10 -1.33 -24.59 19.24
CA SER C 10 -0.69 -23.30 19.42
C SER C 10 0.67 -23.35 18.82
N LEU C 11 1.27 -24.53 18.84
CA LEU C 11 2.66 -24.69 18.43
C LEU C 11 2.76 -24.48 16.95
N TRP C 12 1.87 -25.14 16.22
CA TRP C 12 1.89 -25.08 14.77
C TRP C 12 1.57 -23.71 14.27
N LYS C 13 0.56 -23.10 14.88
CA LYS C 13 0.13 -21.75 14.54
C LYS C 13 1.34 -20.81 14.68
N ARG C 14 1.98 -20.80 15.86
CA ARG C 14 3.11 -19.92 16.10
C ARG C 14 4.27 -20.22 15.13
N LEU C 15 4.51 -21.50 14.89
CA LEU C 15 5.60 -21.91 14.02
C LEU C 15 5.47 -21.41 12.58
N VAL C 16 4.43 -21.88 11.87
CA VAL C 16 4.11 -21.46 10.51
C VAL C 16 4.16 -19.95 10.38
N GLU C 17 3.53 -19.26 11.31
CA GLU C 17 3.69 -17.82 11.38
C GLU C 17 5.13 -17.37 11.23
N CYS C 18 6.06 -17.86 12.05
CA CYS C 18 7.46 -17.39 11.94
C CYS C 18 7.98 -17.43 10.55
N ILE C 19 7.87 -18.62 9.96
CA ILE C 19 8.54 -18.99 8.74
C ILE C 19 7.76 -18.64 7.47
N ASN C 20 6.46 -18.36 7.58
CA ASN C 20 5.76 -17.67 6.50
C ASN C 20 6.44 -16.38 6.17
N GLY C 21 6.95 -15.74 7.20
CA GLY C 21 7.64 -14.50 7.07
C GLY C 21 8.87 -14.61 6.21
N LEU C 22 9.33 -15.83 5.94
CA LEU C 22 10.54 -15.95 5.14
C LEU C 22 10.32 -16.51 3.75
N VAL C 23 9.43 -17.48 3.59
CA VAL C 23 9.21 -18.14 2.28
C VAL C 23 7.77 -18.49 2.20
N ASN C 24 7.20 -18.61 1.00
CA ASN C 24 5.76 -18.89 0.93
C ASN C 24 5.48 -20.36 0.73
N GLU C 25 6.51 -21.15 0.49
CA GLU C 25 6.40 -22.61 0.43
C GLU C 25 7.65 -23.25 1.00
N ALA C 26 7.51 -24.49 1.45
CA ALA C 26 8.65 -25.26 1.97
C ALA C 26 8.29 -26.72 1.91
N ASN C 27 9.32 -27.56 1.80
CA ASN C 27 9.07 -28.99 1.89
C ASN C 27 9.22 -29.28 3.35
N PHE C 28 8.29 -30.10 3.87
CA PHE C 28 8.39 -30.65 5.20
C PHE C 28 9.03 -32.02 5.08
N ASP C 29 10.25 -32.15 5.60
CA ASP C 29 10.97 -33.40 5.56
C ASP C 29 10.50 -34.27 6.73
N CYS C 30 9.88 -35.37 6.35
CA CYS C 30 9.37 -36.34 7.26
C CYS C 30 10.25 -37.57 7.25
N ASN C 31 10.61 -37.95 8.45
CA ASN C 31 11.52 -39.02 8.68
C ASN C 31 11.04 -39.58 10.01
N PRO C 32 11.47 -40.81 10.39
CA PRO C 32 11.16 -41.23 11.75
C PRO C 32 11.80 -40.37 12.81
N GLY C 33 12.77 -39.54 12.42
CA GLY C 33 13.47 -38.69 13.39
C GLY C 33 12.70 -37.53 14.01
N GLY C 34 11.62 -37.14 13.30
CA GLY C 34 10.88 -35.86 13.47
C GLY C 34 10.52 -35.15 12.16
N LEU C 35 10.16 -33.84 12.23
CA LEU C 35 9.94 -32.96 11.03
C LEU C 35 10.97 -31.88 10.92
N SER C 36 11.66 -31.82 9.78
CA SER C 36 12.45 -30.61 9.50
C SER C 36 11.86 -29.82 8.35
N VAL C 37 12.19 -28.54 8.34
CA VAL C 37 11.91 -27.64 7.24
C VAL C 37 13.22 -26.91 7.08
N GLN C 38 13.76 -26.92 5.88
CA GLN C 38 14.97 -26.15 5.59
C GLN C 38 14.63 -25.40 4.35
N ALA C 39 15.06 -24.13 4.28
CA ALA C 39 14.54 -23.16 3.29
C ALA C 39 15.23 -21.81 3.27
N MET C 40 15.24 -21.17 2.10
CA MET C 40 15.98 -19.93 1.92
C MET C 40 15.07 -18.92 1.21
N ASP C 41 15.26 -17.64 1.50
CA ASP C 41 14.46 -16.59 0.87
C ASP C 41 14.84 -16.41 -0.60
N SER C 42 13.97 -15.74 -1.35
CA SER C 42 14.16 -15.56 -2.78
C SER C 42 15.47 -14.82 -2.99
N SER C 43 15.77 -13.90 -2.09
CA SER C 43 17.02 -13.16 -2.13
C SER C 43 18.19 -14.14 -2.02
N HIS C 44 17.99 -15.22 -1.26
CA HIS C 44 19.02 -16.23 -1.05
C HIS C 44 20.01 -15.74 0.00
N VAL C 45 19.59 -14.70 0.70
CA VAL C 45 20.39 -14.06 1.75
C VAL C 45 20.20 -14.66 3.19
N ALA C 46 19.09 -15.35 3.41
CA ALA C 46 18.81 -15.85 4.72
C ALA C 46 18.07 -17.13 4.65
N LEU C 47 18.37 -18.00 5.60
CA LEU C 47 18.01 -19.39 5.55
C LEU C 47 17.29 -19.83 6.85
N VAL C 48 16.29 -20.70 6.72
CA VAL C 48 15.52 -21.17 7.88
C VAL C 48 15.77 -22.62 8.03
N HIS C 49 16.08 -23.01 9.26
CA HIS C 49 16.10 -24.41 9.58
C HIS C 49 15.31 -24.63 10.83
N MET C 50 14.26 -25.43 10.71
CA MET C 50 13.36 -25.74 11.80
C MET C 50 13.30 -27.25 11.89
N LEU C 51 13.45 -27.75 13.13
CA LEU C 51 13.27 -29.19 13.40
C LEU C 51 12.39 -29.43 14.60
N LEU C 52 11.43 -30.34 14.41
CA LEU C 52 10.57 -30.72 15.48
C LEU C 52 10.69 -32.21 15.72
N ARG C 53 11.35 -32.60 16.81
CA ARG C 53 11.66 -34.00 17.03
C ARG C 53 10.44 -34.82 17.27
N ASP C 54 10.51 -36.09 16.89
CA ASP C 54 9.41 -37.04 17.05
C ASP C 54 8.68 -36.93 18.39
N ASP C 55 9.43 -36.56 19.44
CA ASP C 55 9.00 -36.63 20.83
C ASP C 55 8.34 -35.33 21.25
N CYS C 56 8.08 -34.48 20.27
CA CYS C 56 7.43 -33.21 20.47
C CYS C 56 5.93 -33.41 20.23
N PHE C 57 5.59 -34.54 19.63
CA PHE C 57 4.22 -34.91 19.33
C PHE C 57 3.73 -35.95 20.28
N VAL C 58 2.46 -35.90 20.59
CA VAL C 58 1.89 -36.94 21.42
C VAL C 58 1.67 -38.23 20.64
N LYS C 59 1.45 -38.12 19.33
CA LYS C 59 1.43 -39.28 18.44
C LYS C 59 2.36 -39.07 17.24
N TYR C 60 3.19 -40.05 16.92
CA TYR C 60 4.07 -39.94 15.75
C TYR C 60 4.28 -41.24 14.97
N GLN C 61 4.27 -41.15 13.64
CA GLN C 61 4.61 -42.30 12.79
C GLN C 61 5.27 -41.88 11.47
N CYS C 62 6.34 -42.57 11.08
CA CYS C 62 6.97 -42.33 9.78
C CYS C 62 7.61 -43.56 9.12
N GLY C 63 6.81 -44.51 8.66
CA GLY C 63 7.35 -45.72 8.02
C GLY C 63 8.61 -45.25 7.28
N ARG C 64 8.40 -44.74 6.08
CA ARG C 64 9.48 -44.43 5.16
C ARG C 64 9.63 -42.93 5.07
N ASN C 65 10.87 -42.45 5.10
CA ASN C 65 11.08 -41.01 5.11
C ASN C 65 10.41 -40.47 3.85
N SER C 66 9.60 -39.44 4.04
CA SER C 66 8.84 -38.88 2.94
C SER C 66 8.88 -37.37 3.04
N ILE C 67 8.77 -36.73 1.89
CA ILE C 67 8.80 -35.26 1.85
C ILE C 67 7.43 -34.61 1.44
N LEU C 68 6.89 -33.69 2.24
CA LEU C 68 5.62 -33.03 1.88
C LEU C 68 5.76 -31.53 1.67
N GLY C 69 5.53 -31.08 0.45
CA GLY C 69 5.84 -29.68 0.14
C GLY C 69 4.59 -28.85 0.01
N LEU C 70 4.48 -27.77 0.80
CA LEU C 70 3.20 -27.06 0.80
C LEU C 70 3.19 -25.55 0.97
N ASN C 71 2.05 -25.00 0.55
CA ASN C 71 1.90 -23.59 0.49
C ASN C 71 1.71 -23.00 1.86
N LEU C 72 2.73 -22.28 2.32
CA LEU C 72 2.74 -21.72 3.64
C LEU C 72 1.64 -20.69 3.84
N ALA C 73 1.44 -19.85 2.82
CA ALA C 73 0.32 -18.91 2.75
C ALA C 73 -1.00 -19.60 3.07
N SER C 74 -1.51 -20.46 2.17
CA SER C 74 -2.65 -21.36 2.49
C SER C 74 -2.56 -22.06 3.83
N LEU C 75 -1.45 -22.74 4.15
CA LEU C 75 -1.34 -23.33 5.51
C LEU C 75 -1.66 -22.34 6.66
N SER C 76 -1.00 -21.18 6.63
CA SER C 76 -1.18 -20.15 7.61
C SER C 76 -2.65 -19.81 7.75
N LYS C 77 -3.31 -19.61 6.62
CA LYS C 77 -4.71 -19.23 6.61
C LYS C 77 -5.55 -20.22 7.37
N VAL C 78 -5.37 -21.48 7.08
CA VAL C 78 -6.07 -22.51 7.80
C VAL C 78 -5.67 -22.57 9.27
N LEU C 79 -4.42 -22.33 9.58
CA LEU C 79 -4.06 -22.37 10.99
C LEU C 79 -4.64 -21.18 11.80
N LYS C 80 -4.72 -20.02 11.17
CA LYS C 80 -5.34 -18.88 11.81
C LYS C 80 -6.70 -19.29 12.36
N ILE C 81 -7.46 -20.08 11.62
CA ILE C 81 -8.77 -20.51 12.12
C ILE C 81 -8.82 -21.72 13.05
N VAL C 82 -7.69 -22.17 13.59
CA VAL C 82 -7.74 -23.40 14.41
C VAL C 82 -7.54 -22.99 15.83
N ASP C 83 -8.31 -23.56 16.74
CA ASP C 83 -8.23 -23.06 18.09
C ASP C 83 -6.89 -23.39 18.69
N SER C 84 -6.20 -22.38 19.18
CA SER C 84 -4.95 -22.61 19.92
C SER C 84 -4.93 -23.88 20.79
N ASN C 85 -6.05 -24.20 21.43
CA ASN C 85 -6.00 -25.18 22.50
C ASN C 85 -6.46 -26.55 22.08
N ASP C 86 -7.08 -26.63 20.91
CA ASP C 86 -7.38 -27.94 20.35
C ASP C 86 -6.10 -28.68 19.90
N SER C 87 -6.26 -29.98 19.78
CA SER C 87 -5.24 -30.85 19.26
C SER C 87 -5.18 -30.75 17.72
N LEU C 88 -4.02 -31.10 17.16
CA LEU C 88 -3.85 -31.03 15.72
C LEU C 88 -3.00 -32.17 15.09
N SER C 89 -3.71 -33.01 14.33
CA SER C 89 -3.14 -34.15 13.65
C SER C 89 -2.97 -33.96 12.16
N LEU C 90 -1.70 -33.86 11.78
CA LEU C 90 -1.22 -33.85 10.40
C LEU C 90 -1.13 -35.30 9.87
N ARG C 91 -1.75 -35.62 8.73
CA ARG C 91 -1.72 -36.98 8.19
C ARG C 91 -1.58 -36.96 6.70
N HIS C 92 -0.82 -37.92 6.16
CA HIS C 92 -0.75 -38.12 4.72
C HIS C 92 -0.76 -39.59 4.41
N ASP C 93 -1.47 -40.00 3.35
CA ASP C 93 -1.49 -41.40 2.85
C ASP C 93 -0.88 -41.50 1.45
N ASP C 94 -0.08 -42.53 1.20
CA ASP C 94 0.61 -42.58 -0.09
C ASP C 94 -0.45 -42.53 -1.17
N ASP C 95 -0.20 -41.73 -2.20
CA ASP C 95 -1.13 -41.50 -3.30
C ASP C 95 -2.15 -40.39 -3.04
N SER C 96 -2.12 -39.81 -1.85
CA SER C 96 -3.14 -38.85 -1.44
C SER C 96 -3.22 -37.55 -2.26
N ASP C 97 -2.08 -36.96 -2.58
CA ASP C 97 -2.05 -35.69 -3.33
C ASP C 97 -2.59 -34.55 -2.44
N VAL C 98 -2.60 -34.82 -1.15
CA VAL C 98 -3.16 -33.96 -0.11
C VAL C 98 -2.62 -34.42 1.25
N VAL C 99 -2.22 -33.48 2.09
CA VAL C 99 -2.10 -33.75 3.55
C VAL C 99 -3.41 -33.30 4.21
N THR C 100 -3.81 -33.89 5.34
CA THR C 100 -5.01 -33.41 6.09
C THR C 100 -4.70 -33.06 7.54
N LEU C 101 -5.27 -31.95 7.97
CA LEU C 101 -5.11 -31.44 9.31
C LEU C 101 -6.42 -31.65 10.03
N THR C 102 -6.32 -32.21 11.25
CA THR C 102 -7.51 -32.63 12.02
C THR C 102 -7.37 -32.15 13.45
N SER C 103 -8.50 -31.71 13.95
CA SER C 103 -8.53 -30.99 15.21
C SER C 103 -9.78 -31.43 15.92
N GLU C 104 -9.59 -31.65 17.22
CA GLU C 104 -10.68 -31.96 18.11
C GLU C 104 -10.58 -31.02 19.29
N ASN C 105 -11.77 -30.77 19.86
CA ASN C 105 -12.02 -30.09 21.11
C ASN C 105 -11.34 -30.86 22.26
N PRO C 106 -10.61 -30.18 23.21
CA PRO C 106 -10.42 -31.01 24.41
C PRO C 106 -11.84 -31.43 24.81
N GLU C 107 -12.04 -32.61 25.40
CA GLU C 107 -13.43 -33.07 25.74
C GLU C 107 -14.33 -33.06 24.49
N LYS C 108 -13.93 -33.86 23.52
CA LYS C 108 -14.31 -33.71 22.11
C LYS C 108 -15.77 -33.70 21.74
N THR C 109 -16.30 -32.50 21.43
CA THR C 109 -17.67 -32.37 20.93
C THR C 109 -17.71 -31.71 19.54
N ARG C 110 -16.55 -31.20 19.13
CA ARG C 110 -16.35 -30.63 17.82
C ARG C 110 -15.08 -31.28 17.23
N LYS C 111 -15.15 -31.63 15.95
CA LYS C 111 -14.00 -32.16 15.22
C LYS C 111 -13.94 -31.40 13.92
N CYS C 112 -12.79 -30.77 13.65
CA CYS C 112 -12.53 -30.11 12.35
C CYS C 112 -11.49 -30.81 11.47
N GLU C 113 -11.76 -30.84 10.15
CA GLU C 113 -10.82 -31.39 9.22
C GLU C 113 -10.63 -30.68 7.88
N TYR C 114 -9.41 -30.16 7.74
CA TYR C 114 -8.93 -29.40 6.60
C TYR C 114 -7.95 -30.23 5.78
N GLN C 115 -8.13 -30.22 4.47
CA GLN C 115 -7.23 -30.87 3.54
C GLN C 115 -6.49 -29.84 2.68
N LEU C 116 -5.17 -29.81 2.79
CA LEU C 116 -4.34 -28.96 1.94
C LEU C 116 -3.72 -29.73 0.74
N LYS C 117 -3.78 -29.16 -0.47
CA LYS C 117 -3.19 -29.85 -1.65
C LYS C 117 -1.69 -29.61 -1.61
N LEU C 118 -0.86 -30.53 -2.12
CA LEU C 118 0.58 -30.22 -1.94
C LEU C 118 1.38 -30.01 -3.18
N LEU C 119 2.62 -29.61 -3.00
CA LEU C 119 3.42 -29.11 -4.09
C LEU C 119 4.74 -29.83 -4.27
N GLU C 120 5.15 -29.95 -5.52
CA GLU C 120 6.46 -30.48 -5.81
C GLU C 120 7.36 -29.29 -5.77
N ILE C 121 8.34 -29.32 -4.90
CA ILE C 121 9.27 -28.21 -4.75
C ILE C 121 10.66 -28.83 -4.73
N GLU C 122 11.59 -28.31 -5.54
CA GLU C 122 13.00 -28.79 -5.48
C GLU C 122 13.63 -28.47 -4.13
N ALA C 123 14.54 -29.34 -3.64
CA ALA C 123 15.28 -29.07 -2.39
C ALA C 123 16.05 -27.72 -2.45
N GLU C 124 16.45 -27.16 -1.30
CA GLU C 124 17.00 -25.81 -1.28
C GLU C 124 18.28 -25.69 -2.11
N SER C 125 19.15 -26.68 -1.98
CA SER C 125 20.41 -26.74 -2.72
C SER C 125 21.47 -25.90 -2.02
N MET C 126 21.05 -25.22 -0.96
CA MET C 126 21.95 -24.54 -0.05
C MET C 126 21.70 -24.79 1.42
N GLY C 127 22.60 -25.52 2.07
CA GLY C 127 22.33 -26.07 3.38
C GLY C 127 23.20 -25.64 4.54
N ILE C 128 22.56 -25.30 5.65
CA ILE C 128 23.22 -25.27 6.95
C ILE C 128 24.72 -24.79 7.01
N PRO C 129 24.98 -23.48 6.76
CA PRO C 129 26.36 -22.99 6.64
C PRO C 129 27.16 -23.38 7.85
N GLU C 130 28.47 -23.49 7.68
CA GLU C 130 29.35 -24.04 8.72
C GLU C 130 29.51 -23.22 9.99
N MET C 131 29.79 -23.94 11.07
CA MET C 131 30.02 -23.41 12.41
C MET C 131 31.46 -22.91 12.50
N ASP C 132 31.93 -22.46 13.67
CA ASP C 132 31.28 -22.66 14.97
C ASP C 132 31.70 -21.62 16.00
N TYR C 133 30.94 -21.56 17.09
CA TYR C 133 31.38 -20.85 18.30
C TYR C 133 31.67 -19.35 18.13
N ARG C 134 32.84 -18.91 18.56
CA ARG C 134 33.15 -17.50 18.64
C ARG C 134 32.21 -16.79 19.62
N SER C 135 31.62 -15.67 19.21
CA SER C 135 30.74 -14.92 20.10
C SER C 135 29.31 -15.47 20.26
N THR C 136 28.81 -15.49 21.49
CA THR C 136 27.46 -15.94 21.79
C THR C 136 26.81 -14.97 22.74
N VAL C 137 25.76 -14.30 22.29
CA VAL C 137 24.84 -13.64 23.21
C VAL C 137 23.46 -14.33 23.27
N THR C 138 22.93 -14.46 24.48
CA THR C 138 21.60 -15.00 24.65
C THR C 138 20.75 -14.04 25.46
N LEU C 139 19.62 -13.58 24.92
CA LEU C 139 18.74 -12.64 25.64
C LEU C 139 17.28 -13.01 25.65
N ASN C 140 16.49 -12.22 26.38
CA ASN C 140 15.06 -12.40 26.39
C ASN C 140 14.54 -12.13 24.97
N SER C 141 13.94 -13.18 24.41
CA SER C 141 13.46 -13.17 23.05
C SER C 141 12.55 -11.96 22.77
N ALA C 142 11.62 -11.71 23.68
CA ALA C 142 10.72 -10.59 23.52
C ALA C 142 11.46 -9.25 23.57
N GLU C 143 12.64 -9.20 24.17
CA GLU C 143 13.32 -7.92 24.25
C GLU C 143 13.92 -7.65 22.87
N PHE C 144 14.49 -8.72 22.33
CA PHE C 144 15.25 -8.68 21.10
C PHE C 144 14.28 -8.25 20.02
N ALA C 145 13.12 -8.88 20.06
CA ALA C 145 12.05 -8.55 19.16
C ALA C 145 11.83 -7.04 19.16
N LYS C 146 11.69 -6.45 20.36
CA LYS C 146 11.37 -5.05 20.46
C LYS C 146 12.49 -4.25 19.86
N ILE C 147 13.73 -4.68 20.12
CA ILE C 147 14.90 -3.94 19.68
C ILE C 147 15.05 -3.78 18.18
N VAL C 148 14.93 -4.91 17.47
CA VAL C 148 14.90 -4.88 16.01
C VAL C 148 13.67 -4.14 15.44
N ARG C 149 12.52 -4.20 16.11
CA ARG C 149 11.35 -3.43 15.67
C ARG C 149 11.61 -1.97 15.91
N ASP C 150 12.35 -1.67 16.97
CA ASP C 150 12.68 -0.31 17.30
C ASP C 150 13.63 0.20 16.26
N MET C 151 14.81 -0.43 16.18
CA MET C 151 15.88 -0.01 15.27
C MET C 151 15.41 0.38 13.88
N GLN C 152 14.30 -0.21 13.47
CA GLN C 152 13.71 0.02 12.16
C GLN C 152 13.16 1.42 11.97
N VAL C 153 13.11 2.20 13.05
CA VAL C 153 12.65 3.59 12.92
C VAL C 153 13.72 4.38 12.23
N PHE C 154 14.98 3.93 12.40
CA PHE C 154 16.15 4.68 11.95
C PHE C 154 16.59 4.39 10.52
N GLY C 155 17.04 3.17 10.28
CA GLY C 155 17.37 2.76 8.95
C GLY C 155 16.96 1.34 8.76
N ASP C 156 17.68 0.67 7.89
CA ASP C 156 17.36 -0.67 7.45
C ASP C 156 18.50 -1.61 7.80
N THR C 157 19.53 -1.07 8.46
CA THR C 157 20.61 -1.90 8.97
C THR C 157 20.79 -1.68 10.44
N VAL C 158 21.06 -2.75 11.15
CA VAL C 158 21.35 -2.68 12.56
C VAL C 158 22.74 -3.23 12.72
N THR C 159 23.65 -2.41 13.21
CA THR C 159 24.96 -2.90 13.59
C THR C 159 24.94 -3.53 14.98
N ILE C 160 25.60 -4.67 15.13
CA ILE C 160 25.70 -5.32 16.42
C ILE C 160 27.15 -5.42 16.92
N ALA C 161 27.48 -4.58 17.89
CA ALA C 161 28.75 -4.63 18.60
C ALA C 161 28.69 -5.57 19.85
N ILE C 162 29.71 -6.41 20.03
CA ILE C 162 29.78 -7.29 21.22
C ILE C 162 31.07 -7.07 22.07
N SER C 163 30.88 -6.43 23.22
CA SER C 163 31.93 -6.10 24.19
C SER C 163 31.94 -7.13 25.32
N LYS C 164 33.02 -7.14 26.12
CA LYS C 164 33.06 -7.91 27.35
C LYS C 164 31.98 -7.26 28.21
N GLU C 165 31.08 -8.08 28.74
CA GLU C 165 29.97 -7.57 29.56
C GLU C 165 29.04 -6.55 28.85
N GLY C 166 28.50 -6.94 27.68
CA GLY C 166 27.55 -6.08 26.97
C GLY C 166 27.20 -6.48 25.54
N VAL C 167 26.32 -5.67 24.93
CA VAL C 167 25.91 -5.77 23.50
C VAL C 167 25.11 -4.51 23.08
N LYS C 168 25.42 -3.96 21.90
CA LYS C 168 24.98 -2.64 21.49
C LYS C 168 24.28 -2.78 20.15
N PHE C 169 23.11 -2.18 20.00
CA PHE C 169 22.43 -2.25 18.71
C PHE C 169 22.29 -0.86 18.14
N SER C 170 23.05 -0.59 17.08
CA SER C 170 23.10 0.74 16.49
C SER C 170 22.31 0.81 15.19
N SER C 171 21.72 1.98 14.91
CA SER C 171 21.09 2.24 13.61
C SER C 171 21.28 3.70 13.19
N SER C 172 20.89 4.09 11.98
CA SER C 172 21.00 5.49 11.50
C SER C 172 20.05 5.77 10.36
N GLY C 173 19.54 6.98 10.27
CA GLY C 173 18.54 7.23 9.28
C GLY C 173 18.32 8.69 8.99
N ASP C 174 17.24 8.99 8.28
CA ASP C 174 16.79 10.36 8.07
C ASP C 174 16.16 10.88 9.33
N VAL C 175 15.63 9.96 10.12
CA VAL C 175 15.05 10.33 11.39
C VAL C 175 16.16 10.68 12.36
N GLY C 176 17.23 9.88 12.42
CA GLY C 176 18.35 10.19 13.30
C GLY C 176 19.29 9.05 13.56
N GLN C 177 19.64 8.79 14.83
CA GLN C 177 20.60 7.70 15.18
C GLN C 177 20.37 7.18 16.58
N GLY C 178 20.29 5.87 16.73
CA GLY C 178 19.94 5.30 18.01
C GLY C 178 20.75 4.09 18.37
N TYR C 179 20.69 3.71 19.64
CA TYR C 179 21.31 2.44 20.07
C TYR C 179 20.71 1.91 21.34
N THR C 180 20.97 0.65 21.62
CA THR C 180 20.45 0.03 22.81
C THR C 180 21.57 -0.76 23.40
N PHE C 181 21.99 -0.40 24.62
CA PHE C 181 23.02 -1.15 25.27
C PHE C 181 22.35 -2.13 26.20
N LEU C 182 22.84 -3.38 26.20
CA LEU C 182 22.47 -4.40 27.21
C LEU C 182 23.68 -4.97 27.97
N GLN C 183 23.48 -5.43 29.20
CA GLN C 183 24.62 -5.70 30.07
C GLN C 183 24.74 -7.09 30.69
N ALA C 184 25.97 -7.60 30.74
CA ALA C 184 26.21 -9.00 31.14
C ALA C 184 26.10 -9.41 32.63
N ALA C 185 27.11 -9.02 33.44
CA ALA C 185 27.28 -9.49 34.84
C ALA C 185 26.26 -9.81 35.95
N GLY C 186 26.27 -11.07 36.38
CA GLY C 186 25.30 -11.61 37.34
C GLY C 186 26.04 -12.47 38.35
N VAL C 187 25.61 -12.47 39.61
CA VAL C 187 26.17 -13.43 40.56
C VAL C 187 25.87 -14.86 40.07
N SER C 188 24.64 -15.08 39.61
CA SER C 188 24.24 -16.40 39.14
C SER C 188 24.96 -17.52 39.89
N ASP C 189 24.90 -17.45 41.22
CA ASP C 189 25.55 -18.45 42.06
C ASP C 189 24.54 -19.20 42.93
N ARG C 190 24.62 -20.53 42.90
CA ARG C 190 23.72 -21.37 43.69
C ARG C 190 23.83 -22.82 43.25
N GLY C 194 18.86 -10.32 33.41
CA GLY C 194 20.13 -9.97 32.79
C GLY C 194 20.32 -10.52 31.37
N VAL C 195 21.57 -10.43 30.88
CA VAL C 195 21.95 -10.62 29.46
C VAL C 195 23.24 -11.44 29.26
N GLU C 196 23.17 -12.72 28.91
CA GLU C 196 24.40 -13.53 28.59
C GLU C 196 25.38 -12.91 27.57
N VAL C 197 26.60 -13.47 27.54
CA VAL C 197 27.68 -13.19 26.58
C VAL C 197 28.70 -14.27 26.92
N THR C 198 29.35 -14.85 25.92
CA THR C 198 30.47 -15.79 26.13
C THR C 198 31.47 -15.69 24.98
N MET C 199 31.68 -14.48 24.49
CA MET C 199 32.61 -14.30 23.39
C MET C 199 34.02 -14.74 23.74
N GLU C 200 34.81 -14.98 22.69
CA GLU C 200 36.23 -15.16 22.84
C GLU C 200 36.95 -13.88 22.45
N GLU C 201 36.29 -13.02 21.68
CA GLU C 201 36.92 -11.82 21.13
C GLU C 201 35.83 -10.78 20.74
N PRO C 202 36.14 -9.46 20.80
CA PRO C 202 35.16 -8.40 20.44
C PRO C 202 34.82 -8.33 18.95
N ILE C 203 33.54 -8.46 18.61
CA ILE C 203 33.13 -8.65 17.22
C ILE C 203 31.92 -7.78 16.80
N THR C 204 31.96 -7.24 15.59
CA THR C 204 30.97 -6.24 15.14
C THR C 204 30.60 -6.49 13.67
N LEU C 205 29.40 -7.01 13.45
CA LEU C 205 28.88 -7.22 12.11
C LEU C 205 27.60 -6.42 11.96
N SER C 206 27.20 -6.06 10.73
CA SER C 206 25.88 -5.40 10.49
C SER C 206 24.93 -6.21 9.59
N PHE C 207 23.63 -6.16 9.87
CA PHE C 207 22.68 -6.99 9.15
C PHE C 207 21.43 -6.23 8.72
N ALA C 208 20.71 -6.74 7.72
CA ALA C 208 19.43 -6.12 7.36
C ALA C 208 18.38 -6.33 8.46
N LEU C 209 17.56 -5.31 8.64
CA LEU C 209 16.55 -5.44 9.64
C LEU C 209 15.42 -6.26 9.09
N ARG C 210 15.09 -6.05 7.81
CA ARG C 210 13.98 -6.81 7.22
C ARG C 210 14.04 -8.26 7.70
N PHE C 211 15.25 -8.83 7.68
CA PHE C 211 15.38 -10.22 8.05
C PHE C 211 15.38 -10.43 9.52
N MET C 212 16.12 -9.60 10.25
CA MET C 212 16.12 -9.68 11.70
C MET C 212 14.66 -9.64 12.15
N GLY C 213 13.92 -8.65 11.65
CA GLY C 213 12.49 -8.59 11.82
C GLY C 213 11.81 -9.94 11.72
N ILE C 214 11.85 -10.55 10.55
CA ILE C 214 11.24 -11.86 10.33
C ILE C 214 11.71 -12.86 11.41
N PHE C 215 12.97 -12.78 11.80
CA PHE C 215 13.46 -13.79 12.74
C PHE C 215 12.86 -13.55 14.10
N ALA C 216 12.59 -12.29 14.42
CA ALA C 216 12.20 -11.90 15.77
C ALA C 216 10.86 -12.49 16.15
N LYS C 217 10.03 -12.74 15.13
CA LYS C 217 8.76 -13.45 15.31
C LYS C 217 8.94 -14.72 16.14
N GLY C 218 10.17 -15.17 16.23
CA GLY C 218 10.48 -16.41 16.93
C GLY C 218 10.26 -16.31 18.42
N SER C 219 10.11 -15.06 18.87
CA SER C 219 9.94 -14.76 20.29
C SER C 219 8.72 -15.51 20.84
N THR C 220 7.71 -15.70 20.00
CA THR C 220 6.52 -16.49 20.36
C THR C 220 6.82 -17.93 20.81
N LEU C 221 7.97 -18.48 20.44
CA LEU C 221 8.20 -19.92 20.67
C LEU C 221 9.04 -20.19 21.91
N SER C 222 9.98 -19.32 22.21
CA SER C 222 10.83 -19.49 23.39
C SER C 222 11.03 -18.13 24.04
N GLU C 223 11.09 -18.11 25.36
CA GLU C 223 11.34 -16.87 26.08
C GLU C 223 12.73 -16.35 25.83
N ARG C 224 13.63 -17.26 25.45
CA ARG C 224 15.01 -16.83 25.21
C ARG C 224 15.41 -17.02 23.76
N VAL C 225 16.21 -16.09 23.26
CA VAL C 225 16.82 -16.15 21.93
C VAL C 225 18.34 -16.12 22.04
N THR C 226 19.00 -17.12 21.48
CA THR C 226 20.46 -17.09 21.39
C THR C 226 20.86 -16.55 20.04
N LEU C 227 21.88 -15.69 20.03
CA LEU C 227 22.52 -15.30 18.78
C LEU C 227 23.96 -15.78 18.81
N LYS C 228 24.38 -16.47 17.75
CA LYS C 228 25.75 -16.89 17.61
C LYS C 228 26.36 -16.11 16.46
N PHE C 229 27.66 -15.76 16.54
CA PHE C 229 28.37 -15.00 15.48
C PHE C 229 29.75 -15.59 15.12
N ALA C 230 30.29 -15.14 14.00
CA ALA C 230 31.63 -15.54 13.58
C ALA C 230 32.07 -14.43 12.67
N LYS C 231 33.35 -14.09 12.70
CA LYS C 231 33.85 -12.95 11.92
C LYS C 231 33.57 -13.24 10.45
N ASP C 232 32.97 -12.26 9.77
CA ASP C 232 32.66 -12.36 8.34
C ASP C 232 32.00 -13.67 7.84
N SER C 233 31.04 -14.18 8.60
CA SER C 233 30.28 -15.39 8.25
C SER C 233 28.79 -15.16 8.55
N PRO C 234 27.92 -16.06 8.07
CA PRO C 234 26.54 -15.89 8.50
C PRO C 234 26.45 -15.91 10.04
N CYS C 235 25.61 -15.04 10.58
CA CYS C 235 25.23 -15.17 11.96
C CYS C 235 24.03 -16.08 12.06
N MET C 236 23.78 -16.55 13.28
CA MET C 236 22.70 -17.45 13.56
C MET C 236 21.86 -16.87 14.69
N VAL C 237 20.54 -17.03 14.60
CA VAL C 237 19.69 -16.77 15.72
C VAL C 237 18.88 -18.06 15.97
N GLU C 238 19.03 -18.59 17.17
CA GLU C 238 18.36 -19.83 17.55
C GLU C 238 17.23 -19.51 18.50
N TYR C 239 16.13 -20.23 18.36
CA TYR C 239 15.02 -20.17 19.28
C TYR C 239 14.77 -21.65 19.63
N GLY C 240 15.04 -22.03 20.87
CA GLY C 240 14.79 -23.40 21.26
C GLY C 240 13.33 -23.62 21.57
N ILE C 241 12.70 -24.54 20.83
CA ILE C 241 11.38 -25.08 21.17
C ILE C 241 11.43 -26.21 22.21
N ASP C 242 11.65 -25.89 23.50
CA ASP C 242 11.35 -26.81 24.63
C ASP C 242 12.15 -28.09 24.66
N ASN C 243 13.42 -28.03 24.27
CA ASN C 243 14.24 -29.26 24.12
C ASN C 243 13.51 -30.42 23.39
N VAL C 244 12.52 -30.09 22.54
CA VAL C 244 11.90 -31.06 21.61
C VAL C 244 12.04 -30.58 20.15
N GLY C 245 12.84 -29.54 19.97
CA GLY C 245 13.00 -29.00 18.65
C GLY C 245 13.72 -27.69 18.70
N TYR C 246 13.89 -27.07 17.53
CA TYR C 246 14.41 -25.72 17.50
C TYR C 246 13.94 -25.04 16.21
N LEU C 247 14.04 -23.70 16.22
CA LEU C 247 13.90 -22.89 15.02
C LEU C 247 15.15 -22.02 14.89
N ARG C 248 15.95 -22.29 13.86
CA ARG C 248 17.24 -21.63 13.67
C ARG C 248 17.14 -20.81 12.42
N TYR C 249 17.57 -19.56 12.49
CA TYR C 249 17.69 -18.72 11.28
C TYR C 249 19.15 -18.37 11.01
N TYR C 250 19.58 -18.33 9.75
CA TYR C 250 20.93 -17.86 9.45
C TYR C 250 20.94 -16.66 8.50
N LEU C 251 21.86 -15.73 8.72
CA LEU C 251 21.90 -14.59 7.81
C LEU C 251 23.26 -13.95 7.58
N ALA C 252 23.43 -13.56 6.33
CA ALA C 252 24.70 -13.06 5.83
C ALA C 252 24.82 -11.63 6.31
N PRO C 253 26.00 -11.26 6.79
CA PRO C 253 26.27 -9.90 7.24
C PRO C 253 26.51 -8.99 6.08
N LYS C 254 25.83 -7.84 6.04
CA LYS C 254 26.04 -6.77 5.02
C LYS C 254 27.46 -6.28 5.14
N VAL C 255 28.28 -6.59 4.12
CA VAL C 255 29.72 -6.33 4.20
C VAL C 255 30.15 -5.39 3.07
N ASP C 256 30.98 -4.40 3.40
CA ASP C 256 31.34 -3.30 2.49
C ASP C 256 32.47 -3.71 1.53
N MET D 1 27.40 40.82 -7.06
CA MET D 1 26.53 40.31 -8.20
C MET D 1 27.05 39.02 -8.86
N LEU D 2 26.11 38.18 -9.33
CA LEU D 2 26.40 36.98 -10.14
C LEU D 2 25.18 36.66 -10.97
N GLU D 3 25.39 36.19 -12.20
CA GLU D 3 24.33 36.07 -13.19
C GLU D 3 24.82 35.18 -14.33
N ALA D 4 24.23 34.00 -14.43
CA ALA D 4 24.63 32.97 -15.38
C ALA D 4 23.44 32.26 -16.04
N GLN D 5 23.14 32.72 -17.25
CA GLN D 5 22.04 32.22 -18.04
C GLN D 5 22.54 31.29 -19.14
N VAL D 6 22.08 30.05 -19.10
CA VAL D 6 22.34 29.08 -20.15
C VAL D 6 21.15 29.13 -21.09
N GLN D 7 21.29 28.61 -22.30
CA GLN D 7 20.28 28.82 -23.34
C GLN D 7 19.16 27.79 -23.29
N PHE D 8 19.61 26.52 -23.22
CA PHE D 8 18.72 25.38 -23.02
C PHE D 8 18.95 24.80 -21.61
N ALA D 9 17.89 24.82 -20.78
CA ALA D 9 17.89 24.27 -19.40
C ALA D 9 18.32 22.82 -19.30
N SER D 10 18.10 22.09 -20.38
CA SER D 10 18.45 20.69 -20.50
C SER D 10 19.75 20.42 -19.88
N LEU D 11 20.73 21.31 -20.13
CA LEU D 11 22.07 21.12 -19.59
C LEU D 11 22.07 21.01 -18.05
N TRP D 12 21.42 21.95 -17.39
CA TRP D 12 21.43 21.96 -15.93
C TRP D 12 20.65 20.81 -15.41
N LYS D 13 19.51 20.54 -16.05
CA LYS D 13 18.70 19.37 -15.74
C LYS D 13 19.59 18.13 -15.80
N ARG D 14 20.24 17.85 -16.93
CA ARG D 14 21.04 16.62 -16.99
C ARG D 14 22.24 16.66 -16.03
N LEU D 15 22.71 17.86 -15.72
CA LEU D 15 23.88 18.03 -14.88
C LEU D 15 23.64 17.74 -13.40
N VAL D 16 22.59 18.36 -12.88
CA VAL D 16 22.28 18.15 -11.50
C VAL D 16 21.92 16.71 -11.23
N GLU D 17 21.18 16.09 -12.14
CA GLU D 17 20.98 14.66 -12.04
C GLU D 17 22.33 13.92 -11.86
N CYS D 18 23.34 14.31 -12.63
CA CYS D 18 24.59 13.56 -12.56
C CYS D 18 25.20 13.65 -11.19
N ILE D 19 25.47 14.87 -10.73
CA ILE D 19 26.11 15.01 -9.43
C ILE D 19 25.21 14.73 -8.26
N ASN D 20 23.90 14.93 -8.42
CA ASN D 20 22.95 14.64 -7.33
C ASN D 20 22.94 13.18 -6.88
N GLY D 21 23.42 12.30 -7.74
CA GLY D 21 23.54 10.91 -7.42
C GLY D 21 24.84 10.61 -6.72
N LEU D 22 25.61 11.64 -6.35
CA LEU D 22 26.86 11.38 -5.61
C LEU D 22 26.89 12.05 -4.25
N VAL D 23 26.41 13.28 -4.19
CA VAL D 23 26.34 14.04 -2.97
C VAL D 23 25.00 14.73 -2.98
N ASN D 24 24.41 15.02 -1.83
CA ASN D 24 23.10 15.64 -1.89
C ASN D 24 23.17 17.15 -1.64
N GLU D 25 24.38 17.64 -1.44
CA GLU D 25 24.62 19.08 -1.27
C GLU D 25 26.02 19.34 -1.76
N ALA D 26 26.25 20.52 -2.35
CA ALA D 26 27.60 20.87 -2.74
C ALA D 26 27.80 22.34 -3.10
N ASN D 27 29.07 22.73 -3.21
CA ASN D 27 29.47 24.12 -3.45
C ASN D 27 29.70 24.53 -4.90
N PHE D 28 29.10 25.66 -5.24
CA PHE D 28 29.20 26.20 -6.57
C PHE D 28 30.21 27.37 -6.59
N ASP D 29 31.54 27.15 -6.72
CA ASP D 29 32.48 28.31 -6.88
C ASP D 29 32.18 28.94 -8.21
N CYS D 30 31.96 30.24 -8.22
CA CYS D 30 31.84 30.94 -9.50
C CYS D 30 32.90 32.01 -9.58
N ASN D 31 33.88 31.77 -10.44
CA ASN D 31 34.99 32.66 -10.67
C ASN D 31 34.77 33.19 -12.07
N PRO D 32 35.59 34.15 -12.51
CA PRO D 32 35.21 34.75 -13.79
C PRO D 32 35.58 33.82 -14.96
N GLY D 33 36.37 32.79 -14.65
CA GLY D 33 36.69 31.68 -15.56
C GLY D 33 35.57 30.64 -15.79
N GLY D 34 34.52 30.71 -14.98
CA GLY D 34 33.38 29.79 -15.03
C GLY D 34 32.97 29.15 -13.70
N LEU D 35 31.92 28.34 -13.76
CA LEU D 35 31.35 27.59 -12.64
C LEU D 35 31.96 26.21 -12.37
N SER D 36 32.22 25.90 -11.11
CA SER D 36 32.91 24.65 -10.77
C SER D 36 32.35 24.01 -9.55
N VAL D 37 32.25 22.69 -9.56
CA VAL D 37 31.75 21.97 -8.41
C VAL D 37 32.76 20.83 -8.12
N GLN D 38 33.37 20.85 -6.94
CA GLN D 38 34.20 19.73 -6.46
C GLN D 38 33.37 19.07 -5.38
N ALA D 39 33.36 17.74 -5.31
CA ALA D 39 32.48 17.07 -4.34
C ALA D 39 32.96 15.70 -4.02
N MET D 40 32.74 15.29 -2.79
CA MET D 40 33.21 13.99 -2.37
C MET D 40 32.04 13.21 -1.85
N ASP D 41 31.97 11.92 -2.13
CA ASP D 41 30.87 11.17 -1.54
C ASP D 41 31.13 11.03 -0.06
N SER D 42 30.05 11.01 0.72
CA SER D 42 30.07 10.76 2.17
C SER D 42 31.07 9.69 2.60
N SER D 43 31.12 8.57 1.88
CA SER D 43 32.10 7.51 2.17
C SER D 43 33.55 7.80 1.73
N HIS D 44 33.81 9.03 1.28
CA HIS D 44 35.18 9.50 0.94
C HIS D 44 35.97 8.58 0.03
N VAL D 45 35.36 8.12 -1.06
CA VAL D 45 35.92 7.12 -1.98
C VAL D 45 35.87 7.59 -3.45
N ALA D 46 35.19 8.70 -3.68
CA ALA D 46 34.90 9.08 -5.04
C ALA D 46 34.62 10.57 -5.14
N LEU D 47 34.76 11.09 -6.36
CA LEU D 47 35.00 12.50 -6.51
C LEU D 47 34.36 13.08 -7.74
N VAL D 48 33.64 14.16 -7.58
CA VAL D 48 33.11 14.85 -8.75
C VAL D 48 33.79 16.17 -8.91
N HIS D 49 34.25 16.39 -10.12
CA HIS D 49 34.70 17.67 -10.50
C HIS D 49 33.93 18.05 -11.69
N MET D 50 33.35 19.24 -11.67
CA MET D 50 32.55 19.67 -12.80
C MET D 50 32.79 21.12 -13.15
N LEU D 51 33.19 21.38 -14.40
CA LEU D 51 33.37 22.77 -14.77
C LEU D 51 32.55 23.16 -15.96
N LEU D 52 32.02 24.37 -15.89
CA LEU D 52 31.48 25.00 -17.07
C LEU D 52 32.09 26.37 -17.31
N ARG D 53 33.08 26.39 -18.22
CA ARG D 53 33.67 27.60 -18.80
C ARG D 53 32.68 28.76 -19.15
N ASP D 54 33.00 29.99 -18.75
CA ASP D 54 32.15 31.15 -19.07
C ASP D 54 31.63 31.29 -20.49
N ASP D 55 32.31 30.73 -21.48
CA ASP D 55 31.92 30.89 -22.90
C ASP D 55 30.70 30.05 -23.14
N CYS D 56 30.41 29.23 -22.13
CA CYS D 56 29.34 28.26 -22.15
C CYS D 56 27.97 28.88 -21.97
N PHE D 57 27.88 30.07 -21.42
CA PHE D 57 26.58 30.69 -21.14
C PHE D 57 26.24 31.78 -22.16
N VAL D 58 24.96 32.08 -22.34
CA VAL D 58 24.63 33.19 -23.22
C VAL D 58 24.80 34.56 -22.53
N LYS D 59 25.00 34.53 -21.22
CA LYS D 59 25.26 35.75 -20.46
C LYS D 59 25.99 35.25 -19.23
N TYR D 60 27.06 35.93 -18.84
CA TYR D 60 27.87 35.51 -17.69
C TYR D 60 28.63 36.66 -17.06
N GLN D 61 28.34 36.93 -15.79
CA GLN D 61 28.91 38.05 -15.05
C GLN D 61 29.40 37.55 -13.69
N CYS D 62 30.69 37.70 -13.43
CA CYS D 62 31.27 37.25 -12.18
C CYS D 62 32.54 38.02 -11.84
N GLY D 63 32.43 39.27 -11.41
CA GLY D 63 33.62 40.07 -11.24
C GLY D 63 34.57 39.51 -10.20
N ARG D 64 34.03 39.08 -9.07
CA ARG D 64 34.86 38.47 -8.01
C ARG D 64 34.45 37.02 -7.76
N ASN D 65 35.30 36.22 -7.14
CA ASN D 65 34.97 34.80 -7.03
C ASN D 65 34.20 34.32 -5.80
N SER D 66 32.90 34.67 -5.74
CA SER D 66 31.85 34.14 -4.77
C SER D 66 31.49 32.63 -4.81
N ILE D 67 31.25 32.03 -3.64
CA ILE D 67 30.80 30.60 -3.52
C ILE D 67 29.31 30.46 -3.12
N LEU D 68 28.58 29.55 -3.78
CA LEU D 68 27.21 29.24 -3.37
C LEU D 68 27.08 27.75 -3.05
N GLY D 69 26.86 27.44 -1.78
CA GLY D 69 26.56 26.07 -1.33
C GLY D 69 25.06 25.87 -1.47
N LEU D 70 24.63 24.74 -2.00
CA LEU D 70 23.21 24.52 -2.02
C LEU D 70 22.75 23.09 -2.13
N ASN D 71 21.48 22.93 -1.77
CA ASN D 71 20.91 21.62 -1.63
C ASN D 71 20.56 20.96 -2.95
N LEU D 72 21.30 19.89 -3.26
CA LEU D 72 21.13 19.17 -4.54
C LEU D 72 19.78 18.43 -4.69
N ALA D 73 19.33 17.81 -3.59
CA ALA D 73 17.96 17.37 -3.49
C ALA D 73 16.95 18.46 -3.93
N SER D 74 16.92 19.60 -3.27
CA SER D 74 15.97 20.63 -3.67
C SER D 74 16.17 21.07 -5.11
N LEU D 75 17.43 21.15 -5.51
CA LEU D 75 17.73 21.74 -6.79
C LEU D 75 17.24 20.77 -7.83
N SER D 76 17.58 19.49 -7.63
CA SER D 76 17.07 18.44 -8.49
C SER D 76 15.54 18.56 -8.64
N LYS D 77 14.84 18.68 -7.51
CA LYS D 77 13.38 18.86 -7.48
C LYS D 77 12.87 20.02 -8.35
N VAL D 78 13.50 21.19 -8.25
CA VAL D 78 13.05 22.36 -9.00
C VAL D 78 13.27 22.15 -10.49
N LEU D 79 14.41 21.61 -10.84
CA LEU D 79 14.72 21.43 -12.23
C LEU D 79 13.93 20.29 -12.91
N LYS D 80 13.38 19.34 -12.13
CA LYS D 80 12.47 18.36 -12.74
C LYS D 80 11.34 19.15 -13.40
N ILE D 81 10.87 20.21 -12.76
CA ILE D 81 9.71 20.96 -13.26
C ILE D 81 10.05 21.85 -14.47
N VAL D 82 11.31 22.22 -14.65
CA VAL D 82 11.66 23.20 -15.68
C VAL D 82 11.84 22.60 -17.06
N ASP D 83 11.17 23.21 -18.05
CA ASP D 83 11.17 22.64 -19.38
C ASP D 83 12.58 22.63 -19.95
N SER D 84 12.89 21.54 -20.62
CA SER D 84 14.21 21.31 -21.25
C SER D 84 14.66 22.49 -22.11
N ASN D 85 13.72 23.08 -22.84
CA ASN D 85 14.04 24.02 -23.92
C ASN D 85 13.83 25.47 -23.59
N ASP D 86 13.44 25.71 -22.35
CA ASP D 86 13.42 27.03 -21.77
C ASP D 86 14.84 27.53 -21.45
N SER D 87 14.99 28.85 -21.46
CA SER D 87 16.20 29.46 -20.98
C SER D 87 16.20 29.32 -19.46
N LEU D 88 17.36 29.38 -18.85
CA LEU D 88 17.39 29.36 -17.42
C LEU D 88 18.56 30.17 -16.87
N SER D 89 18.21 31.22 -16.11
CA SER D 89 19.18 32.16 -15.56
C SER D 89 19.36 32.05 -14.05
N LEU D 90 20.60 32.18 -13.61
CA LEU D 90 20.94 32.01 -12.23
C LEU D 90 21.44 33.33 -11.67
N ARG D 91 20.83 33.84 -10.59
CA ARG D 91 21.21 35.14 -10.02
C ARG D 91 21.47 35.07 -8.50
N HIS D 92 22.39 35.90 -8.01
CA HIS D 92 22.63 36.11 -6.57
C HIS D 92 23.08 37.52 -6.34
N ASP D 93 22.43 38.24 -5.42
CA ASP D 93 22.81 39.62 -5.12
C ASP D 93 23.70 39.65 -3.92
N ASP D 94 24.42 40.75 -3.73
CA ASP D 94 25.40 40.87 -2.66
C ASP D 94 24.78 40.26 -1.41
N ASP D 95 25.51 39.29 -0.81
CA ASP D 95 25.14 38.53 0.43
C ASP D 95 23.66 38.07 0.59
N SER D 96 22.96 37.93 -0.53
CA SER D 96 21.51 37.75 -0.49
C SER D 96 21.11 36.50 0.29
N ASP D 97 21.87 35.43 0.10
CA ASP D 97 21.68 34.17 0.82
C ASP D 97 20.62 33.32 0.14
N VAL D 98 20.00 33.89 -0.88
CA VAL D 98 19.07 33.14 -1.71
C VAL D 98 19.46 33.32 -3.16
N VAL D 99 19.59 32.21 -3.87
CA VAL D 99 19.82 32.27 -5.31
C VAL D 99 18.48 32.19 -6.04
N THR D 100 18.32 32.94 -7.14
CA THR D 100 17.07 32.92 -7.92
C THR D 100 17.19 32.33 -9.35
N LEU D 101 16.42 31.27 -9.61
CA LEU D 101 16.36 30.63 -10.93
C LEU D 101 15.22 31.16 -11.80
N THR D 102 15.51 31.43 -13.07
CA THR D 102 14.53 32.13 -13.94
C THR D 102 14.40 31.56 -15.34
N SER D 103 13.34 30.80 -15.52
CA SER D 103 13.07 30.12 -16.77
C SER D 103 12.21 31.00 -17.64
N GLU D 104 12.45 30.92 -18.94
CA GLU D 104 11.64 31.68 -19.82
C GLU D 104 11.48 30.95 -21.13
N ASN D 105 10.26 31.03 -21.65
CA ASN D 105 9.91 30.61 -22.99
C ASN D 105 10.87 31.09 -24.03
N PRO D 106 11.02 30.34 -25.13
CA PRO D 106 11.71 31.03 -26.21
C PRO D 106 11.00 32.36 -26.56
N GLU D 107 9.67 32.33 -26.65
CA GLU D 107 8.85 33.48 -27.06
C GLU D 107 8.37 34.31 -25.88
N LYS D 108 9.17 34.36 -24.82
CA LYS D 108 8.91 35.25 -23.70
C LYS D 108 7.47 35.26 -23.13
N THR D 109 6.72 34.18 -23.37
CA THR D 109 5.29 34.17 -23.09
C THR D 109 4.90 33.63 -21.69
N ARG D 110 5.74 32.79 -21.12
CA ARG D 110 5.54 32.35 -19.76
C ARG D 110 6.92 32.57 -19.11
N LYS D 111 6.93 33.03 -17.84
CA LYS D 111 8.16 33.30 -17.08
C LYS D 111 8.03 32.62 -15.74
N CYS D 112 9.08 31.94 -15.30
CA CYS D 112 9.05 31.24 -14.02
C CYS D 112 10.19 31.70 -13.15
N GLU D 113 9.92 31.86 -11.86
CA GLU D 113 10.97 32.22 -10.91
C GLU D 113 10.93 31.39 -9.64
N TYR D 114 12.00 30.63 -9.42
CA TYR D 114 12.15 29.83 -8.23
C TYR D 114 13.33 30.36 -7.40
N GLN D 115 13.21 30.27 -6.09
CA GLN D 115 14.24 30.73 -5.20
C GLN D 115 14.59 29.65 -4.20
N LEU D 116 15.88 29.38 -4.02
CA LEU D 116 16.31 28.38 -3.05
C LEU D 116 17.21 28.97 -1.97
N LYS D 117 17.08 28.44 -0.75
CA LYS D 117 17.90 28.91 0.37
C LYS D 117 19.26 28.25 0.20
N LEU D 118 20.33 28.95 0.54
CA LEU D 118 21.65 28.33 0.37
C LEU D 118 22.19 27.97 1.71
N LEU D 119 23.31 27.28 1.73
CA LEU D 119 23.89 26.79 2.96
C LEU D 119 25.39 26.90 3.07
N GLU D 120 25.87 26.59 4.25
CA GLU D 120 27.27 26.55 4.42
C GLU D 120 27.67 25.12 4.40
N ILE D 121 28.47 24.77 3.40
CA ILE D 121 29.04 23.43 3.34
C ILE D 121 30.53 23.56 3.60
N GLU D 122 31.07 22.66 4.42
CA GLU D 122 32.48 22.69 4.78
C GLU D 122 33.35 22.10 3.67
N ALA D 123 34.53 22.67 3.45
CA ALA D 123 35.35 22.26 2.31
C ALA D 123 35.71 20.79 2.43
N GLU D 124 35.58 20.06 1.33
CA GLU D 124 35.79 18.62 1.36
C GLU D 124 37.23 18.17 1.17
N SER D 125 38.07 18.48 2.16
CA SER D 125 39.36 17.84 2.30
C SER D 125 40.27 17.91 1.07
N MET D 126 40.76 16.72 0.70
CA MET D 126 41.83 16.52 -0.27
C MET D 126 41.47 17.13 -1.63
N GLY D 127 42.35 17.99 -2.17
CA GLY D 127 42.24 18.43 -3.58
C GLY D 127 42.08 17.19 -4.45
N ILE D 128 42.20 17.34 -5.78
CA ILE D 128 42.03 16.16 -6.64
C ILE D 128 43.37 15.42 -6.93
N PRO D 129 43.37 14.05 -7.01
CA PRO D 129 44.57 13.25 -7.36
C PRO D 129 45.21 13.53 -8.73
N GLU D 130 46.52 13.80 -8.72
CA GLU D 130 47.23 14.45 -9.85
C GLU D 130 47.70 13.51 -10.95
N MET D 131 48.58 12.59 -10.56
CA MET D 131 49.49 11.92 -11.47
C MET D 131 48.71 10.97 -12.39
N ASP D 132 48.83 11.12 -13.72
CA ASP D 132 48.18 10.11 -14.61
C ASP D 132 49.21 9.42 -15.48
N TYR D 133 48.93 8.15 -15.78
CA TYR D 133 49.86 7.25 -16.51
C TYR D 133 49.22 6.76 -17.80
N ARG D 134 49.95 5.91 -18.53
CA ARG D 134 49.57 5.53 -19.88
C ARG D 134 48.60 4.36 -19.93
N SER D 135 47.41 4.55 -19.38
CA SER D 135 46.30 3.66 -19.65
C SER D 135 45.11 4.52 -20.02
N THR D 136 44.56 4.30 -21.20
CA THR D 136 43.40 5.08 -21.62
C THR D 136 42.46 4.27 -22.50
N VAL D 137 41.17 4.60 -22.41
CA VAL D 137 40.19 4.01 -23.29
C VAL D 137 38.99 4.95 -23.42
N THR D 138 38.48 5.04 -24.64
CA THR D 138 37.41 5.98 -24.94
C THR D 138 36.34 5.26 -25.73
N LEU D 139 35.15 5.17 -25.14
CA LEU D 139 34.04 4.48 -25.74
C LEU D 139 32.77 5.30 -25.80
N ASN D 140 31.77 4.71 -26.45
CA ASN D 140 30.45 5.28 -26.51
C ASN D 140 29.98 5.37 -25.05
N SER D 141 29.51 6.56 -24.69
CA SER D 141 29.07 6.80 -23.33
C SER D 141 27.98 5.83 -22.94
N ALA D 142 27.02 5.68 -23.87
CA ALA D 142 25.84 4.87 -23.66
C ALA D 142 26.21 3.42 -23.65
N GLU D 143 27.19 3.01 -24.45
CA GLU D 143 27.63 1.60 -24.30
C GLU D 143 28.29 1.38 -22.95
N PHE D 144 29.09 2.35 -22.53
CA PHE D 144 29.69 2.25 -21.22
C PHE D 144 28.55 2.05 -20.20
N ALA D 145 27.55 2.94 -20.27
CA ALA D 145 26.46 2.96 -19.28
C ALA D 145 25.81 1.59 -19.18
N LYS D 146 25.42 1.03 -20.33
CA LYS D 146 24.87 -0.32 -20.39
C LYS D 146 25.79 -1.29 -19.68
N ILE D 147 27.06 -1.33 -20.03
CA ILE D 147 27.98 -2.31 -19.42
C ILE D 147 27.97 -2.36 -17.89
N VAL D 148 27.89 -1.21 -17.21
CA VAL D 148 27.84 -1.26 -15.73
C VAL D 148 26.54 -1.85 -15.21
N ARG D 149 25.41 -1.23 -15.55
CA ARG D 149 24.07 -1.78 -15.33
C ARG D 149 24.01 -3.32 -15.61
N ASP D 150 24.58 -3.74 -16.74
CA ASP D 150 24.77 -5.15 -17.10
C ASP D 150 25.57 -5.92 -16.07
N MET D 151 26.83 -5.52 -15.87
CA MET D 151 27.73 -6.21 -14.95
C MET D 151 27.15 -6.33 -13.55
N GLN D 152 26.16 -5.48 -13.28
CA GLN D 152 25.57 -5.44 -11.95
C GLN D 152 24.56 -6.52 -11.68
N VAL D 153 24.15 -7.29 -12.69
CA VAL D 153 23.28 -8.43 -12.42
C VAL D 153 24.09 -9.56 -11.79
N PHE D 154 25.42 -9.47 -11.90
CA PHE D 154 26.31 -10.49 -11.34
C PHE D 154 26.86 -10.17 -9.96
N GLY D 155 27.64 -9.10 -9.85
CA GLY D 155 28.22 -8.73 -8.57
C GLY D 155 28.15 -7.25 -8.29
N ASP D 156 29.05 -6.80 -7.43
CA ASP D 156 29.10 -5.38 -7.12
C ASP D 156 30.50 -4.84 -7.37
N THR D 157 31.32 -5.62 -8.05
CA THR D 157 32.64 -5.14 -8.43
C THR D 157 32.99 -5.50 -9.85
N VAL D 158 33.09 -4.48 -10.70
CA VAL D 158 33.52 -4.70 -12.08
C VAL D 158 35.04 -4.78 -12.17
N THR D 159 35.55 -5.75 -12.92
CA THR D 159 36.97 -5.76 -13.20
C THR D 159 37.34 -5.37 -14.62
N ILE D 160 37.88 -4.16 -14.70
CA ILE D 160 38.37 -3.59 -15.94
C ILE D 160 39.80 -3.96 -16.29
N ALA D 161 40.00 -4.40 -17.54
CA ALA D 161 41.30 -4.89 -18.02
C ALA D 161 41.63 -4.31 -19.38
N ILE D 162 42.65 -3.44 -19.41
CA ILE D 162 43.16 -2.83 -20.65
C ILE D 162 44.29 -3.67 -21.27
N SER D 163 44.08 -4.04 -22.54
CA SER D 163 45.02 -4.80 -23.36
C SER D 163 45.17 -3.97 -24.66
N LYS D 164 46.28 -4.17 -25.37
CA LYS D 164 46.48 -3.58 -26.71
C LYS D 164 45.18 -3.67 -27.53
N GLU D 165 44.58 -4.85 -27.48
CA GLU D 165 43.53 -5.31 -28.39
C GLU D 165 42.17 -4.74 -28.02
N GLY D 166 41.78 -4.97 -26.78
CA GLY D 166 40.58 -4.34 -26.27
C GLY D 166 40.48 -4.31 -24.78
N VAL D 167 39.40 -3.69 -24.33
CA VAL D 167 39.10 -3.55 -22.92
C VAL D 167 38.07 -4.62 -22.47
N LYS D 168 38.35 -5.28 -21.35
CA LYS D 168 37.51 -6.37 -20.81
C LYS D 168 36.93 -6.05 -19.43
N PHE D 169 35.61 -5.84 -19.41
CA PHE D 169 34.79 -5.78 -18.20
C PHE D 169 34.20 -7.14 -17.77
N SER D 170 34.43 -7.52 -16.51
CA SER D 170 34.03 -8.82 -15.97
C SER D 170 33.54 -8.62 -14.55
N SER D 171 32.81 -9.62 -14.07
CA SER D 171 32.09 -9.58 -12.80
C SER D 171 31.58 -10.98 -12.42
N SER D 172 31.57 -11.26 -11.13
CA SER D 172 31.03 -12.52 -10.61
C SER D 172 30.00 -12.33 -9.50
N GLY D 173 29.21 -13.36 -9.27
CA GLY D 173 28.30 -13.33 -8.16
C GLY D 173 27.41 -14.55 -8.13
N ASP D 174 26.36 -14.46 -7.31
CA ASP D 174 25.38 -15.50 -7.18
C ASP D 174 24.92 -15.96 -8.58
N VAL D 175 24.51 -15.04 -9.45
CA VAL D 175 23.92 -15.45 -10.73
C VAL D 175 24.85 -16.30 -11.58
N GLY D 176 26.14 -15.96 -11.53
CA GLY D 176 27.17 -16.55 -12.37
C GLY D 176 28.22 -15.50 -12.71
N GLN D 177 28.90 -15.69 -13.82
CA GLN D 177 29.96 -14.78 -14.19
C GLN D 177 29.65 -14.24 -15.53
N GLY D 178 30.22 -13.08 -15.81
CA GLY D 178 29.90 -12.43 -17.06
C GLY D 178 30.98 -11.45 -17.40
N TYR D 179 31.27 -11.33 -18.69
CA TYR D 179 32.15 -10.28 -19.16
C TYR D 179 31.69 -9.68 -20.47
N THR D 180 32.13 -8.45 -20.70
CA THR D 180 31.91 -7.77 -21.95
C THR D 180 33.31 -7.43 -22.48
N PHE D 181 33.56 -7.75 -23.76
CA PHE D 181 34.84 -7.44 -24.39
C PHE D 181 34.63 -6.54 -25.61
N LEU D 182 35.47 -5.52 -25.71
CA LEU D 182 35.39 -4.53 -26.77
C LEU D 182 36.76 -4.40 -27.38
N GLN D 183 36.86 -4.07 -28.67
CA GLN D 183 38.19 -4.00 -29.29
C GLN D 183 38.51 -2.69 -30.01
N ALA D 184 39.80 -2.47 -30.30
CA ALA D 184 40.21 -1.20 -30.91
C ALA D 184 41.36 -1.32 -31.91
N ALA D 185 41.38 -2.38 -32.71
CA ALA D 185 42.57 -2.64 -33.53
C ALA D 185 42.89 -1.53 -34.53
N GLY D 186 41.88 -1.04 -35.24
CA GLY D 186 42.07 0.04 -36.19
C GLY D 186 40.77 0.72 -36.56
N VAL D 187 40.85 1.91 -37.15
CA VAL D 187 39.64 2.51 -37.74
C VAL D 187 39.68 2.46 -39.29
N SER D 188 40.87 2.74 -39.86
CA SER D 188 41.29 2.32 -41.24
C SER D 188 40.50 2.68 -42.53
N ASP D 189 40.00 3.91 -42.76
CA ASP D 189 40.03 5.09 -41.89
C ASP D 189 38.73 5.87 -42.12
N ARG D 190 37.83 5.92 -41.13
CA ARG D 190 36.52 6.58 -41.28
C ARG D 190 36.34 7.75 -40.28
N GLY D 194 34.00 1.61 -32.65
CA GLY D 194 33.89 2.73 -31.72
C GLY D 194 35.06 2.89 -30.75
N VAL D 195 35.68 1.80 -30.30
CA VAL D 195 36.65 1.88 -29.18
C VAL D 195 38.08 2.25 -29.54
N GLU D 196 38.63 3.18 -28.75
CA GLU D 196 39.99 3.72 -28.92
C GLU D 196 40.81 3.54 -27.66
N VAL D 197 41.44 2.37 -27.53
CA VAL D 197 42.45 2.11 -26.51
C VAL D 197 43.73 2.87 -26.90
N THR D 198 44.42 3.44 -25.92
CA THR D 198 45.78 4.01 -26.13
C THR D 198 46.63 3.90 -24.86
N MET D 199 47.13 2.70 -24.59
CA MET D 199 47.90 2.49 -23.39
C MET D 199 49.40 2.34 -23.64
N GLU D 200 50.19 2.46 -22.57
CA GLU D 200 51.61 2.08 -22.54
C GLU D 200 51.74 0.60 -22.17
N GLU D 201 51.29 0.24 -20.97
CA GLU D 201 51.33 -1.15 -20.51
C GLU D 201 49.95 -1.71 -20.08
N PRO D 202 49.68 -3.00 -20.35
CA PRO D 202 48.58 -3.69 -19.69
C PRO D 202 48.43 -3.32 -18.20
N ILE D 203 47.19 -3.29 -17.74
CA ILE D 203 46.81 -2.74 -16.43
C ILE D 203 45.38 -3.18 -16.10
N THR D 204 45.22 -3.82 -14.94
CA THR D 204 43.97 -4.47 -14.56
C THR D 204 43.57 -4.15 -13.13
N LEU D 205 42.73 -3.12 -13.00
CA LEU D 205 42.10 -2.75 -11.72
C LEU D 205 40.62 -3.22 -11.58
N SER D 206 40.05 -3.04 -10.40
CA SER D 206 38.63 -3.31 -10.23
C SER D 206 38.01 -2.24 -9.38
N PHE D 207 36.68 -2.22 -9.36
CA PHE D 207 35.97 -1.06 -8.86
C PHE D 207 34.58 -1.34 -8.30
N ALA D 208 34.19 -0.42 -7.44
CA ALA D 208 32.87 -0.41 -6.87
C ALA D 208 31.80 -0.05 -7.93
N LEU D 209 31.05 -1.07 -8.37
CA LEU D 209 29.97 -0.87 -9.36
C LEU D 209 28.93 0.18 -9.00
N ARG D 210 28.53 0.24 -7.73
CA ARG D 210 27.64 1.27 -7.22
C ARG D 210 28.02 2.65 -7.77
N PHE D 211 29.32 2.95 -7.76
CA PHE D 211 29.79 4.25 -8.18
C PHE D 211 29.92 4.38 -9.67
N MET D 212 30.32 3.30 -10.33
CA MET D 212 30.44 3.32 -11.78
C MET D 212 29.06 3.63 -12.40
N GLY D 213 28.04 2.97 -11.82
CA GLY D 213 26.66 3.31 -12.07
C GLY D 213 26.47 4.80 -11.88
N ILE D 214 26.64 5.29 -10.65
CA ILE D 214 26.48 6.72 -10.43
C ILE D 214 27.11 7.50 -11.57
N PHE D 215 28.33 7.12 -11.98
CA PHE D 215 29.18 7.93 -12.91
C PHE D 215 28.60 7.96 -14.28
N ALA D 216 28.28 6.75 -14.73
CA ALA D 216 27.71 6.50 -16.05
C ALA D 216 26.53 7.41 -16.47
N LYS D 217 25.78 7.96 -15.50
CA LYS D 217 24.66 8.88 -15.76
C LYS D 217 25.15 10.00 -16.67
N GLY D 218 26.46 10.24 -16.59
CA GLY D 218 27.14 11.26 -17.39
C GLY D 218 26.85 11.17 -18.88
N SER D 219 26.44 9.97 -19.31
CA SER D 219 26.29 9.66 -20.72
C SER D 219 25.20 10.51 -21.34
N THR D 220 24.25 10.97 -20.54
CA THR D 220 23.34 12.00 -21.00
C THR D 220 23.96 13.30 -21.45
N LEU D 221 25.23 13.52 -21.08
CA LEU D 221 25.96 14.78 -21.32
C LEU D 221 26.75 14.79 -22.62
N SER D 222 27.56 13.74 -22.80
CA SER D 222 28.46 13.53 -23.93
C SER D 222 28.22 12.16 -24.61
N GLU D 223 28.12 12.12 -25.93
CA GLU D 223 28.03 10.84 -26.65
C GLU D 223 29.17 9.86 -26.39
N ARG D 224 30.34 10.38 -26.03
CA ARG D 224 31.48 9.50 -25.77
C ARG D 224 32.03 9.73 -24.35
N VAL D 225 32.95 8.88 -23.91
CA VAL D 225 33.41 8.97 -22.54
C VAL D 225 34.84 8.41 -22.48
N THR D 226 35.73 9.07 -21.73
CA THR D 226 37.13 8.64 -21.61
C THR D 226 37.40 8.13 -20.22
N LEU D 227 38.01 6.96 -20.15
CA LEU D 227 38.46 6.44 -18.88
C LEU D 227 39.97 6.36 -18.90
N LYS D 228 40.60 6.99 -17.90
CA LYS D 228 42.06 6.98 -17.69
C LYS D 228 42.32 6.15 -16.41
N PHE D 229 43.43 5.40 -16.40
CA PHE D 229 43.83 4.50 -15.31
C PHE D 229 45.32 4.66 -14.96
N ALA D 230 45.77 3.97 -13.91
CA ALA D 230 47.15 4.07 -13.44
C ALA D 230 47.35 3.06 -12.33
N LYS D 231 48.33 2.17 -12.48
CA LYS D 231 48.55 1.10 -11.50
C LYS D 231 48.22 1.57 -10.07
N ASP D 232 47.50 0.75 -9.32
CA ASP D 232 47.08 1.12 -7.97
C ASP D 232 46.67 2.59 -7.72
N SER D 233 45.87 3.17 -8.62
CA SER D 233 45.38 4.56 -8.49
C SER D 233 43.86 4.78 -8.79
N PRO D 234 43.29 5.90 -8.27
CA PRO D 234 41.96 6.31 -8.65
C PRO D 234 41.85 6.55 -10.14
N CYS D 235 41.04 5.75 -10.81
CA CYS D 235 40.71 6.02 -12.19
C CYS D 235 39.92 7.33 -12.38
N MET D 236 39.62 7.60 -13.63
CA MET D 236 38.94 8.83 -13.94
C MET D 236 37.95 8.59 -15.06
N VAL D 237 36.76 9.15 -14.93
CA VAL D 237 35.86 9.11 -16.06
C VAL D 237 35.57 10.54 -16.48
N GLU D 238 35.75 10.81 -17.77
CA GLU D 238 35.59 12.17 -18.17
C GLU D 238 34.49 12.23 -19.18
N TYR D 239 33.55 13.13 -18.99
CA TYR D 239 32.55 13.36 -20.03
C TYR D 239 32.77 14.77 -20.46
N GLY D 240 33.30 14.96 -21.63
CA GLY D 240 33.48 16.32 -22.01
C GLY D 240 32.13 16.83 -22.43
N ILE D 241 31.76 18.00 -21.94
CA ILE D 241 30.69 18.78 -22.51
C ILE D 241 31.31 19.29 -23.81
N ASP D 242 30.50 19.81 -24.73
CA ASP D 242 31.01 20.04 -26.06
C ASP D 242 31.83 21.32 -26.12
N ASN D 243 32.97 21.26 -25.45
CA ASN D 243 34.01 22.29 -25.50
C ASN D 243 33.73 23.45 -24.56
N VAL D 244 32.59 23.41 -23.89
CA VAL D 244 32.23 24.44 -22.93
C VAL D 244 32.45 24.01 -21.49
N GLY D 245 32.94 22.79 -21.29
CA GLY D 245 33.14 22.31 -19.91
C GLY D 245 33.45 20.84 -19.85
N TYR D 246 33.39 20.25 -18.66
CA TYR D 246 33.56 18.82 -18.53
C TYR D 246 32.97 18.41 -17.22
N LEU D 247 32.57 17.14 -17.17
CA LEU D 247 32.21 16.44 -15.94
C LEU D 247 33.19 15.31 -15.76
N ARG D 248 33.80 15.26 -14.59
CA ARG D 248 34.94 14.40 -14.40
C ARG D 248 34.80 13.68 -13.05
N TYR D 249 34.92 12.35 -13.03
CA TYR D 249 34.68 11.58 -11.79
C TYR D 249 35.94 10.85 -11.49
N TYR D 250 36.24 10.69 -10.20
CA TYR D 250 37.45 9.98 -9.81
C TYR D 250 37.00 8.92 -8.84
N LEU D 251 37.39 7.67 -9.07
CA LEU D 251 37.08 6.60 -8.10
C LEU D 251 38.29 5.74 -7.63
N ALA D 252 38.31 5.44 -6.33
CA ALA D 252 39.29 4.54 -5.71
C ALA D 252 39.19 3.13 -6.24
N PRO D 253 40.34 2.52 -6.61
CA PRO D 253 40.28 1.09 -6.87
C PRO D 253 40.10 0.34 -5.59
N LYS D 254 39.81 -0.93 -5.72
CA LYS D 254 39.58 -1.75 -4.59
C LYS D 254 40.64 -2.79 -4.67
N VAL D 255 41.51 -2.81 -3.67
CA VAL D 255 42.59 -3.79 -3.60
C VAL D 255 42.54 -4.42 -2.21
N ASP D 256 42.72 -5.74 -2.14
CA ASP D 256 42.60 -6.50 -0.89
C ASP D 256 43.63 -6.07 0.18
N MET E 1 -36.30 1.62 -17.56
CA MET E 1 -35.42 0.85 -18.50
C MET E 1 -34.57 1.81 -19.34
N LEU E 2 -33.82 2.67 -18.63
CA LEU E 2 -32.66 3.47 -19.17
C LEU E 2 -31.66 2.80 -20.17
N GLU E 3 -31.05 3.63 -21.01
CA GLU E 3 -30.00 3.22 -21.93
C GLU E 3 -29.22 4.50 -22.27
N ALA E 4 -27.90 4.42 -22.31
CA ALA E 4 -27.10 5.59 -22.68
C ALA E 4 -25.81 5.19 -23.44
N GLN E 5 -25.90 5.19 -24.76
CA GLN E 5 -24.78 4.77 -25.62
C GLN E 5 -23.97 5.91 -26.16
N VAL E 6 -22.77 6.10 -25.62
CA VAL E 6 -21.77 6.97 -26.23
C VAL E 6 -21.05 6.19 -27.33
N GLN E 7 -20.33 6.91 -28.18
CA GLN E 7 -19.83 6.30 -29.41
C GLN E 7 -18.40 5.87 -29.25
N PHE E 8 -17.62 6.70 -28.57
CA PHE E 8 -16.25 6.33 -28.30
C PHE E 8 -16.13 6.22 -26.80
N ALA E 9 -15.88 4.99 -26.31
CA ALA E 9 -15.86 4.70 -24.86
C ALA E 9 -14.79 5.48 -24.14
N SER E 10 -13.92 6.09 -24.93
CA SER E 10 -12.80 6.81 -24.41
C SER E 10 -13.25 7.93 -23.50
N LEU E 11 -14.47 8.41 -23.73
CA LEU E 11 -14.95 9.56 -23.00
C LEU E 11 -15.25 9.21 -21.55
N TRP E 12 -16.01 8.13 -21.40
CA TRP E 12 -16.40 7.63 -20.10
C TRP E 12 -15.16 7.37 -19.30
N LYS E 13 -14.23 6.65 -19.94
CA LYS E 13 -12.90 6.41 -19.42
C LYS E 13 -12.26 7.71 -18.96
N ARG E 14 -12.15 8.73 -19.80
CA ARG E 14 -11.41 9.90 -19.32
C ARG E 14 -12.16 10.60 -18.18
N LEU E 15 -13.49 10.42 -18.11
CA LEU E 15 -14.31 11.05 -17.08
C LEU E 15 -14.16 10.42 -15.71
N VAL E 16 -14.60 9.17 -15.58
CA VAL E 16 -14.50 8.41 -14.34
C VAL E 16 -13.14 8.50 -13.66
N GLU E 17 -12.09 8.52 -14.47
CA GLU E 17 -10.76 8.92 -14.03
C GLU E 17 -10.77 10.21 -13.26
N CYS E 18 -11.25 11.27 -13.89
CA CYS E 18 -11.12 12.62 -13.32
C CYS E 18 -11.84 12.65 -12.04
N ILE E 19 -13.05 12.10 -12.11
CA ILE E 19 -13.95 12.12 -11.00
C ILE E 19 -13.55 11.17 -9.83
N ASN E 20 -13.09 9.95 -10.16
CA ASN E 20 -12.59 8.96 -9.18
C ASN E 20 -11.53 9.55 -8.32
N GLY E 21 -10.71 10.36 -8.94
CA GLY E 21 -9.74 11.08 -8.18
C GLY E 21 -10.27 11.93 -7.04
N LEU E 22 -11.59 12.09 -6.91
CA LEU E 22 -12.12 13.02 -5.91
C LEU E 22 -13.14 12.38 -4.98
N VAL E 23 -13.85 11.38 -5.48
CA VAL E 23 -14.80 10.66 -4.66
C VAL E 23 -14.77 9.23 -5.13
N ASN E 24 -14.93 8.26 -4.23
CA ASN E 24 -14.89 6.86 -4.70
C ASN E 24 -16.25 6.29 -5.02
N GLU E 25 -17.30 6.94 -4.55
CA GLU E 25 -18.64 6.56 -4.99
C GLU E 25 -19.37 7.81 -5.45
N ALA E 26 -20.46 7.63 -6.18
CA ALA E 26 -21.32 8.78 -6.54
C ALA E 26 -22.60 8.40 -7.24
N ASN E 27 -23.58 9.30 -7.19
CA ASN E 27 -24.86 9.04 -7.85
C ASN E 27 -24.94 9.55 -9.27
N PHE E 28 -25.55 8.74 -10.12
CA PHE E 28 -25.76 9.13 -11.49
C PHE E 28 -27.22 9.51 -11.70
N ASP E 29 -27.55 10.80 -11.52
CA ASP E 29 -28.89 11.32 -11.83
C ASP E 29 -29.10 11.19 -13.33
N CYS E 30 -30.03 10.32 -13.72
CA CYS E 30 -30.28 10.09 -15.11
C CYS E 30 -31.65 10.72 -15.25
N ASN E 31 -31.71 11.83 -16.01
CA ASN E 31 -32.94 12.53 -16.35
C ASN E 31 -33.03 12.50 -17.85
N PRO E 32 -34.22 12.75 -18.44
CA PRO E 32 -34.17 12.74 -19.92
C PRO E 32 -33.39 13.99 -20.40
N GLY E 33 -33.01 14.80 -19.40
CA GLY E 33 -32.08 15.91 -19.56
C GLY E 33 -30.75 15.38 -20.01
N GLY E 34 -30.24 14.46 -19.19
CA GLY E 34 -29.00 13.71 -19.46
C GLY E 34 -28.48 13.12 -18.15
N LEU E 35 -27.19 12.77 -18.11
CA LEU E 35 -26.61 12.23 -16.88
C LEU E 35 -25.86 13.30 -16.19
N SER E 36 -25.98 13.28 -14.88
CA SER E 36 -25.20 14.19 -14.08
C SER E 36 -24.73 13.48 -12.83
N VAL E 37 -23.63 13.98 -12.33
CA VAL E 37 -23.02 13.46 -11.16
C VAL E 37 -22.72 14.75 -10.38
N GLN E 38 -23.18 14.76 -9.13
CA GLN E 38 -22.87 15.82 -8.20
C GLN E 38 -22.29 15.15 -6.98
N ALA E 39 -21.28 15.73 -6.36
CA ALA E 39 -20.66 15.06 -5.24
C ALA E 39 -19.59 15.87 -4.58
N MET E 40 -19.38 15.57 -3.30
CA MET E 40 -18.36 16.24 -2.52
C MET E 40 -17.32 15.21 -2.07
N ASP E 41 -16.12 15.69 -1.74
CA ASP E 41 -15.10 14.80 -1.20
C ASP E 41 -15.44 14.53 0.25
N SER E 42 -14.76 13.56 0.83
CA SER E 42 -14.94 13.26 2.25
C SER E 42 -14.65 14.45 3.17
N SER E 43 -13.66 15.29 2.87
CA SER E 43 -13.45 16.46 3.76
C SER E 43 -14.32 17.66 3.43
N HIS E 44 -15.36 17.43 2.63
CA HIS E 44 -16.38 18.43 2.34
C HIS E 44 -15.82 19.84 2.02
N VAL E 45 -14.70 19.92 1.29
CA VAL E 45 -14.14 21.21 0.80
C VAL E 45 -14.34 21.43 -0.74
N ALA E 46 -14.61 20.34 -1.47
CA ALA E 46 -14.59 20.37 -2.92
C ALA E 46 -15.79 19.70 -3.54
N LEU E 47 -16.20 20.24 -4.68
CA LEU E 47 -17.45 19.82 -5.29
C LEU E 47 -17.19 19.35 -6.69
N VAL E 48 -17.93 18.34 -7.11
CA VAL E 48 -17.83 17.93 -8.51
C VAL E 48 -19.20 18.05 -9.09
N HIS E 49 -19.32 18.80 -10.18
CA HIS E 49 -20.51 18.70 -10.99
C HIS E 49 -20.15 18.26 -12.37
N MET E 50 -20.82 17.22 -12.85
CA MET E 50 -20.58 16.82 -14.21
C MET E 50 -21.89 16.58 -14.93
N LEU E 51 -22.02 17.19 -16.12
CA LEU E 51 -23.22 17.05 -16.94
C LEU E 51 -22.95 16.34 -18.27
N LEU E 52 -23.76 15.37 -18.63
CA LEU E 52 -23.70 14.90 -19.99
C LEU E 52 -25.02 15.06 -20.71
N ARG E 53 -25.29 16.26 -21.23
CA ARG E 53 -26.46 16.54 -22.08
C ARG E 53 -26.91 15.33 -22.92
N ASP E 54 -28.16 14.92 -22.82
CA ASP E 54 -28.71 13.81 -23.65
C ASP E 54 -28.28 13.75 -25.14
N ASP E 55 -27.91 14.89 -25.70
CA ASP E 55 -27.60 14.92 -27.14
C ASP E 55 -26.15 14.50 -27.35
N CYS E 56 -25.47 14.26 -26.23
CA CYS E 56 -24.12 13.72 -26.14
C CYS E 56 -23.98 12.25 -26.49
N PHE E 57 -25.07 11.49 -26.43
CA PHE E 57 -25.03 10.07 -26.69
C PHE E 57 -25.51 9.85 -28.09
N VAL E 58 -25.40 8.64 -28.60
CA VAL E 58 -25.85 8.33 -29.96
C VAL E 58 -27.09 7.49 -29.83
N LYS E 59 -27.56 7.35 -28.60
CA LYS E 59 -28.79 6.69 -28.26
C LYS E 59 -29.04 7.23 -26.89
N TYR E 60 -30.29 7.14 -26.46
CA TYR E 60 -30.64 7.61 -25.14
C TYR E 60 -32.11 7.32 -24.83
N GLN E 61 -32.36 7.09 -23.56
CA GLN E 61 -33.70 6.83 -23.07
C GLN E 61 -33.75 7.11 -21.59
N CYS E 62 -34.45 8.15 -21.17
CA CYS E 62 -34.69 8.33 -19.75
C CYS E 62 -36.10 8.87 -19.50
N GLY E 63 -37.12 8.07 -19.73
CA GLY E 63 -38.46 8.53 -19.46
C GLY E 63 -38.53 8.82 -17.99
N ARG E 64 -37.93 7.92 -17.23
CA ARG E 64 -37.81 8.03 -15.78
C ARG E 64 -36.77 9.07 -15.36
N ASN E 65 -36.77 9.44 -14.10
CA ASN E 65 -35.76 10.35 -13.54
C ASN E 65 -34.84 9.66 -12.54
N SER E 66 -34.72 8.35 -12.69
CA SER E 66 -34.00 7.44 -11.75
C SER E 66 -32.59 7.88 -11.29
N ILE E 67 -32.18 7.41 -10.12
CA ILE E 67 -30.82 7.61 -9.62
C ILE E 67 -30.08 6.26 -9.49
N LEU E 68 -28.80 6.21 -9.89
CA LEU E 68 -27.93 5.02 -9.74
C LEU E 68 -26.62 5.46 -9.11
N GLY E 69 -26.40 5.04 -7.88
CA GLY E 69 -25.12 5.18 -7.25
C GLY E 69 -24.28 4.01 -7.71
N LEU E 70 -22.97 4.23 -7.74
CA LEU E 70 -21.97 3.16 -7.90
C LEU E 70 -20.58 3.49 -7.43
N ASN E 71 -19.80 2.41 -7.47
CA ASN E 71 -18.44 2.38 -6.98
C ASN E 71 -17.52 2.83 -8.10
N LEU E 72 -16.85 3.96 -7.89
CA LEU E 72 -16.05 4.57 -8.93
C LEU E 72 -14.78 3.77 -9.04
N ALA E 73 -14.21 3.48 -7.87
CA ALA E 73 -13.13 2.53 -7.73
C ALA E 73 -13.38 1.26 -8.58
N SER E 74 -14.57 0.68 -8.53
CA SER E 74 -14.86 -0.47 -9.42
C SER E 74 -15.16 -0.13 -10.85
N LEU E 75 -15.78 1.00 -11.08
CA LEU E 75 -16.10 1.38 -12.44
C LEU E 75 -14.77 1.68 -13.15
N SER E 76 -13.87 2.35 -12.42
CA SER E 76 -12.56 2.70 -12.94
C SER E 76 -11.83 1.44 -13.39
N LYS E 77 -11.95 0.37 -12.60
CA LYS E 77 -11.35 -0.94 -12.88
C LYS E 77 -11.90 -1.55 -14.16
N VAL E 78 -13.22 -1.58 -14.29
CA VAL E 78 -13.84 -2.09 -15.51
C VAL E 78 -13.56 -1.17 -16.70
N LEU E 79 -13.36 0.10 -16.43
CA LEU E 79 -13.27 1.00 -17.57
C LEU E 79 -11.88 0.97 -18.18
N LYS E 80 -10.86 0.86 -17.32
CA LYS E 80 -9.49 0.63 -17.76
C LYS E 80 -9.39 -0.55 -18.77
N ILE E 81 -10.20 -1.59 -18.64
CA ILE E 81 -10.06 -2.68 -19.61
C ILE E 81 -10.88 -2.48 -20.89
N VAL E 82 -11.42 -1.31 -21.11
CA VAL E 82 -12.39 -1.21 -22.21
C VAL E 82 -11.76 -0.46 -23.32
N ASP E 83 -11.70 -1.08 -24.49
CA ASP E 83 -10.94 -0.41 -25.53
C ASP E 83 -11.41 1.02 -25.78
N SER E 84 -10.48 1.93 -25.97
CA SER E 84 -10.81 3.35 -26.17
C SER E 84 -11.82 3.72 -27.30
N ASN E 85 -11.82 2.97 -28.42
CA ASN E 85 -12.56 3.35 -29.65
C ASN E 85 -13.69 2.39 -29.93
N ASP E 86 -14.08 1.69 -28.87
CA ASP E 86 -15.32 0.92 -28.85
C ASP E 86 -16.51 1.78 -28.36
N SER E 87 -17.73 1.36 -28.74
CA SER E 87 -18.91 2.01 -28.25
C SER E 87 -19.19 1.53 -26.85
N LEU E 88 -19.99 2.28 -26.10
CA LEU E 88 -20.29 1.87 -24.73
C LEU E 88 -21.68 2.25 -24.13
N SER E 89 -22.57 1.26 -24.08
CA SER E 89 -23.90 1.41 -23.49
C SER E 89 -23.98 1.12 -22.02
N LEU E 90 -24.26 2.18 -21.24
CA LEU E 90 -24.84 2.07 -19.90
C LEU E 90 -26.31 1.58 -20.00
N ARG E 91 -26.81 0.94 -18.94
CA ARG E 91 -28.15 0.31 -18.98
C ARG E 91 -28.68 -0.04 -17.61
N HIS E 92 -30.00 0.01 -17.46
CA HIS E 92 -30.66 -0.37 -16.22
C HIS E 92 -31.99 -1.01 -16.52
N ASP E 93 -32.64 -1.61 -15.52
CA ASP E 93 -34.02 -2.09 -15.69
C ASP E 93 -34.71 -1.95 -14.37
N ASP E 94 -36.03 -1.87 -14.36
CA ASP E 94 -36.70 -1.48 -13.12
C ASP E 94 -36.36 -2.32 -11.87
N ASP E 95 -35.96 -1.63 -10.79
CA ASP E 95 -35.46 -2.19 -9.50
C ASP E 95 -34.35 -3.29 -9.60
N SER E 96 -33.63 -3.30 -10.71
CA SER E 96 -32.75 -4.40 -11.02
C SER E 96 -31.66 -4.56 -9.97
N ASP E 97 -31.14 -3.43 -9.52
CA ASP E 97 -30.05 -3.39 -8.56
C ASP E 97 -28.73 -3.57 -9.31
N VAL E 98 -28.82 -3.83 -10.62
CA VAL E 98 -27.63 -3.91 -11.43
C VAL E 98 -27.72 -3.04 -12.68
N VAL E 99 -26.73 -2.15 -12.78
CA VAL E 99 -26.35 -1.49 -14.04
C VAL E 99 -25.47 -2.40 -14.90
N THR E 100 -25.59 -2.28 -16.23
CA THR E 100 -24.76 -3.08 -17.14
C THR E 100 -24.08 -2.37 -18.33
N LEU E 101 -22.74 -2.32 -18.30
CA LEU E 101 -21.89 -1.81 -19.41
C LEU E 101 -21.66 -2.73 -20.61
N THR E 102 -21.66 -2.18 -21.82
CA THR E 102 -21.60 -2.97 -23.04
C THR E 102 -20.77 -2.32 -24.13
N SER E 103 -19.66 -2.99 -24.46
CA SER E 103 -18.66 -2.50 -25.38
C SER E 103 -18.85 -3.31 -26.66
N GLU E 104 -18.70 -2.63 -27.79
CA GLU E 104 -18.72 -3.32 -29.08
C GLU E 104 -17.71 -2.68 -30.02
N ASN E 105 -17.03 -3.56 -30.72
CA ASN E 105 -16.19 -3.26 -31.85
C ASN E 105 -16.82 -2.23 -32.79
N PRO E 106 -16.01 -1.36 -33.43
CA PRO E 106 -16.54 -0.72 -34.65
C PRO E 106 -17.01 -1.77 -35.68
N GLU E 107 -16.10 -2.70 -36.02
CA GLU E 107 -16.35 -3.76 -37.01
C GLU E 107 -17.40 -4.79 -36.53
N LYS E 108 -17.94 -4.59 -35.34
CA LYS E 108 -18.99 -5.42 -34.75
C LYS E 108 -18.65 -6.92 -34.70
N THR E 109 -17.46 -7.24 -34.19
CA THR E 109 -16.99 -8.63 -34.08
C THR E 109 -16.50 -9.01 -32.67
N ARG E 110 -16.36 -7.99 -31.82
CA ARG E 110 -16.09 -8.21 -30.42
C ARG E 110 -17.19 -7.53 -29.61
N LYS E 111 -17.86 -8.31 -28.78
CA LYS E 111 -18.82 -7.75 -27.87
C LYS E 111 -18.47 -8.14 -26.44
N CYS E 112 -18.35 -7.15 -25.58
CA CYS E 112 -18.12 -7.37 -24.16
C CYS E 112 -19.28 -6.81 -23.32
N GLU E 113 -19.63 -7.50 -22.23
CA GLU E 113 -20.63 -6.99 -21.32
C GLU E 113 -20.20 -7.12 -19.88
N TYR E 114 -20.20 -6.00 -19.18
CA TYR E 114 -19.81 -5.98 -17.79
C TYR E 114 -21.00 -5.55 -16.87
N GLN E 115 -21.10 -6.06 -15.64
CA GLN E 115 -22.24 -5.78 -14.75
C GLN E 115 -21.83 -5.45 -13.35
N LEU E 116 -22.14 -4.23 -12.93
CA LEU E 116 -21.77 -3.82 -11.60
C LEU E 116 -22.98 -3.80 -10.66
N LYS E 117 -22.77 -4.19 -9.41
CA LYS E 117 -23.80 -4.01 -8.41
C LYS E 117 -23.81 -2.51 -8.22
N LEU E 118 -24.93 -1.94 -7.79
CA LEU E 118 -24.95 -0.51 -7.45
C LEU E 118 -25.25 -0.30 -6.00
N LEU E 119 -25.19 0.96 -5.58
CA LEU E 119 -25.58 1.40 -4.24
C LEU E 119 -26.76 2.43 -4.41
N GLU E 120 -27.56 2.81 -3.39
CA GLU E 120 -27.34 2.76 -1.95
C GLU E 120 -26.41 3.92 -1.54
N ILE E 121 -26.71 5.12 -2.06
CA ILE E 121 -26.01 6.31 -1.58
C ILE E 121 -26.97 7.45 -1.24
N GLU E 122 -26.63 8.15 -0.15
CA GLU E 122 -27.48 9.14 0.48
C GLU E 122 -27.59 10.45 -0.34
N ALA E 123 -28.52 11.30 0.07
CA ALA E 123 -28.78 12.55 -0.64
C ALA E 123 -27.57 13.48 -0.65
N GLU E 124 -27.42 14.21 -1.75
CA GLU E 124 -26.24 15.03 -2.01
C GLU E 124 -26.03 16.16 -1.01
N SER E 125 -27.09 16.79 -0.55
CA SER E 125 -26.95 17.95 0.33
C SER E 125 -26.25 19.11 -0.40
N MET E 126 -25.13 19.58 0.13
CA MET E 126 -24.51 20.81 -0.32
C MET E 126 -24.14 20.77 -1.80
N GLY E 127 -24.34 21.91 -2.47
CA GLY E 127 -24.15 22.03 -3.91
C GLY E 127 -24.36 23.42 -4.49
N ILE E 128 -23.66 23.69 -5.59
CA ILE E 128 -23.89 24.89 -6.40
C ILE E 128 -23.94 26.21 -5.58
N PRO E 129 -22.86 26.51 -4.81
CA PRO E 129 -22.74 27.91 -4.45
C PRO E 129 -22.38 28.71 -5.73
N GLU E 130 -23.02 29.86 -5.96
CA GLU E 130 -22.92 30.60 -7.25
C GLU E 130 -23.23 32.13 -7.10
N MET E 131 -22.95 32.97 -8.11
CA MET E 131 -22.14 32.66 -9.28
C MET E 131 -21.00 33.67 -9.27
N ASP E 132 -19.79 33.21 -9.59
CA ASP E 132 -18.56 33.97 -9.28
C ASP E 132 -18.45 35.36 -9.94
N TYR E 133 -18.74 35.46 -11.23
CA TYR E 133 -18.86 36.77 -11.87
C TYR E 133 -17.53 37.52 -12.04
N ARG E 134 -16.86 37.77 -10.92
CA ARG E 134 -15.87 38.84 -10.80
C ARG E 134 -14.64 38.77 -11.72
N SER E 135 -14.08 37.58 -11.90
CA SER E 135 -12.89 37.43 -12.76
C SER E 135 -12.94 36.10 -13.49
N THR E 136 -12.56 36.08 -14.74
CA THR E 136 -12.48 34.84 -15.47
C THR E 136 -11.09 34.74 -16.08
N VAL E 137 -10.45 33.59 -15.95
CA VAL E 137 -9.25 33.31 -16.72
C VAL E 137 -9.36 31.98 -17.45
N THR E 138 -8.88 31.96 -18.68
CA THR E 138 -8.96 30.75 -19.49
C THR E 138 -7.60 30.45 -20.05
N LEU E 139 -7.25 29.16 -20.13
CA LEU E 139 -5.89 28.78 -20.50
C LEU E 139 -5.79 27.35 -20.96
N ASN E 140 -4.57 26.95 -21.34
CA ASN E 140 -4.35 25.60 -21.81
C ASN E 140 -4.49 24.64 -20.63
N SER E 141 -5.45 23.73 -20.77
CA SER E 141 -5.73 22.71 -19.77
C SER E 141 -4.46 22.00 -19.33
N ALA E 142 -3.75 21.42 -20.30
CA ALA E 142 -2.54 20.68 -19.97
C ALA E 142 -1.44 21.62 -19.53
N GLU E 143 -1.52 22.90 -19.92
CA GLU E 143 -0.57 23.90 -19.39
C GLU E 143 -0.82 24.00 -17.91
N PHE E 144 -2.09 24.24 -17.59
CA PHE E 144 -2.57 24.35 -16.22
C PHE E 144 -2.17 23.13 -15.39
N ALA E 145 -2.54 21.93 -15.86
CA ALA E 145 -2.24 20.71 -15.10
C ALA E 145 -0.77 20.71 -14.67
N LYS E 146 0.10 21.06 -15.60
CA LYS E 146 1.52 21.11 -15.31
C LYS E 146 1.75 22.06 -14.16
N ILE E 147 1.46 23.34 -14.35
CA ILE E 147 1.59 24.34 -13.29
C ILE E 147 1.16 23.93 -11.86
N VAL E 148 0.13 23.11 -11.69
CA VAL E 148 -0.23 22.63 -10.34
C VAL E 148 0.75 21.56 -9.89
N ARG E 149 0.74 20.42 -10.58
CA ARG E 149 1.74 19.39 -10.43
C ARG E 149 3.11 20.01 -10.13
N ASP E 150 3.46 21.12 -10.79
CA ASP E 150 4.71 21.82 -10.49
C ASP E 150 4.79 22.49 -9.13
N MET E 151 3.87 23.40 -8.83
CA MET E 151 3.83 24.09 -7.52
C MET E 151 3.94 23.16 -6.34
N GLN E 152 3.47 21.93 -6.52
CA GLN E 152 3.43 20.91 -5.47
C GLN E 152 4.80 20.50 -4.92
N VAL E 153 5.88 20.93 -5.56
CA VAL E 153 7.21 20.60 -5.04
C VAL E 153 7.56 21.56 -3.91
N PHE E 154 6.80 22.65 -3.85
CA PHE E 154 7.06 23.68 -2.86
C PHE E 154 6.16 23.52 -1.64
N GLY E 155 4.90 23.91 -1.78
CA GLY E 155 3.92 23.69 -0.72
C GLY E 155 2.79 22.80 -1.19
N ASP E 156 1.65 22.90 -0.53
CA ASP E 156 0.41 22.31 -1.03
C ASP E 156 -0.68 23.35 -0.96
N THR E 157 -0.24 24.60 -1.17
CA THR E 157 -1.03 25.82 -1.21
C THR E 157 -0.54 26.76 -2.31
N VAL E 158 -1.25 26.76 -3.44
CA VAL E 158 -0.95 27.68 -4.56
C VAL E 158 -1.62 29.03 -4.31
N THR E 159 -0.99 30.14 -4.68
CA THR E 159 -1.68 31.44 -4.66
C THR E 159 -1.85 32.08 -6.02
N ILE E 160 -3.09 32.32 -6.38
CA ILE E 160 -3.39 32.81 -7.69
C ILE E 160 -3.73 34.30 -7.66
N ALA E 161 -2.86 35.08 -8.30
CA ALA E 161 -3.06 36.53 -8.44
C ALA E 161 -3.56 36.87 -9.84
N ILE E 162 -4.72 37.52 -9.92
CA ILE E 162 -5.24 38.02 -11.19
C ILE E 162 -5.00 39.53 -11.38
N SER E 163 -4.04 39.83 -12.25
CA SER E 163 -3.54 41.17 -12.52
C SER E 163 -4.18 41.68 -13.79
N LYS E 164 -3.98 42.97 -14.07
CA LYS E 164 -4.34 43.48 -15.38
C LYS E 164 -3.48 42.70 -16.35
N GLU E 165 -4.16 41.95 -17.22
CA GLU E 165 -3.55 41.03 -18.20
C GLU E 165 -2.45 40.11 -17.60
N GLY E 166 -2.71 39.63 -16.38
CA GLY E 166 -1.79 38.77 -15.65
C GLY E 166 -2.42 37.76 -14.69
N VAL E 167 -1.86 36.56 -14.68
CA VAL E 167 -2.26 35.49 -13.77
C VAL E 167 -0.97 34.84 -13.25
N LYS E 168 -0.77 34.90 -11.94
CA LYS E 168 0.48 34.53 -11.30
C LYS E 168 0.25 33.43 -10.26
N PHE E 169 0.99 32.33 -10.36
CA PHE E 169 0.92 31.21 -9.40
C PHE E 169 2.15 31.09 -8.50
N SER E 170 1.99 31.32 -7.20
CA SER E 170 3.11 31.21 -6.27
C SER E 170 2.89 30.06 -5.32
N SER E 171 3.97 29.56 -4.74
CA SER E 171 3.86 28.59 -3.66
C SER E 171 5.04 28.79 -2.72
N SER E 172 4.98 28.16 -1.54
CA SER E 172 6.08 28.15 -0.58
C SER E 172 6.14 26.82 0.14
N GLY E 173 7.36 26.36 0.40
CA GLY E 173 7.60 25.13 1.17
C GLY E 173 8.98 25.20 1.74
N ASP E 174 9.47 24.06 2.25
CA ASP E 174 10.82 24.03 2.81
C ASP E 174 11.84 24.36 1.71
N VAL E 175 11.73 23.63 0.59
CA VAL E 175 12.56 23.88 -0.59
C VAL E 175 12.81 25.38 -0.84
N GLY E 176 11.76 26.13 -1.11
CA GLY E 176 11.89 27.58 -1.25
C GLY E 176 10.61 28.21 -1.77
N GLN E 177 10.72 28.94 -2.88
CA GLN E 177 9.56 29.64 -3.43
C GLN E 177 9.56 29.64 -4.94
N GLY E 178 8.47 29.16 -5.52
CA GLY E 178 8.33 29.26 -6.94
C GLY E 178 7.20 30.18 -7.34
N TYR E 179 7.25 30.59 -8.60
CA TYR E 179 6.07 31.11 -9.27
C TYR E 179 6.06 30.85 -10.77
N THR E 180 4.97 31.28 -11.42
CA THR E 180 4.79 31.14 -12.87
C THR E 180 3.93 32.31 -13.33
N PHE E 181 4.43 33.16 -14.21
CA PHE E 181 3.66 34.27 -14.76
C PHE E 181 3.07 33.84 -16.09
N LEU E 182 1.93 34.41 -16.45
CA LEU E 182 1.33 34.18 -17.76
C LEU E 182 0.68 35.49 -18.18
N GLN E 183 1.33 36.18 -19.12
CA GLN E 183 0.74 37.39 -19.68
C GLN E 183 -0.46 37.02 -20.58
N ALA E 184 -1.38 37.96 -20.76
CA ALA E 184 -2.59 37.69 -21.53
C ALA E 184 -2.47 38.05 -23.01
N ALA E 185 -2.49 37.04 -23.87
CA ALA E 185 -2.58 37.27 -25.32
C ALA E 185 -4.05 37.54 -25.67
N GLY E 186 -4.30 38.55 -26.50
CA GLY E 186 -5.68 38.93 -26.83
C GLY E 186 -5.83 39.77 -28.10
N VAL E 187 -6.91 39.53 -28.85
CA VAL E 187 -7.98 38.63 -28.43
C VAL E 187 -8.51 37.71 -29.58
N SER E 188 -8.18 38.03 -30.84
CA SER E 188 -8.74 37.34 -32.03
C SER E 188 -7.87 37.58 -33.30
N ASP E 189 -8.03 36.84 -34.40
CA ASP E 189 -9.00 35.74 -34.67
C ASP E 189 -8.38 34.62 -35.55
N ARG E 190 -9.01 33.44 -35.59
CA ARG E 190 -8.61 32.35 -36.52
C ARG E 190 -9.52 32.30 -37.75
N GLY E 194 -2.90 30.27 -25.52
CA GLY E 194 -2.55 31.53 -24.84
C GLY E 194 -3.59 31.92 -23.81
N VAL E 195 -3.18 32.73 -22.82
CA VAL E 195 -4.06 33.09 -21.69
C VAL E 195 -5.08 34.21 -21.98
N GLU E 196 -6.35 33.96 -21.62
CA GLU E 196 -7.43 34.97 -21.74
C GLU E 196 -8.01 35.43 -20.41
N VAL E 197 -7.24 36.16 -19.60
CA VAL E 197 -7.78 36.84 -18.39
C VAL E 197 -8.91 37.83 -18.78
N THR E 198 -9.84 38.05 -17.86
CA THR E 198 -11.01 38.92 -18.09
C THR E 198 -11.61 39.40 -16.73
N MET E 199 -10.80 40.06 -15.90
CA MET E 199 -11.23 40.49 -14.54
C MET E 199 -12.13 41.73 -14.45
N GLU E 200 -12.98 41.79 -13.41
CA GLU E 200 -13.56 43.06 -12.97
C GLU E 200 -12.62 43.60 -11.93
N GLU E 201 -11.70 42.76 -11.47
CA GLU E 201 -10.91 43.05 -10.30
C GLU E 201 -9.52 42.46 -10.31
N PRO E 202 -8.53 43.24 -9.86
CA PRO E 202 -7.38 42.63 -9.22
C PRO E 202 -7.82 41.91 -7.94
N ILE E 203 -7.80 40.58 -8.01
CA ILE E 203 -8.25 39.70 -6.95
C ILE E 203 -7.20 38.62 -6.72
N THR E 204 -6.90 38.34 -5.45
CA THR E 204 -5.87 37.37 -5.11
C THR E 204 -6.32 36.39 -4.02
N LEU E 205 -6.85 35.25 -4.45
CA LEU E 205 -7.21 34.18 -3.53
C LEU E 205 -6.14 33.12 -3.60
N SER E 206 -6.16 32.19 -2.66
CA SER E 206 -5.28 31.03 -2.73
C SER E 206 -6.03 29.74 -2.31
N PHE E 207 -5.48 28.57 -2.66
CA PHE E 207 -6.19 27.28 -2.67
C PHE E 207 -5.32 26.07 -2.30
N ALA E 208 -5.95 24.95 -1.96
CA ALA E 208 -5.22 23.72 -1.63
C ALA E 208 -4.76 22.93 -2.86
N LEU E 209 -3.47 22.62 -2.94
CA LEU E 209 -2.94 21.97 -4.18
C LEU E 209 -3.34 20.54 -4.33
N ARG E 210 -3.46 19.82 -3.22
CA ARG E 210 -4.00 18.48 -3.31
C ARG E 210 -5.19 18.49 -4.25
N PHE E 211 -6.04 19.50 -4.08
CA PHE E 211 -7.34 19.46 -4.73
C PHE E 211 -7.29 20.05 -6.13
N MET E 212 -6.54 21.14 -6.26
CA MET E 212 -6.17 21.65 -7.57
C MET E 212 -5.67 20.51 -8.51
N GLY E 213 -4.71 19.72 -8.02
CA GLY E 213 -4.20 18.57 -8.72
C GLY E 213 -5.31 17.64 -9.13
N ILE E 214 -6.19 17.30 -8.21
CA ILE E 214 -7.26 16.33 -8.53
C ILE E 214 -8.05 16.79 -9.76
N PHE E 215 -8.31 18.11 -9.78
CA PHE E 215 -9.11 18.78 -10.82
C PHE E 215 -8.43 18.68 -12.17
N ALA E 216 -7.17 19.13 -12.19
CA ALA E 216 -6.33 19.24 -13.39
C ALA E 216 -6.30 18.00 -14.28
N LYS E 217 -6.67 16.87 -13.71
CA LYS E 217 -6.76 15.65 -14.46
C LYS E 217 -7.78 15.84 -15.56
N GLY E 218 -8.56 16.91 -15.47
CA GLY E 218 -9.56 17.24 -16.49
C GLY E 218 -9.05 17.57 -17.89
N SER E 219 -7.78 17.94 -17.96
CA SER E 219 -7.17 18.37 -19.19
C SER E 219 -7.24 17.34 -20.33
N THR E 220 -7.56 16.09 -19.99
CA THR E 220 -7.81 15.04 -20.97
C THR E 220 -9.12 15.14 -21.72
N LEU E 221 -10.04 15.96 -21.21
CA LEU E 221 -11.40 16.11 -21.75
C LEU E 221 -11.58 17.36 -22.60
N SER E 222 -10.74 18.35 -22.31
CA SER E 222 -10.84 19.66 -22.92
C SER E 222 -9.45 20.30 -23.02
N GLU E 223 -9.12 20.87 -24.19
CA GLU E 223 -7.87 21.59 -24.38
C GLU E 223 -7.77 22.88 -23.55
N ARG E 224 -8.84 23.65 -23.44
CA ARG E 224 -8.86 24.83 -22.59
C ARG E 224 -9.48 24.53 -21.22
N VAL E 225 -9.29 25.42 -20.27
CA VAL E 225 -9.87 25.25 -18.94
C VAL E 225 -10.11 26.65 -18.44
N THR E 226 -11.18 26.82 -17.66
CA THR E 226 -11.67 28.13 -17.28
C THR E 226 -11.72 28.23 -15.80
N LEU E 227 -11.22 29.33 -15.29
CA LEU E 227 -11.21 29.48 -13.86
C LEU E 227 -11.95 30.74 -13.45
N LYS E 228 -12.93 30.58 -12.59
CA LYS E 228 -13.74 31.69 -12.10
C LYS E 228 -13.48 31.94 -10.60
N PHE E 229 -13.48 33.20 -10.19
CA PHE E 229 -13.20 33.55 -8.80
C PHE E 229 -14.22 34.55 -8.24
N ALA E 230 -14.35 34.56 -6.92
CA ALA E 230 -15.11 35.61 -6.27
C ALA E 230 -14.47 35.82 -4.91
N LYS E 231 -13.95 37.02 -4.66
CA LYS E 231 -13.32 37.33 -3.38
C LYS E 231 -14.18 36.66 -2.32
N ASP E 232 -13.56 35.89 -1.44
CA ASP E 232 -14.29 35.15 -0.38
C ASP E 232 -15.43 34.20 -0.80
N SER E 233 -15.37 33.63 -2.00
CA SER E 233 -16.28 32.54 -2.40
C SER E 233 -15.58 31.30 -3.01
N PRO E 234 -16.22 30.12 -2.86
CA PRO E 234 -15.87 28.96 -3.65
C PRO E 234 -15.53 29.34 -5.09
N CYS E 235 -14.29 29.10 -5.49
CA CYS E 235 -13.90 29.25 -6.90
C CYS E 235 -14.28 28.01 -7.73
N MET E 236 -14.19 28.16 -9.05
CA MET E 236 -14.68 27.16 -9.96
C MET E 236 -13.69 26.86 -11.07
N VAL E 237 -13.55 25.59 -11.43
CA VAL E 237 -12.72 25.25 -12.57
C VAL E 237 -13.55 24.38 -13.50
N GLU E 238 -13.64 24.83 -14.76
CA GLU E 238 -14.57 24.25 -15.69
C GLU E 238 -13.87 23.72 -16.86
N TYR E 239 -14.10 22.46 -17.15
CA TYR E 239 -13.61 21.82 -18.35
C TYR E 239 -14.91 21.61 -19.05
N GLY E 240 -15.02 22.01 -20.31
CA GLY E 240 -16.25 21.79 -21.03
C GLY E 240 -16.10 20.94 -22.27
N ILE E 241 -16.94 19.91 -22.38
CA ILE E 241 -17.04 19.17 -23.62
C ILE E 241 -17.64 20.13 -24.62
N ASP E 242 -17.20 20.06 -25.87
CA ASP E 242 -17.53 21.11 -26.82
C ASP E 242 -19.01 21.28 -27.10
N ASN E 243 -19.72 20.19 -27.32
CA ASN E 243 -21.14 20.28 -27.65
C ASN E 243 -22.07 19.47 -26.77
N VAL E 244 -21.54 18.81 -25.74
CA VAL E 244 -22.27 17.77 -25.07
C VAL E 244 -22.16 17.75 -23.53
N GLY E 245 -21.37 18.65 -22.96
CA GLY E 245 -21.54 18.91 -21.54
C GLY E 245 -20.34 19.47 -20.85
N TYR E 246 -20.33 19.39 -19.53
CA TYR E 246 -19.23 19.98 -18.82
C TYR E 246 -18.80 19.15 -17.57
N LEU E 247 -17.60 19.44 -17.07
CA LEU E 247 -17.19 19.00 -15.76
C LEU E 247 -16.77 20.23 -14.98
N ARG E 248 -17.38 20.48 -13.83
CA ARG E 248 -16.86 21.55 -12.97
C ARG E 248 -16.47 21.10 -11.58
N TYR E 249 -15.50 21.81 -11.02
CA TYR E 249 -15.09 21.57 -9.66
C TYR E 249 -15.23 22.91 -8.98
N TYR E 250 -15.73 22.91 -7.76
CA TYR E 250 -15.66 24.13 -6.96
C TYR E 250 -14.82 23.74 -5.77
N LEU E 251 -14.04 24.72 -5.29
CA LEU E 251 -13.24 24.56 -4.10
C LEU E 251 -13.09 25.87 -3.28
N ALA E 252 -13.19 25.73 -1.96
CA ALA E 252 -13.04 26.84 -1.00
C ALA E 252 -11.65 27.43 -1.03
N PRO E 253 -11.53 28.75 -0.82
CA PRO E 253 -10.23 29.42 -0.52
C PRO E 253 -9.61 29.07 0.83
N LYS E 254 -8.33 29.41 1.04
CA LYS E 254 -7.71 29.54 2.38
C LYS E 254 -8.07 30.93 2.91
N VAL E 255 -8.34 31.08 4.21
CA VAL E 255 -8.77 32.38 4.80
C VAL E 255 -7.73 33.06 5.74
N ASP E 256 -7.59 34.39 5.66
CA ASP E 256 -6.72 35.18 6.59
C ASP E 256 -7.37 36.46 7.13
N MET F 1 25.04 24.33 26.95
CA MET F 1 24.89 22.97 27.58
C MET F 1 23.69 22.82 28.53
N LEU F 2 22.84 21.83 28.26
CA LEU F 2 21.64 21.61 29.04
C LEU F 2 21.37 20.13 29.31
N GLU F 3 20.81 19.83 30.47
CA GLU F 3 20.34 18.49 30.77
C GLU F 3 18.90 18.52 31.25
N ALA F 4 18.05 17.71 30.64
CA ALA F 4 16.67 17.57 31.10
C ALA F 4 16.31 16.11 31.29
N GLN F 5 15.72 15.78 32.44
CA GLN F 5 15.34 14.41 32.73
C GLN F 5 13.94 14.34 33.31
N VAL F 6 13.26 13.23 33.10
CA VAL F 6 11.95 13.02 33.70
C VAL F 6 11.92 11.58 34.15
N GLN F 7 11.23 11.31 35.25
CA GLN F 7 11.32 10.01 35.88
C GLN F 7 10.65 8.90 35.04
N PHE F 8 9.42 9.17 34.62
CA PHE F 8 8.71 8.28 33.73
C PHE F 8 8.66 8.93 32.32
N ALA F 9 9.13 8.20 31.29
CA ALA F 9 9.14 8.74 29.92
C ALA F 9 7.75 8.95 29.36
N SER F 10 6.78 8.23 29.95
CA SER F 10 5.33 8.36 29.69
C SER F 10 4.96 9.77 29.37
N LEU F 11 5.52 10.69 30.15
CA LEU F 11 5.10 12.07 30.14
C LEU F 11 5.50 12.79 28.85
N TRP F 12 6.71 12.52 28.38
CA TRP F 12 7.17 13.13 27.14
C TRP F 12 6.39 12.58 25.99
N LYS F 13 6.32 11.25 25.94
CA LYS F 13 5.47 10.48 25.03
C LYS F 13 4.09 11.11 24.92
N ARG F 14 3.34 11.12 26.02
CA ARG F 14 1.98 11.66 25.98
C ARG F 14 1.92 13.11 25.50
N LEU F 15 2.97 13.88 25.74
CA LEU F 15 2.96 15.31 25.47
C LEU F 15 3.21 15.60 24.03
N VAL F 16 4.29 15.01 23.52
CA VAL F 16 4.73 15.25 22.13
C VAL F 16 3.56 14.95 21.20
N GLU F 17 2.97 13.79 21.47
CA GLU F 17 1.75 13.34 20.88
C GLU F 17 0.64 14.38 20.85
N CYS F 18 0.41 15.11 21.94
CA CYS F 18 -0.73 16.04 21.96
C CYS F 18 -0.44 17.19 21.09
N ILE F 19 0.77 17.70 21.25
CA ILE F 19 1.16 18.91 20.55
C ILE F 19 1.33 18.64 19.01
N ASN F 20 1.81 17.43 18.69
CA ASN F 20 2.08 17.00 17.31
C ASN F 20 0.86 17.07 16.47
N GLY F 21 -0.29 16.98 17.14
CA GLY F 21 -1.57 17.09 16.48
C GLY F 21 -1.84 18.44 15.90
N LEU F 22 -1.05 19.44 16.30
CA LEU F 22 -1.29 20.80 15.85
C LEU F 22 -0.16 21.34 14.98
N VAL F 23 1.08 20.96 15.27
CA VAL F 23 2.19 21.40 14.43
C VAL F 23 3.29 20.36 14.29
N ASN F 24 4.07 20.48 13.22
CA ASN F 24 5.03 19.44 12.87
C ASN F 24 6.41 19.64 13.42
N GLU F 25 6.85 20.89 13.43
CA GLU F 25 8.08 21.31 14.10
C GLU F 25 7.66 22.36 15.10
N ALA F 26 8.47 22.49 16.14
CA ALA F 26 8.20 23.54 17.11
C ALA F 26 9.35 23.82 18.03
N ASN F 27 9.43 25.07 18.47
CA ASN F 27 10.59 25.52 19.25
C ASN F 27 10.50 25.34 20.75
N PHE F 28 11.52 24.65 21.29
CA PHE F 28 11.66 24.38 22.72
C PHE F 28 12.40 25.43 23.55
N ASP F 29 11.71 26.53 23.92
CA ASP F 29 12.29 27.60 24.76
C ASP F 29 12.71 27.09 26.13
N CYS F 30 14.02 26.92 26.31
CA CYS F 30 14.65 26.48 27.58
C CYS F 30 15.44 27.58 28.31
N ASN F 31 14.83 28.13 29.36
CA ASN F 31 15.55 28.90 30.33
C ASN F 31 15.72 27.99 31.57
N PRO F 32 16.21 28.53 32.73
CA PRO F 32 16.43 27.64 33.90
C PRO F 32 15.23 27.58 34.84
N GLY F 33 14.16 28.33 34.50
CA GLY F 33 12.85 28.26 35.17
C GLY F 33 12.04 27.08 34.68
N GLY F 34 12.04 26.88 33.37
CA GLY F 34 11.48 25.69 32.72
C GLY F 34 11.55 25.68 31.18
N LEU F 35 10.93 24.66 30.58
CA LEU F 35 10.80 24.50 29.11
C LEU F 35 9.46 24.99 28.63
N SER F 36 9.42 25.60 27.46
CA SER F 36 8.10 25.95 26.91
C SER F 36 8.00 25.90 25.39
N VAL F 37 6.99 25.18 24.93
CA VAL F 37 6.67 25.16 23.52
C VAL F 37 5.55 26.18 23.34
N GLN F 38 5.68 27.03 22.34
CA GLN F 38 4.61 27.93 22.06
C GLN F 38 4.53 28.02 20.57
N ALA F 39 3.43 27.54 20.00
CA ALA F 39 3.31 27.53 18.55
C ALA F 39 1.89 27.64 17.99
N MET F 40 1.83 27.89 16.69
CA MET F 40 0.56 28.08 16.04
C MET F 40 0.43 27.11 14.86
N ASP F 41 -0.76 26.60 14.60
CA ASP F 41 -0.93 25.70 13.45
C ASP F 41 -0.76 26.51 12.18
N SER F 42 -0.17 25.86 11.17
CA SER F 42 -0.07 26.40 9.81
C SER F 42 -1.25 27.31 9.36
N SER F 43 -2.50 26.95 9.67
CA SER F 43 -3.65 27.75 9.25
C SER F 43 -3.96 28.93 10.20
N HIS F 44 -2.99 29.33 11.02
CA HIS F 44 -3.10 30.47 11.95
C HIS F 44 -4.47 30.66 12.60
N VAL F 45 -5.01 29.60 13.22
CA VAL F 45 -6.21 29.72 14.10
C VAL F 45 -6.09 29.12 15.52
N ALA F 46 -4.90 28.65 15.87
CA ALA F 46 -4.79 27.86 17.07
C ALA F 46 -3.43 27.93 17.76
N LEU F 47 -3.47 27.95 19.07
CA LEU F 47 -2.25 28.12 19.80
C LEU F 47 -2.02 26.98 20.73
N VAL F 48 -0.78 26.53 20.76
CA VAL F 48 -0.35 25.63 21.80
C VAL F 48 0.64 26.42 22.61
N HIS F 49 0.32 26.54 23.90
CA HIS F 49 1.32 26.99 24.83
C HIS F 49 1.43 25.91 25.84
N MET F 50 2.64 25.37 25.97
CA MET F 50 2.89 24.29 26.93
C MET F 50 4.04 24.69 27.80
N LEU F 51 3.96 24.41 29.10
CA LEU F 51 5.14 24.62 29.93
C LEU F 51 5.42 23.52 30.93
N LEU F 52 6.70 23.27 31.15
CA LEU F 52 7.13 22.47 32.29
C LEU F 52 8.09 23.22 33.22
N ARG F 53 7.54 23.72 34.34
CA ARG F 53 8.28 24.21 35.52
C ARG F 53 9.38 23.20 35.82
N ASP F 54 10.51 23.68 36.28
CA ASP F 54 11.65 22.79 36.52
C ASP F 54 11.41 21.78 37.63
N ASP F 55 10.40 22.01 38.47
CA ASP F 55 10.06 21.10 39.59
C ASP F 55 9.72 19.75 38.97
N CYS F 56 9.13 19.83 37.78
CA CYS F 56 8.76 18.67 36.96
C CYS F 56 9.83 17.57 36.82
N PHE F 57 11.09 17.97 36.62
CA PHE F 57 12.21 17.06 36.36
C PHE F 57 13.00 16.59 37.58
N VAL F 58 13.34 15.31 37.61
CA VAL F 58 14.28 14.76 38.61
C VAL F 58 15.67 15.37 38.52
N LYS F 59 15.93 16.20 37.49
CA LYS F 59 17.23 16.80 37.24
C LYS F 59 17.07 17.83 36.16
N TYR F 60 17.52 19.05 36.38
CA TYR F 60 17.41 20.09 35.36
C TYR F 60 18.59 21.06 35.37
N GLN F 61 18.91 21.64 34.21
CA GLN F 61 20.07 22.56 34.05
C GLN F 61 19.92 23.63 32.95
N CYS F 62 20.30 24.86 33.24
CA CYS F 62 20.28 25.92 32.23
C CYS F 62 21.09 27.16 32.65
N GLY F 63 22.35 27.26 32.23
CA GLY F 63 23.09 28.53 32.32
C GLY F 63 22.13 29.62 31.88
N ARG F 64 21.94 29.79 30.57
CA ARG F 64 20.98 30.79 30.04
C ARG F 64 19.91 30.13 29.15
N ASN F 65 19.27 30.92 28.28
CA ASN F 65 18.03 30.53 27.58
C ASN F 65 18.22 30.18 26.13
N SER F 66 18.62 28.93 25.84
CA SER F 66 18.66 28.34 24.47
C SER F 66 17.28 27.94 23.88
N ILE F 67 17.06 28.24 22.61
CA ILE F 67 15.93 27.66 21.87
C ILE F 67 16.42 26.43 21.10
N LEU F 68 15.82 25.26 21.32
CA LEU F 68 16.05 24.09 20.47
C LEU F 68 14.81 23.84 19.62
N GLY F 69 15.01 23.85 18.32
CA GLY F 69 13.93 23.54 17.40
C GLY F 69 14.09 22.13 16.91
N LEU F 70 12.96 21.45 16.75
CA LEU F 70 12.98 20.12 16.14
C LEU F 70 11.69 19.68 15.51
N ASN F 71 11.84 18.55 14.84
CA ASN F 71 10.80 17.91 14.12
C ASN F 71 10.04 16.99 15.06
N LEU F 72 8.76 17.31 15.24
CA LEU F 72 7.94 16.61 16.21
C LEU F 72 7.52 15.31 15.63
N ALA F 73 7.22 15.33 14.32
CA ALA F 73 6.98 14.11 13.55
C ALA F 73 8.08 13.07 13.82
N SER F 74 9.35 13.47 13.68
CA SER F 74 10.48 12.56 13.96
C SER F 74 10.56 12.24 15.43
N LEU F 75 10.29 13.27 16.24
CA LEU F 75 10.47 13.14 17.68
C LEU F 75 9.50 12.09 18.20
N SER F 76 8.25 12.24 17.76
CA SER F 76 7.17 11.30 18.03
C SER F 76 7.62 9.87 17.72
N LYS F 77 8.01 9.68 16.45
CA LYS F 77 8.60 8.41 16.00
C LYS F 77 9.57 7.86 17.02
N VAL F 78 10.53 8.69 17.44
CA VAL F 78 11.52 8.20 18.40
C VAL F 78 10.89 7.88 19.76
N LEU F 79 9.96 8.73 20.20
CA LEU F 79 9.38 8.61 21.52
C LEU F 79 8.59 7.35 21.65
N LYS F 80 7.85 7.09 20.57
CA LYS F 80 7.03 5.91 20.39
C LYS F 80 7.75 4.58 20.74
N ILE F 81 9.05 4.45 20.46
CA ILE F 81 9.77 3.23 20.86
C ILE F 81 10.19 3.20 22.32
N VAL F 82 10.17 4.34 23.01
CA VAL F 82 10.72 4.43 24.38
C VAL F 82 9.69 4.02 25.41
N ASP F 83 10.12 3.25 26.41
CA ASP F 83 9.16 2.63 27.33
C ASP F 83 8.49 3.69 28.17
N SER F 84 7.17 3.60 28.30
CA SER F 84 6.45 4.45 29.27
C SER F 84 7.30 4.67 30.54
N ASN F 85 7.63 3.57 31.22
CA ASN F 85 8.15 3.58 32.60
C ASN F 85 9.67 3.64 32.73
N ASP F 86 10.32 4.23 31.73
CA ASP F 86 11.75 4.47 31.74
C ASP F 86 12.09 5.94 32.06
N SER F 87 13.33 6.17 32.48
CA SER F 87 13.85 7.50 32.71
C SER F 87 14.27 8.14 31.39
N LEU F 88 13.86 9.38 31.18
CA LEU F 88 14.14 10.02 29.92
C LEU F 88 14.88 11.39 30.00
N SER F 89 16.20 11.32 29.87
CA SER F 89 17.07 12.47 29.97
C SER F 89 17.38 13.08 28.63
N LEU F 90 16.63 14.11 28.28
CA LEU F 90 17.01 15.00 27.17
C LEU F 90 18.36 15.77 27.46
N ARG F 91 19.24 15.95 26.47
CA ARG F 91 20.53 16.72 26.62
C ARG F 91 20.78 17.65 25.42
N HIS F 92 21.52 18.73 25.64
CA HIS F 92 22.11 19.54 24.55
C HIS F 92 23.51 19.90 24.89
N ASP F 93 24.37 19.99 23.88
CA ASP F 93 25.74 20.47 24.05
C ASP F 93 25.83 21.74 23.23
N ASP F 94 26.51 22.75 23.76
CA ASP F 94 26.44 24.08 23.16
C ASP F 94 26.91 24.04 21.72
N ASP F 95 26.13 24.67 20.85
CA ASP F 95 26.39 24.75 19.42
C ASP F 95 26.56 23.35 18.82
N SER F 96 25.94 22.37 19.46
CA SER F 96 26.04 20.98 19.03
C SER F 96 25.41 20.72 17.67
N ASP F 97 24.25 21.32 17.45
CA ASP F 97 23.46 21.11 16.25
C ASP F 97 22.65 19.81 16.40
N VAL F 98 22.81 19.17 17.56
CA VAL F 98 22.11 17.92 17.84
C VAL F 98 21.69 17.83 19.30
N VAL F 99 20.64 17.05 19.55
CA VAL F 99 20.10 16.84 20.90
C VAL F 99 19.88 15.36 21.18
N THR F 100 20.39 14.87 22.32
CA THR F 100 20.31 13.42 22.65
C THR F 100 19.40 12.98 23.84
N LEU F 101 18.27 12.38 23.50
CA LEU F 101 17.44 11.63 24.46
C LEU F 101 18.14 10.35 24.95
N THR F 102 18.02 10.07 26.24
CA THR F 102 18.69 8.90 26.80
C THR F 102 17.75 8.21 27.77
N SER F 103 17.63 6.91 27.63
CA SER F 103 16.65 6.21 28.41
C SER F 103 17.34 5.13 29.16
N GLU F 104 17.06 5.06 30.46
CA GLU F 104 17.68 4.09 31.34
C GLU F 104 16.61 3.24 32.01
N ASN F 105 16.82 1.93 32.01
CA ASN F 105 15.89 1.02 32.66
C ASN F 105 15.85 1.27 34.16
N PRO F 106 14.60 1.07 34.76
CA PRO F 106 14.61 1.27 36.22
C PRO F 106 15.58 0.27 36.84
N GLU F 107 15.57 -0.94 36.31
CA GLU F 107 16.54 -1.94 36.69
C GLU F 107 17.91 -1.40 36.34
N LYS F 108 17.97 -0.68 35.22
CA LYS F 108 19.19 -0.04 34.75
C LYS F 108 20.08 -1.00 33.96
N THR F 109 19.55 -2.18 33.66
CA THR F 109 20.28 -3.16 32.87
C THR F 109 20.18 -2.87 31.37
N ARG F 110 19.42 -1.84 31.02
CA ARG F 110 19.24 -1.42 29.63
C ARG F 110 19.53 0.08 29.49
N LYS F 111 20.06 0.48 28.34
CA LYS F 111 20.32 1.88 28.09
C LYS F 111 20.14 2.20 26.62
N CYS F 112 19.49 3.32 26.34
CA CYS F 112 19.15 3.71 24.99
C CYS F 112 19.46 5.16 24.81
N GLU F 113 20.11 5.49 23.70
CA GLU F 113 20.48 6.84 23.40
C GLU F 113 20.26 7.18 21.94
N TYR F 114 19.27 8.00 21.67
CA TYR F 114 18.94 8.36 20.30
C TYR F 114 19.36 9.80 20.10
N GLN F 115 19.49 10.28 18.86
CA GLN F 115 20.01 11.64 18.59
C GLN F 115 19.31 12.30 17.42
N LEU F 116 18.98 13.57 17.54
CA LEU F 116 18.25 14.25 16.48
C LEU F 116 19.00 15.50 16.06
N LYS F 117 19.12 15.68 14.75
CA LYS F 117 19.59 16.95 14.19
C LYS F 117 18.44 17.89 14.47
N LEU F 118 18.70 19.18 14.55
CA LEU F 118 17.60 20.10 14.85
C LEU F 118 17.53 21.24 13.90
N LEU F 119 16.38 21.92 13.90
CA LEU F 119 16.16 23.20 13.21
C LEU F 119 16.74 24.37 14.01
N GLU F 120 16.98 25.53 13.38
CA GLU F 120 16.43 25.91 12.08
C GLU F 120 14.94 26.29 12.06
N ILE F 121 14.42 26.72 13.20
CA ILE F 121 12.99 27.07 13.30
C ILE F 121 12.71 28.57 13.46
N GLU F 122 11.79 29.08 12.66
CA GLU F 122 11.45 30.51 12.60
C GLU F 122 10.70 31.03 13.82
N ALA F 123 10.79 32.34 14.06
CA ALA F 123 10.21 32.96 15.26
C ALA F 123 8.65 32.91 15.23
N GLU F 124 8.03 32.48 16.33
CA GLU F 124 6.56 32.33 16.42
C GLU F 124 5.82 33.66 16.36
N SER F 125 4.59 33.62 15.88
CA SER F 125 3.72 34.80 15.74
C SER F 125 3.21 35.30 17.11
N MET F 126 2.37 36.36 17.08
CA MET F 126 1.79 36.95 18.30
C MET F 126 1.12 35.89 19.21
N GLY F 127 1.66 35.73 20.42
CA GLY F 127 1.22 34.66 21.34
C GLY F 127 0.48 35.07 22.61
N ILE F 128 -0.24 34.09 23.17
CA ILE F 128 -0.99 34.23 24.43
C ILE F 128 -1.87 35.49 24.41
N PRO F 129 -2.96 35.46 23.59
CA PRO F 129 -3.68 36.70 23.49
C PRO F 129 -4.39 36.99 24.83
N GLU F 130 -4.47 38.29 25.14
CA GLU F 130 -5.43 38.78 26.19
C GLU F 130 -6.93 38.59 25.81
N MET F 131 -7.76 38.63 26.87
CA MET F 131 -7.27 39.14 28.18
C MET F 131 -7.98 38.27 29.24
N ASP F 132 -9.32 38.46 29.33
CA ASP F 132 -9.91 38.16 30.62
C ASP F 132 -11.13 37.31 30.24
N TYR F 133 -11.34 36.27 31.06
CA TYR F 133 -12.51 35.39 30.79
C TYR F 133 -13.75 35.59 31.66
N ARG F 134 -14.92 35.77 31.01
CA ARG F 134 -16.25 35.74 31.67
C ARG F 134 -16.76 34.40 32.24
N SER F 135 -16.44 33.29 31.57
CA SER F 135 -17.09 32.00 31.85
C SER F 135 -16.06 30.89 32.00
N THR F 136 -16.22 30.07 33.03
CA THR F 136 -15.25 29.00 33.30
C THR F 136 -15.98 27.75 33.67
N VAL F 137 -15.71 26.69 32.91
CA VAL F 137 -16.36 25.40 33.06
C VAL F 137 -15.32 24.27 33.08
N THR F 138 -15.46 23.38 34.05
CA THR F 138 -14.48 22.32 34.24
C THR F 138 -15.09 20.94 34.37
N LEU F 139 -14.71 20.07 33.43
CA LEU F 139 -15.24 18.71 33.34
C LEU F 139 -14.18 17.64 33.16
N ASN F 140 -14.62 16.39 33.08
CA ASN F 140 -13.72 15.25 32.91
C ASN F 140 -13.11 15.33 31.51
N SER F 141 -11.79 15.38 31.47
CA SER F 141 -11.05 15.39 30.21
C SER F 141 -11.53 14.33 29.24
N ALA F 142 -11.77 13.15 29.81
CA ALA F 142 -12.28 11.96 29.12
C ALA F 142 -13.66 12.25 28.57
N GLU F 143 -14.59 12.54 29.46
CA GLU F 143 -15.94 12.92 29.03
C GLU F 143 -15.87 13.94 27.87
N PHE F 144 -14.98 14.92 28.03
CA PHE F 144 -14.85 16.01 27.08
C PHE F 144 -14.52 15.43 25.73
N ALA F 145 -13.36 14.75 25.65
CA ALA F 145 -12.85 14.09 24.42
C ALA F 145 -13.92 13.24 23.75
N LYS F 146 -14.58 12.37 24.53
CA LYS F 146 -15.75 11.69 24.00
C LYS F 146 -16.69 12.69 23.32
N ILE F 147 -17.16 13.70 24.04
CA ILE F 147 -18.16 14.61 23.50
C ILE F 147 -17.76 15.27 22.17
N VAL F 148 -16.47 15.59 22.00
CA VAL F 148 -15.97 16.17 20.75
C VAL F 148 -16.11 15.12 19.63
N ARG F 149 -15.44 13.98 19.79
CA ARG F 149 -15.51 12.84 18.85
C ARG F 149 -16.96 12.49 18.47
N ASP F 150 -17.85 12.67 19.43
CA ASP F 150 -19.25 12.30 19.29
C ASP F 150 -19.94 13.29 18.43
N MET F 151 -19.64 14.56 18.64
CA MET F 151 -20.28 15.65 17.94
C MET F 151 -19.85 15.63 16.49
N GLN F 152 -18.66 15.08 16.25
CA GLN F 152 -18.08 15.07 14.94
C GLN F 152 -18.87 14.24 13.97
N VAL F 153 -19.71 13.34 14.47
CA VAL F 153 -20.52 12.52 13.57
C VAL F 153 -21.61 13.34 12.90
N PHE F 154 -21.87 14.55 13.40
CA PHE F 154 -22.87 15.46 12.77
C PHE F 154 -22.32 16.61 11.93
N GLY F 155 -21.44 17.43 12.50
CA GLY F 155 -20.84 18.54 11.79
C GLY F 155 -19.34 18.56 11.98
N ASP F 156 -18.69 19.57 11.41
CA ASP F 156 -17.32 19.90 11.79
C ASP F 156 -17.31 21.14 12.66
N THR F 157 -18.53 21.52 13.10
CA THR F 157 -18.80 22.61 14.06
C THR F 157 -19.61 22.23 15.34
N VAL F 158 -19.00 22.43 16.51
CA VAL F 158 -19.73 22.31 17.80
C VAL F 158 -20.11 23.67 18.37
N THR F 159 -21.36 23.80 18.83
CA THR F 159 -21.80 24.99 19.56
C THR F 159 -21.90 24.76 21.06
N ILE F 160 -20.94 25.34 21.78
CA ILE F 160 -20.86 25.26 23.23
C ILE F 160 -21.68 26.37 23.84
N ALA F 161 -22.62 26.03 24.72
CA ALA F 161 -23.46 27.03 25.40
C ALA F 161 -23.42 26.86 26.93
N ILE F 162 -22.81 27.84 27.59
CA ILE F 162 -22.75 27.84 29.03
C ILE F 162 -23.90 28.67 29.55
N SER F 163 -24.71 28.05 30.39
CA SER F 163 -25.87 28.67 30.97
C SER F 163 -25.78 28.29 32.42
N LYS F 164 -26.48 29.01 33.28
CA LYS F 164 -26.38 28.71 34.70
C LYS F 164 -26.80 27.27 34.88
N GLU F 165 -26.00 26.54 35.65
CA GLU F 165 -26.24 25.13 35.92
C GLU F 165 -26.30 24.20 34.71
N GLY F 166 -25.48 24.46 33.68
CA GLY F 166 -25.23 23.44 32.67
C GLY F 166 -24.50 23.94 31.45
N VAL F 167 -23.82 23.02 30.79
CA VAL F 167 -23.21 23.30 29.50
C VAL F 167 -23.76 22.36 28.40
N LYS F 168 -24.20 22.96 27.29
CA LYS F 168 -24.80 22.25 26.16
C LYS F 168 -23.89 22.26 24.94
N PHE F 169 -23.38 21.10 24.56
CA PHE F 169 -22.77 20.96 23.22
C PHE F 169 -23.74 20.48 22.09
N SER F 170 -24.07 21.36 21.16
CA SER F 170 -24.96 20.97 20.07
C SER F 170 -24.14 20.84 18.80
N SER F 171 -24.69 20.06 17.86
CA SER F 171 -24.18 20.01 16.52
C SER F 171 -25.27 19.66 15.52
N SER F 172 -25.00 20.01 14.27
CA SER F 172 -25.92 19.73 13.21
C SER F 172 -25.10 19.38 11.99
N GLY F 173 -25.71 18.59 11.13
CA GLY F 173 -25.07 18.18 9.89
C GLY F 173 -26.00 17.32 9.05
N ASP F 174 -25.41 16.68 8.06
CA ASP F 174 -26.14 15.82 7.14
C ASP F 174 -26.90 14.76 7.90
N VAL F 175 -26.21 14.11 8.81
CA VAL F 175 -26.74 12.99 9.57
C VAL F 175 -27.98 13.32 10.41
N GLY F 176 -28.07 14.55 10.87
CA GLY F 176 -29.16 14.99 11.75
C GLY F 176 -28.66 16.02 12.74
N GLN F 177 -29.34 16.11 13.87
CA GLN F 177 -28.92 17.00 14.94
C GLN F 177 -28.60 16.23 16.21
N GLY F 178 -27.84 16.85 17.08
CA GLY F 178 -27.50 16.18 18.32
C GLY F 178 -26.74 17.01 19.31
N TYR F 179 -27.33 17.15 20.49
CA TYR F 179 -26.60 17.74 21.58
C TYR F 179 -26.34 16.75 22.69
N THR F 180 -25.42 17.14 23.55
CA THR F 180 -25.08 16.44 24.75
C THR F 180 -25.14 17.54 25.80
N PHE F 181 -26.00 17.34 26.78
CA PHE F 181 -26.10 18.26 27.89
C PHE F 181 -25.36 17.71 29.12
N LEU F 182 -24.46 18.54 29.66
CA LEU F 182 -23.92 18.27 30.97
C LEU F 182 -24.57 19.23 31.94
N GLN F 183 -25.03 18.67 33.05
CA GLN F 183 -25.64 19.47 34.09
C GLN F 183 -24.62 19.64 35.20
N ALA F 184 -24.53 20.89 35.67
CA ALA F 184 -23.56 21.28 36.67
C ALA F 184 -23.99 20.79 38.03
N ALA F 185 -23.30 19.76 38.50
CA ALA F 185 -23.48 19.22 39.82
C ALA F 185 -22.12 19.44 40.46
N GLY F 186 -21.99 20.55 41.20
CA GLY F 186 -20.72 20.86 41.90
C GLY F 186 -20.81 21.76 43.14
N VAL F 187 -19.92 21.61 44.14
CA VAL F 187 -18.90 20.52 44.27
C VAL F 187 -18.69 20.12 45.74
N SER F 188 -18.38 18.84 46.00
CA SER F 188 -18.03 18.36 47.38
C SER F 188 -16.56 18.39 47.85
N ASP F 189 -15.71 17.52 47.27
CA ASP F 189 -14.27 17.44 47.57
C ASP F 189 -13.95 17.23 49.06
N ARG F 190 -14.34 16.07 49.58
CA ARG F 190 -14.17 15.72 51.00
C ARG F 190 -12.72 15.85 51.51
N GLY F 194 -19.11 15.25 38.35
CA GLY F 194 -19.80 16.54 38.26
C GLY F 194 -19.06 17.56 37.42
N VAL F 195 -19.82 18.52 36.91
CA VAL F 195 -19.29 19.58 36.06
C VAL F 195 -19.41 20.93 36.75
N GLU F 196 -18.25 21.57 36.96
CA GLU F 196 -18.13 22.90 37.60
C GLU F 196 -18.31 24.10 36.66
N VAL F 197 -19.55 24.47 36.35
CA VAL F 197 -19.82 25.76 35.66
C VAL F 197 -19.78 26.87 36.70
N THR F 198 -18.92 27.84 36.45
CA THR F 198 -19.04 29.12 37.13
C THR F 198 -18.82 30.24 36.12
N MET F 199 -19.94 30.63 35.53
CA MET F 199 -20.04 31.79 34.68
C MET F 199 -20.46 32.97 35.57
N GLU F 200 -19.96 34.13 35.19
CA GLU F 200 -20.47 35.38 35.71
C GLU F 200 -21.18 36.01 34.49
N GLU F 201 -21.65 35.14 33.58
CA GLU F 201 -22.18 35.54 32.26
C GLU F 201 -22.82 34.36 31.51
N PRO F 202 -24.11 34.47 31.14
CA PRO F 202 -24.65 33.41 30.27
C PRO F 202 -24.20 33.69 28.83
N ILE F 203 -23.43 32.77 28.26
CA ILE F 203 -22.79 32.97 26.95
C ILE F 203 -22.84 31.73 26.03
N THR F 204 -22.68 31.96 24.72
CA THR F 204 -22.79 30.92 23.68
C THR F 204 -21.81 31.21 22.52
N LEU F 205 -21.09 30.19 22.07
CA LEU F 205 -19.98 30.35 21.12
C LEU F 205 -19.72 29.04 20.36
N SER F 206 -19.54 29.11 19.04
CA SER F 206 -19.28 27.88 18.31
C SER F 206 -17.90 27.74 17.68
N PHE F 207 -17.50 26.50 17.40
CA PHE F 207 -16.09 26.16 17.10
C PHE F 207 -15.82 25.06 16.09
N ALA F 208 -14.55 24.98 15.73
CA ALA F 208 -14.06 24.02 14.77
C ALA F 208 -13.69 22.72 15.47
N LEU F 209 -14.54 21.71 15.25
CA LEU F 209 -14.38 20.36 15.83
C LEU F 209 -13.05 19.75 15.44
N ARG F 210 -12.61 19.98 14.21
CA ARG F 210 -11.26 19.56 13.85
C ARG F 210 -10.23 19.89 14.93
N PHE F 211 -10.27 21.10 15.48
CA PHE F 211 -9.25 21.52 16.43
C PHE F 211 -9.60 21.10 17.84
N MET F 212 -10.89 21.20 18.16
CA MET F 212 -11.34 20.73 19.47
C MET F 212 -10.78 19.34 19.71
N GLY F 213 -11.12 18.42 18.80
CA GLY F 213 -10.55 17.10 18.76
C GLY F 213 -9.03 17.12 18.87
N ILE F 214 -8.35 17.94 18.08
CA ILE F 214 -6.89 17.93 18.16
C ILE F 214 -6.49 18.16 19.62
N PHE F 215 -7.26 19.05 20.27
CA PHE F 215 -7.01 19.50 21.64
C PHE F 215 -7.27 18.39 22.64
N ALA F 216 -8.39 17.69 22.43
CA ALA F 216 -8.95 16.76 23.41
C ALA F 216 -8.02 15.58 23.75
N LYS F 217 -7.01 15.41 22.90
CA LYS F 217 -5.95 14.42 23.07
C LYS F 217 -5.29 14.66 24.43
N GLY F 218 -5.45 15.91 24.91
CA GLY F 218 -4.97 16.36 26.21
C GLY F 218 -5.31 15.50 27.42
N SER F 219 -6.35 14.69 27.25
CA SER F 219 -6.90 13.95 28.34
C SER F 219 -5.98 12.81 28.70
N THR F 220 -5.00 12.53 27.86
CA THR F 220 -3.97 11.55 28.22
C THR F 220 -3.10 12.03 29.38
N LEU F 221 -3.18 13.33 29.68
CA LEU F 221 -2.31 14.04 30.64
C LEU F 221 -3.01 14.43 31.96
N SER F 222 -4.05 15.25 31.91
CA SER F 222 -4.87 15.57 33.08
C SER F 222 -6.17 14.76 33.12
N GLU F 223 -6.64 14.41 34.30
CA GLU F 223 -7.96 13.81 34.42
C GLU F 223 -9.05 14.78 34.08
N ARG F 224 -8.91 16.03 34.48
CA ARG F 224 -9.97 17.01 34.23
C ARG F 224 -9.44 18.11 33.32
N VAL F 225 -10.33 18.96 32.81
CA VAL F 225 -9.93 19.95 31.84
C VAL F 225 -10.73 21.23 32.01
N THR F 226 -10.07 22.36 31.81
CA THR F 226 -10.76 23.62 31.92
C THR F 226 -10.91 24.33 30.58
N LEU F 227 -12.06 24.96 30.45
CA LEU F 227 -12.36 25.72 29.26
C LEU F 227 -12.80 27.12 29.68
N LYS F 228 -12.31 28.12 28.96
CA LYS F 228 -12.53 29.54 29.26
C LYS F 228 -12.95 30.29 28.01
N PHE F 229 -14.09 30.97 28.07
CA PHE F 229 -14.57 31.77 26.95
C PHE F 229 -14.73 33.21 27.36
N ALA F 230 -14.92 34.05 26.35
CA ALA F 230 -15.21 35.45 26.54
C ALA F 230 -15.79 35.84 25.20
N LYS F 231 -16.94 36.53 25.21
CA LYS F 231 -17.58 36.91 23.94
C LYS F 231 -16.53 37.37 22.87
N ASP F 232 -16.73 36.99 21.60
CA ASP F 232 -15.84 37.41 20.49
C ASP F 232 -14.32 37.17 20.65
N SER F 233 -13.93 36.32 21.61
CA SER F 233 -12.51 36.04 21.89
C SER F 233 -12.09 34.56 21.72
N PRO F 234 -10.80 34.34 21.37
CA PRO F 234 -10.21 33.03 21.59
C PRO F 234 -10.72 32.42 22.89
N CYS F 235 -11.26 31.21 22.79
CA CYS F 235 -11.43 30.42 23.97
C CYS F 235 -10.09 29.76 24.33
N MET F 236 -10.11 28.98 25.40
CA MET F 236 -8.91 28.38 25.90
C MET F 236 -9.23 27.02 26.48
N VAL F 237 -8.54 25.97 26.06
CA VAL F 237 -8.68 24.71 26.77
C VAL F 237 -7.39 24.45 27.49
N GLU F 238 -7.53 24.19 28.78
CA GLU F 238 -6.37 24.09 29.63
C GLU F 238 -6.30 22.75 30.24
N TYR F 239 -5.16 22.10 30.04
CA TYR F 239 -4.93 20.77 30.64
C TYR F 239 -3.82 20.95 31.65
N GLY F 240 -4.17 20.90 32.93
CA GLY F 240 -3.14 21.03 33.92
C GLY F 240 -2.31 19.79 34.07
N ILE F 241 -1.02 19.87 33.81
CA ILE F 241 -0.10 18.83 34.20
C ILE F 241 -0.07 18.97 35.73
N ASP F 242 0.38 17.95 36.45
CA ASP F 242 0.07 17.88 37.86
C ASP F 242 0.96 18.79 38.70
N ASN F 243 0.76 20.08 38.48
CA ASN F 243 1.34 21.14 39.31
C ASN F 243 2.75 21.50 38.92
N VAL F 244 3.32 20.78 37.97
CA VAL F 244 4.66 21.08 37.49
C VAL F 244 4.64 21.80 36.14
N GLY F 245 3.44 22.01 35.62
CA GLY F 245 3.29 22.67 34.34
C GLY F 245 1.87 22.57 33.84
N TYR F 246 1.63 22.97 32.60
CA TYR F 246 0.31 22.84 31.99
C TYR F 246 0.46 22.70 30.48
N LEU F 247 -0.65 22.34 29.82
CA LEU F 247 -0.78 22.52 28.38
C LEU F 247 -2.03 23.31 28.08
N ARG F 248 -1.91 24.29 27.20
CA ARG F 248 -3.02 25.20 26.98
C ARG F 248 -3.18 25.39 25.49
N TYR F 249 -4.41 25.32 25.02
CA TYR F 249 -4.62 25.54 23.61
C TYR F 249 -5.59 26.67 23.55
N TYR F 250 -5.48 27.50 22.52
CA TYR F 250 -6.43 28.60 22.34
C TYR F 250 -6.94 28.51 20.94
N LEU F 251 -8.19 28.90 20.77
CA LEU F 251 -8.81 28.78 19.46
C LEU F 251 -9.85 29.88 19.09
N ALA F 252 -9.66 30.45 17.90
CA ALA F 252 -10.59 31.42 17.30
C ALA F 252 -12.01 30.89 17.32
N PRO F 253 -12.96 31.68 17.82
CA PRO F 253 -14.36 31.26 17.67
C PRO F 253 -14.82 31.39 16.24
N LYS F 254 -16.09 31.14 15.97
CA LYS F 254 -16.56 31.19 14.61
C LYS F 254 -17.79 32.06 14.55
N VAL F 255 -17.59 33.37 14.32
CA VAL F 255 -18.70 34.31 14.28
C VAL F 255 -19.28 34.39 12.87
N ASP F 256 -20.61 34.37 12.79
CA ASP F 256 -21.30 34.72 11.57
C ASP F 256 -21.21 36.24 11.35
#